data_7RSL
#
_entry.id   7RSL
#
_cell.length_a   1.00
_cell.length_b   1.00
_cell.length_c   1.00
_cell.angle_alpha   90.00
_cell.angle_beta   90.00
_cell.angle_gamma   90.00
#
_symmetry.space_group_name_H-M   'P 1'
#
_entity_poly.entity_id   1
_entity_poly.type   'polypeptide(L)'
_entity_poly.pdbx_seq_one_letter_code
;MKINVSRPLQFLQWSSYIVVAFLIQLLIILPLSILIYHDFYLRLLPADSSNVVPLNTFNILNGVQFGTKFFQSIKSIPVG
TDLPQTIDNGLSQLIPMRDNMEYKLDLNLQLYCQSKTDHLNLDNLLIDVYRGPGPLLGAPGGSNSKDEKIFHTSRPIVCL
ALTDSMSPQEIEQLGPSRLDVYDEEWLNTIRIEDKISLESSYETISVFLKTEIAQRNLIIHPESGIKFRMNFEQGLRNLM
LRKRFLSYIIGISIFHCIICVLFFITGCTAFIFVRKGQEKSKKHS
;
_entity_poly.pdbx_strand_id   A,B,G,H,E,F,I,J,C,D
#
# COMPACT_ATOMS: atom_id res chain seq x y z
N TYR A 17 34.55 -3.55 -43.69
CA TYR A 17 35.32 -4.53 -44.45
C TYR A 17 36.54 -4.97 -43.67
N ILE A 18 36.77 -4.33 -42.52
CA ILE A 18 37.94 -4.61 -41.70
C ILE A 18 37.59 -5.27 -40.37
N VAL A 19 36.34 -5.15 -39.90
CA VAL A 19 35.97 -5.73 -38.62
C VAL A 19 36.03 -7.26 -38.68
N VAL A 20 35.83 -7.84 -39.86
CA VAL A 20 35.98 -9.30 -40.01
C VAL A 20 37.42 -9.72 -39.73
N ALA A 21 38.38 -8.99 -40.31
CA ALA A 21 39.78 -9.25 -40.03
C ALA A 21 40.11 -8.92 -38.58
N PHE A 22 39.41 -7.96 -37.99
CA PHE A 22 39.59 -7.66 -36.57
C PHE A 22 39.21 -8.87 -35.71
N LEU A 23 38.08 -9.51 -36.02
CA LEU A 23 37.69 -10.71 -35.29
C LEU A 23 38.64 -11.87 -35.60
N ILE A 24 39.13 -11.96 -36.83
CA ILE A 24 40.12 -12.99 -37.15
C ILE A 24 41.37 -12.79 -36.29
N GLN A 25 41.81 -11.54 -36.13
CA GLN A 25 42.94 -11.26 -35.27
C GLN A 25 42.62 -11.58 -33.82
N LEU A 26 41.39 -11.33 -33.39
CA LEU A 26 41.00 -11.73 -32.04
C LEU A 26 41.12 -13.24 -31.86
N LEU A 27 40.51 -14.01 -32.76
CA LEU A 27 40.51 -15.45 -32.67
C LEU A 27 41.88 -16.05 -32.96
N ILE A 28 42.83 -15.25 -33.43
CA ILE A 28 44.21 -15.71 -33.55
C ILE A 28 45.01 -15.38 -32.30
N ILE A 29 44.93 -14.11 -31.89
CA ILE A 29 45.71 -13.62 -30.71
C ILE A 29 45.15 -14.22 -29.42
N LEU A 30 43.88 -13.95 -29.09
CA LEU A 30 43.34 -14.42 -27.79
C LEU A 30 43.69 -15.90 -27.56
N PRO A 31 43.36 -16.88 -28.45
CA PRO A 31 43.80 -18.27 -28.26
C PRO A 31 45.31 -18.40 -28.14
N LEU A 32 46.08 -17.74 -29.02
CA LEU A 32 47.56 -17.79 -28.88
C LEU A 32 47.98 -17.21 -27.52
N SER A 33 47.34 -16.12 -27.10
CA SER A 33 47.67 -15.46 -25.81
C SER A 33 47.41 -16.43 -24.66
N ILE A 34 46.24 -17.08 -24.63
CA ILE A 34 46.05 -18.03 -23.54
C ILE A 34 47.04 -19.19 -23.65
N LEU A 35 47.42 -19.57 -24.87
CA LEU A 35 48.41 -20.63 -25.01
C LEU A 35 49.77 -20.20 -24.45
N ILE A 36 50.21 -18.99 -24.80
CA ILE A 36 51.48 -18.48 -24.26
C ILE A 36 51.36 -18.24 -22.76
N TYR A 37 50.17 -17.88 -22.29
CA TYR A 37 49.94 -17.72 -20.87
C TYR A 37 50.10 -19.05 -20.14
N HIS A 38 49.57 -20.13 -20.70
CA HIS A 38 49.81 -21.44 -20.13
C HIS A 38 51.26 -21.87 -20.29
N ASP A 39 51.95 -21.35 -21.31
CA ASP A 39 53.38 -21.57 -21.40
C ASP A 39 54.11 -20.95 -20.22
N PHE A 40 53.74 -19.72 -19.86
CA PHE A 40 54.30 -19.09 -18.66
C PHE A 40 53.92 -19.86 -17.40
N TYR A 41 52.70 -20.38 -17.33
CA TYR A 41 52.36 -21.25 -16.21
C TYR A 41 53.26 -22.48 -16.18
N LEU A 42 53.52 -23.08 -17.34
CA LEU A 42 54.34 -24.29 -17.38
C LEU A 42 55.78 -24.01 -16.95
N ARG A 43 56.34 -22.89 -17.36
CA ARG A 43 57.74 -22.62 -17.03
C ARG A 43 57.91 -21.99 -15.65
N LEU A 44 57.16 -20.92 -15.36
CA LEU A 44 57.28 -20.25 -14.07
C LEU A 44 56.80 -21.14 -12.94
N LEU A 45 55.60 -21.70 -13.08
CA LEU A 45 55.09 -22.61 -12.06
C LEU A 45 55.40 -24.05 -12.44
N PRO A 46 55.48 -24.94 -11.45
CA PRO A 46 55.59 -26.37 -11.77
C PRO A 46 54.32 -26.95 -12.38
N ALA A 47 53.26 -26.15 -12.50
CA ALA A 47 51.94 -26.50 -12.99
C ALA A 47 51.18 -27.42 -12.05
N ASP A 48 51.78 -27.83 -10.94
CA ASP A 48 51.09 -28.64 -9.94
C ASP A 48 51.43 -28.18 -8.53
N SER A 49 51.69 -26.89 -8.35
CA SER A 49 52.01 -26.38 -7.02
C SER A 49 50.76 -26.28 -6.16
N SER A 50 49.78 -25.51 -6.59
CA SER A 50 48.55 -25.35 -5.83
C SER A 50 47.73 -26.63 -5.87
N ASN A 51 46.90 -26.81 -4.85
CA ASN A 51 46.05 -28.00 -4.75
C ASN A 51 44.81 -27.63 -3.95
N VAL A 52 43.71 -27.39 -4.68
CA VAL A 52 42.42 -27.05 -4.01
C VAL A 52 41.86 -28.31 -3.36
N VAL A 53 41.76 -28.31 -2.02
CA VAL A 53 41.26 -29.46 -1.28
C VAL A 53 39.89 -29.07 -0.71
N PRO A 54 38.81 -29.60 -1.25
CA PRO A 54 37.48 -29.24 -0.72
C PRO A 54 37.27 -29.76 0.69
N LEU A 55 36.48 -29.01 1.46
CA LEU A 55 36.19 -29.42 2.84
C LEU A 55 35.55 -30.80 2.89
N ASN A 56 34.68 -31.12 1.92
CA ASN A 56 33.99 -32.39 1.99
C ASN A 56 34.92 -33.58 1.81
N THR A 57 36.17 -33.35 1.41
CA THR A 57 37.15 -34.42 1.38
C THR A 57 37.83 -34.65 2.72
N PHE A 58 37.52 -33.84 3.72
CA PHE A 58 37.99 -34.09 5.08
C PHE A 58 37.08 -35.14 5.72
N ASN A 59 37.28 -35.39 7.01
CA ASN A 59 36.42 -36.30 7.76
C ASN A 59 35.59 -35.45 8.73
N ILE A 60 34.35 -35.18 8.35
CA ILE A 60 33.49 -34.36 9.20
C ILE A 60 33.21 -35.10 10.49
N LEU A 61 33.17 -34.36 11.60
CA LEU A 61 32.79 -34.92 12.89
C LEU A 61 32.14 -33.81 13.69
N ASN A 62 30.84 -33.93 13.93
CA ASN A 62 30.10 -32.87 14.58
C ASN A 62 30.33 -32.89 16.09
N GLY A 63 29.70 -31.93 16.76
CA GLY A 63 29.78 -31.85 18.21
C GLY A 63 28.89 -30.72 18.70
N VAL A 64 28.89 -30.56 20.02
CA VAL A 64 28.17 -29.48 20.67
C VAL A 64 29.13 -28.47 21.30
N GLN A 65 30.15 -28.95 22.00
CA GLN A 65 31.16 -28.05 22.56
C GLN A 65 31.96 -27.38 21.44
N PHE A 66 32.29 -28.14 20.40
CA PHE A 66 32.86 -27.61 19.18
C PHE A 66 31.89 -27.84 18.03
N GLY A 67 31.88 -26.94 17.08
CA GLY A 67 30.99 -27.09 15.94
C GLY A 67 31.48 -28.18 15.00
N THR A 68 31.13 -28.08 13.73
CA THR A 68 31.66 -29.01 12.76
C THR A 68 33.18 -28.87 12.72
N LYS A 69 33.88 -29.99 12.78
CA LYS A 69 35.32 -29.99 12.58
C LYS A 69 35.65 -30.85 11.38
N PHE A 70 36.50 -30.33 10.50
CA PHE A 70 36.97 -31.06 9.34
C PHE A 70 38.44 -31.38 9.58
N PHE A 71 38.78 -32.66 9.54
CA PHE A 71 40.16 -33.07 9.71
C PHE A 71 40.53 -34.10 8.66
N GLN A 72 41.81 -34.16 8.34
CA GLN A 72 42.29 -35.11 7.34
C GLN A 72 43.80 -35.22 7.48
N SER A 73 44.31 -36.44 7.61
CA SER A 73 45.73 -36.65 7.78
C SER A 73 46.47 -36.25 6.51
N ILE A 74 47.80 -36.28 6.59
CA ILE A 74 48.67 -35.84 5.50
C ILE A 74 49.64 -36.97 5.18
N LYS A 75 49.77 -37.28 3.88
CA LYS A 75 50.79 -38.21 3.42
C LYS A 75 51.97 -37.40 2.86
N SER A 76 53.17 -37.79 3.25
CA SER A 76 54.38 -37.08 2.85
C SER A 76 54.92 -37.68 1.56
N ILE A 77 55.09 -36.83 0.56
CA ILE A 77 55.45 -37.27 -0.79
C ILE A 77 56.96 -37.12 -0.96
N PRO A 78 57.71 -38.21 -1.12
CA PRO A 78 59.15 -38.08 -1.37
C PRO A 78 59.43 -37.32 -2.65
N VAL A 79 60.54 -36.58 -2.65
CA VAL A 79 60.88 -35.72 -3.78
C VAL A 79 61.15 -36.57 -5.01
N GLY A 80 60.74 -36.07 -6.17
CA GLY A 80 60.90 -36.79 -7.41
C GLY A 80 59.65 -37.54 -7.82
N THR A 81 58.98 -38.14 -6.84
CA THR A 81 57.70 -38.80 -7.10
C THR A 81 56.69 -37.78 -7.60
N ASP A 82 55.91 -38.17 -8.60
CA ASP A 82 54.90 -37.28 -9.15
C ASP A 82 53.88 -36.93 -8.07
N LEU A 83 53.41 -35.69 -8.11
CA LEU A 83 52.51 -35.20 -7.08
C LEU A 83 51.08 -35.62 -7.39
N PRO A 84 50.41 -36.31 -6.47
CA PRO A 84 49.00 -36.66 -6.72
C PRO A 84 48.12 -35.42 -6.77
N GLN A 85 46.84 -35.61 -7.05
CA GLN A 85 45.90 -34.52 -7.17
C GLN A 85 44.67 -34.84 -6.35
N THR A 86 44.22 -33.87 -5.55
CA THR A 86 43.03 -34.07 -4.73
C THR A 86 41.80 -33.99 -5.64
N ILE A 87 41.30 -35.15 -6.05
CA ILE A 87 40.10 -35.19 -6.88
C ILE A 87 38.90 -34.80 -6.03
N ASP A 88 38.01 -34.01 -6.64
CA ASP A 88 36.75 -33.59 -5.96
C ASP A 88 35.72 -34.72 -6.06
N ASN A 89 36.10 -35.93 -5.69
CA ASN A 89 35.15 -37.08 -5.66
C ASN A 89 34.32 -36.97 -4.40
N GLY A 90 34.58 -35.98 -3.56
CA GLY A 90 33.87 -35.86 -2.28
C GLY A 90 34.20 -37.00 -1.35
N LEU A 91 35.04 -37.93 -1.81
CA LEU A 91 35.46 -39.07 -0.95
C LEU A 91 36.64 -38.63 -0.07
N SER A 92 36.69 -39.12 1.17
CA SER A 92 37.83 -38.81 2.06
C SER A 92 39.13 -39.27 1.39
N GLN A 93 40.16 -38.42 1.38
CA GLN A 93 41.40 -38.75 0.70
C GLN A 93 42.51 -37.85 1.21
N LEU A 94 43.66 -38.47 1.51
CA LEU A 94 44.73 -37.79 2.24
C LEU A 94 45.30 -36.64 1.43
N ILE A 95 45.72 -35.59 2.12
CA ILE A 95 46.25 -34.40 1.44
C ILE A 95 47.69 -34.68 1.01
N PRO A 96 48.03 -34.43 -0.26
CA PRO A 96 49.42 -34.57 -0.70
C PRO A 96 50.18 -33.27 -0.62
N MET A 97 51.46 -33.37 -0.23
CA MET A 97 52.30 -32.19 -0.04
C MET A 97 53.73 -32.64 0.27
N ARG A 98 54.72 -31.98 -0.35
CA ARG A 98 56.12 -32.46 -0.24
C ARG A 98 56.65 -32.36 1.20
N ASP A 99 57.11 -33.48 1.76
CA ASP A 99 57.67 -33.51 3.15
C ASP A 99 58.58 -32.31 3.39
N ASN A 100 59.61 -32.15 2.56
CA ASN A 100 60.60 -31.04 2.75
C ASN A 100 60.17 -29.83 1.90
N MET A 101 59.03 -29.22 2.22
CA MET A 101 58.54 -28.03 1.47
C MET A 101 57.55 -27.25 2.34
N GLU A 102 57.74 -25.94 2.46
CA GLU A 102 56.80 -25.09 3.23
C GLU A 102 55.51 -24.89 2.42
N TYR A 103 54.35 -24.97 3.07
CA TYR A 103 53.09 -24.77 2.38
C TYR A 103 52.25 -23.71 3.10
N LYS A 104 51.59 -22.86 2.31
CA LYS A 104 50.81 -21.75 2.83
C LYS A 104 49.37 -21.91 2.39
N LEU A 105 48.46 -21.99 3.36
CA LEU A 105 47.06 -22.32 3.11
C LEU A 105 46.27 -21.09 2.67
N ASP A 106 45.08 -21.35 2.14
CA ASP A 106 44.08 -20.34 1.79
C ASP A 106 42.71 -20.95 2.08
N LEU A 107 42.19 -20.64 3.27
CA LEU A 107 40.86 -21.11 3.65
C LEU A 107 39.80 -20.34 2.88
N ASN A 108 39.01 -21.05 2.09
CA ASN A 108 37.95 -20.45 1.28
C ASN A 108 36.67 -21.23 1.53
N LEU A 109 35.93 -20.84 2.56
CA LEU A 109 34.66 -21.49 2.85
C LEU A 109 33.53 -20.50 2.76
N GLN A 110 32.45 -20.91 2.10
CA GLN A 110 31.21 -20.17 2.07
C GLN A 110 30.09 -21.10 2.48
N LEU A 111 29.10 -20.56 3.16
CA LEU A 111 28.11 -21.40 3.83
C LEU A 111 26.82 -20.64 3.99
N TYR A 112 25.76 -21.37 4.33
CA TYR A 112 24.51 -20.78 4.77
C TYR A 112 24.35 -21.05 6.26
N CYS A 113 23.45 -20.33 6.89
CA CYS A 113 23.14 -20.58 8.28
C CYS A 113 21.63 -20.56 8.46
N GLN A 114 21.16 -21.28 9.47
CA GLN A 114 19.73 -21.51 9.62
C GLN A 114 19.45 -22.01 11.02
N SER A 115 18.23 -21.80 11.50
CA SER A 115 17.90 -22.19 12.87
C SER A 115 16.40 -22.27 13.05
N LYS A 116 15.92 -23.40 13.58
CA LYS A 116 14.47 -23.53 13.89
C LYS A 116 14.09 -22.55 15.00
N THR A 117 14.86 -22.49 16.09
CA THR A 117 14.60 -21.50 17.12
C THR A 117 14.79 -20.11 16.57
N ASP A 118 13.72 -19.29 16.65
CA ASP A 118 13.80 -17.88 16.19
C ASP A 118 14.57 -17.08 17.23
N HIS A 119 15.72 -17.60 17.67
CA HIS A 119 16.51 -16.94 18.73
C HIS A 119 17.18 -15.68 18.19
N LEU A 120 18.16 -15.83 17.30
CA LEU A 120 18.95 -14.65 16.84
C LEU A 120 19.02 -14.58 15.31
N ASN A 121 19.35 -13.42 14.73
CA ASN A 121 19.31 -13.26 13.25
C ASN A 121 20.72 -13.02 12.69
N LEU A 122 21.65 -12.60 13.53
CA LEU A 122 23.02 -12.37 13.11
C LEU A 122 23.94 -13.00 14.13
N ASP A 123 24.96 -13.72 13.67
CA ASP A 123 25.74 -14.52 14.59
C ASP A 123 27.21 -14.46 14.19
N ASN A 124 28.06 -15.09 15.01
CA ASN A 124 29.51 -14.95 14.93
C ASN A 124 30.14 -16.32 14.79
N LEU A 125 30.65 -16.63 13.62
CA LEU A 125 31.26 -17.93 13.37
C LEU A 125 32.71 -17.91 13.81
N LEU A 126 33.10 -18.92 14.60
CA LEU A 126 34.46 -19.04 15.10
C LEU A 126 35.19 -20.12 14.31
N ILE A 127 36.34 -19.77 13.75
CA ILE A 127 37.13 -20.69 12.95
C ILE A 127 38.44 -20.94 13.67
N ASP A 128 38.75 -22.22 13.92
CA ASP A 128 40.01 -22.60 14.50
C ASP A 128 40.68 -23.63 13.60
N VAL A 129 41.98 -23.46 13.37
CA VAL A 129 42.73 -24.34 12.48
C VAL A 129 43.88 -24.92 13.30
N TYR A 130 43.72 -26.16 13.74
CA TYR A 130 44.76 -26.85 14.49
C TYR A 130 45.64 -27.66 13.55
N ARG A 131 46.71 -28.22 14.13
CA ARG A 131 47.52 -29.23 13.47
C ARG A 131 47.99 -30.21 14.54
N GLY A 132 48.67 -31.27 14.11
CA GLY A 132 49.03 -32.34 15.01
C GLY A 132 50.47 -32.77 14.89
N PRO A 133 51.15 -32.88 16.03
CA PRO A 133 52.54 -33.33 16.08
C PRO A 133 52.65 -34.85 16.10
N ASP A 147 46.52 -30.78 17.56
CA ASP A 147 46.79 -30.65 18.99
C ASP A 147 47.33 -29.27 19.30
N GLU A 148 48.01 -28.66 18.34
CA GLU A 148 48.62 -27.34 18.52
C GLU A 148 47.92 -26.36 17.59
N LYS A 149 47.32 -25.33 18.17
CA LYS A 149 46.54 -24.38 17.39
C LYS A 149 47.43 -23.49 16.54
N ILE A 150 47.01 -23.22 15.32
CA ILE A 150 47.70 -22.33 14.41
C ILE A 150 46.97 -21.02 14.24
N PHE A 151 45.72 -21.08 13.82
CA PHE A 151 45.00 -19.89 13.39
C PHE A 151 43.62 -19.90 13.99
N HIS A 152 43.18 -18.73 14.46
CA HIS A 152 41.84 -18.57 14.99
C HIS A 152 41.31 -17.23 14.53
N THR A 153 40.05 -17.20 14.13
CA THR A 153 39.43 -15.95 13.72
C THR A 153 37.94 -16.08 13.97
N SER A 154 37.24 -14.96 13.79
CA SER A 154 35.80 -14.93 13.86
C SER A 154 35.31 -14.11 12.68
N ARG A 155 34.07 -14.38 12.27
CA ARG A 155 33.50 -13.66 11.17
C ARG A 155 32.02 -13.52 11.48
N PRO A 156 31.48 -12.32 11.48
CA PRO A 156 30.05 -12.16 11.69
C PRO A 156 29.27 -12.69 10.51
N ILE A 157 28.65 -13.83 10.67
CA ILE A 157 27.86 -14.43 9.61
C ILE A 157 26.41 -14.03 9.81
N VAL A 158 25.67 -14.00 8.73
CA VAL A 158 24.25 -13.72 8.78
C VAL A 158 23.51 -15.03 8.68
N CYS A 159 22.39 -15.14 9.40
CA CYS A 159 21.73 -16.42 9.58
C CYS A 159 20.25 -16.30 9.25
N LEU A 160 19.72 -17.33 8.61
CA LEU A 160 18.28 -17.40 8.36
C LEU A 160 17.52 -17.57 9.66
N ALA A 161 16.23 -17.24 9.61
CA ALA A 161 15.38 -17.33 10.78
C ALA A 161 13.93 -17.40 10.32
N LEU A 162 13.06 -17.79 11.25
CA LEU A 162 11.65 -17.98 10.90
C LEU A 162 11.03 -16.72 10.34
N THR A 163 11.32 -15.58 10.96
CA THR A 163 10.71 -14.32 10.53
C THR A 163 11.48 -13.68 9.38
N ASP A 164 11.76 -14.46 8.35
CA ASP A 164 12.40 -13.96 7.14
C ASP A 164 11.58 -14.38 5.93
N SER A 165 11.21 -13.40 5.12
CA SER A 165 10.35 -13.64 3.97
C SER A 165 11.01 -13.04 2.74
N MET A 166 10.77 -13.66 1.61
CA MET A 166 11.42 -13.29 0.36
C MET A 166 10.49 -12.36 -0.39
N SER A 167 10.84 -11.08 -0.44
CA SER A 167 9.95 -10.09 -1.03
C SER A 167 9.82 -10.30 -2.53
N PRO A 168 8.69 -9.94 -3.11
CA PRO A 168 8.53 -10.11 -4.57
C PRO A 168 9.57 -9.36 -5.39
N GLN A 169 9.93 -8.15 -4.93
CA GLN A 169 10.95 -7.32 -5.63
C GLN A 169 12.31 -8.02 -5.55
N GLU A 170 12.62 -8.66 -4.42
CA GLU A 170 13.88 -9.42 -4.29
C GLU A 170 13.91 -10.53 -5.36
N ILE A 171 12.77 -11.19 -5.58
CA ILE A 171 12.73 -12.23 -6.61
C ILE A 171 12.87 -11.62 -8.00
N GLU A 172 12.27 -10.45 -8.22
CA GLU A 172 12.42 -9.79 -9.51
C GLU A 172 13.88 -9.43 -9.78
N GLN A 173 14.55 -8.83 -8.79
CA GLN A 173 15.92 -8.29 -9.03
C GLN A 173 17.03 -9.31 -8.85
N LEU A 174 17.04 -10.08 -7.75
CA LEU A 174 18.19 -10.98 -7.46
C LEU A 174 18.07 -12.31 -8.23
N GLY A 175 17.45 -12.29 -9.42
CA GLY A 175 17.28 -13.52 -10.22
C GLY A 175 16.01 -14.26 -9.83
N PRO A 176 15.22 -14.81 -10.78
CA PRO A 176 13.96 -15.47 -10.43
C PRO A 176 14.14 -16.69 -9.55
N SER A 177 15.25 -17.41 -9.68
CA SER A 177 15.44 -18.63 -8.91
C SER A 177 15.79 -18.28 -7.48
N ARG A 178 14.97 -18.76 -6.53
CA ARG A 178 15.19 -18.41 -5.13
C ARG A 178 16.49 -18.99 -4.59
N LEU A 179 16.97 -20.09 -5.16
CA LEU A 179 18.30 -20.55 -4.77
C LEU A 179 19.34 -19.51 -5.12
N ASP A 180 19.20 -18.88 -6.29
CA ASP A 180 20.11 -17.82 -6.66
C ASP A 180 19.90 -16.58 -5.79
N VAL A 181 18.68 -16.37 -5.30
CA VAL A 181 18.44 -15.25 -4.41
C VAL A 181 19.16 -15.46 -3.08
N TYR A 182 19.03 -16.66 -2.51
CA TYR A 182 19.76 -16.99 -1.30
C TYR A 182 21.26 -16.90 -1.53
N ASP A 183 21.72 -17.32 -2.71
CA ASP A 183 23.14 -17.19 -3.02
C ASP A 183 23.58 -15.73 -3.00
N GLU A 184 22.76 -14.85 -3.58
CA GLU A 184 23.12 -13.44 -3.65
C GLU A 184 23.01 -12.74 -2.29
N GLU A 185 22.11 -13.21 -1.44
CA GLU A 185 21.68 -12.43 -0.27
C GLU A 185 22.09 -13.04 1.05
N TRP A 186 21.87 -14.34 1.26
CA TRP A 186 22.15 -14.96 2.53
C TRP A 186 23.46 -15.72 2.57
N LEU A 187 24.06 -16.02 1.43
CA LEU A 187 25.36 -16.67 1.42
C LEU A 187 26.40 -15.73 1.97
N ASN A 188 27.33 -16.26 2.76
CA ASN A 188 28.37 -15.42 3.37
C ASN A 188 29.72 -16.08 3.17
N THR A 189 30.45 -15.59 2.18
CA THR A 189 31.79 -16.08 1.90
C THR A 189 32.75 -15.68 3.01
N ILE A 190 33.72 -16.54 3.27
CA ILE A 190 34.76 -16.27 4.26
C ILE A 190 36.11 -16.65 3.68
N ARG A 191 36.86 -15.67 3.23
CA ARG A 191 38.18 -15.88 2.65
C ARG A 191 39.25 -15.62 3.69
N ILE A 192 40.20 -16.53 3.81
CA ILE A 192 41.37 -16.35 4.66
C ILE A 192 42.59 -16.57 3.79
N GLU A 193 43.37 -15.52 3.57
CA GLU A 193 44.49 -15.56 2.65
C GLU A 193 45.80 -15.30 3.39
N ASP A 194 46.78 -16.16 3.16
CA ASP A 194 48.15 -16.00 3.65
C ASP A 194 48.28 -16.04 5.16
N LYS A 195 47.20 -16.35 5.87
CA LYS A 195 47.24 -16.31 7.33
C LYS A 195 47.64 -17.63 7.96
N ILE A 196 47.73 -18.71 7.20
CA ILE A 196 48.04 -20.03 7.74
C ILE A 196 49.22 -20.62 6.99
N SER A 197 50.13 -21.25 7.72
CA SER A 197 51.27 -21.92 7.14
C SER A 197 51.40 -23.29 7.79
N LEU A 198 51.65 -24.31 6.97
CA LEU A 198 51.64 -25.69 7.44
C LEU A 198 52.85 -26.44 6.91
N GLU A 199 53.47 -27.23 7.79
CA GLU A 199 54.63 -28.06 7.38
C GLU A 199 54.16 -29.51 7.21
N SER A 200 54.66 -30.17 6.16
CA SER A 200 54.30 -31.59 5.88
C SER A 200 54.90 -32.50 6.94
N SER A 201 55.93 -32.02 7.65
CA SER A 201 56.46 -32.81 8.76
C SER A 201 55.40 -33.01 9.83
N TYR A 202 54.36 -32.19 9.83
CA TYR A 202 53.22 -32.38 10.71
C TYR A 202 52.27 -33.38 10.07
N GLU A 203 51.10 -33.55 10.65
CA GLU A 203 50.05 -34.36 10.04
C GLU A 203 48.73 -34.02 10.72
N THR A 204 47.65 -34.47 10.11
CA THR A 204 46.31 -34.32 10.67
C THR A 204 45.97 -32.85 10.93
N ILE A 205 45.96 -32.07 9.84
CA ILE A 205 45.38 -30.75 9.92
C ILE A 205 43.89 -30.88 10.28
N SER A 206 43.35 -29.84 10.90
CA SER A 206 41.95 -29.86 11.28
C SER A 206 41.44 -28.43 11.35
N VAL A 207 40.21 -28.22 10.86
CA VAL A 207 39.57 -26.92 10.85
C VAL A 207 38.26 -27.04 11.59
N PHE A 208 38.05 -26.20 12.59
CA PHE A 208 36.81 -26.16 13.34
C PHE A 208 35.94 -25.01 12.85
N LEU A 209 34.64 -25.19 12.97
CA LEU A 209 33.67 -24.15 12.62
C LEU A 209 32.56 -24.20 13.67
N LYS A 210 32.66 -23.37 14.69
CA LYS A 210 31.69 -23.33 15.78
C LYS A 210 31.02 -21.97 15.80
N THR A 211 29.74 -21.93 15.46
CA THR A 211 28.94 -20.76 15.74
C THR A 211 28.79 -20.61 17.25
N GLU A 212 29.00 -19.39 17.74
CA GLU A 212 29.20 -19.20 19.18
C GLU A 212 27.95 -18.82 19.95
N ILE A 213 27.09 -17.97 19.40
CA ILE A 213 25.99 -17.44 20.19
C ILE A 213 24.94 -18.51 20.45
N ALA A 214 24.57 -19.26 19.41
CA ALA A 214 23.54 -20.28 19.56
C ALA A 214 23.80 -21.40 18.56
N GLN A 215 23.18 -22.55 18.82
CA GLN A 215 23.25 -23.65 17.89
C GLN A 215 22.68 -23.24 16.55
N ARG A 216 23.37 -23.59 15.47
CA ARG A 216 22.96 -23.22 14.13
C ARG A 216 23.15 -24.40 13.20
N ASN A 217 22.39 -24.41 12.12
CA ASN A 217 22.54 -25.39 11.06
C ASN A 217 23.43 -24.78 9.99
N LEU A 218 24.65 -25.30 9.86
CA LEU A 218 25.61 -24.79 8.90
C LEU A 218 25.54 -25.63 7.63
N ILE A 219 25.24 -24.99 6.51
CA ILE A 219 25.15 -25.64 5.22
C ILE A 219 26.37 -25.20 4.42
N ILE A 220 27.42 -26.01 4.44
CA ILE A 220 28.68 -25.64 3.78
C ILE A 220 28.50 -25.78 2.27
N HIS A 221 28.79 -24.70 1.55
CA HIS A 221 28.66 -24.71 0.10
C HIS A 221 29.63 -25.74 -0.48
N PRO A 222 29.21 -26.49 -1.51
CA PRO A 222 30.04 -27.61 -1.96
C PRO A 222 31.41 -27.20 -2.47
N GLU A 223 31.53 -26.02 -3.06
CA GLU A 223 32.78 -25.61 -3.70
C GLU A 223 33.70 -24.86 -2.75
N SER A 224 33.56 -25.15 -1.45
CA SER A 224 34.43 -24.53 -0.43
C SER A 224 35.63 -25.44 -0.19
N GLY A 225 36.84 -24.90 -0.24
CA GLY A 225 38.03 -25.71 -0.01
C GLY A 225 39.17 -24.98 0.67
N ILE A 226 40.37 -25.52 0.54
CA ILE A 226 41.57 -24.94 1.16
C ILE A 226 42.71 -25.07 0.15
N LYS A 227 43.10 -23.93 -0.44
CA LYS A 227 44.16 -23.93 -1.48
C LYS A 227 45.54 -24.09 -0.84
N PHE A 228 46.11 -25.29 -0.91
CA PHE A 228 47.47 -25.51 -0.41
C PHE A 228 48.46 -24.99 -1.45
N ARG A 229 49.04 -23.83 -1.18
CA ARG A 229 50.06 -23.24 -2.04
C ARG A 229 51.46 -23.60 -1.56
N MET A 230 52.44 -23.37 -2.43
CA MET A 230 53.80 -23.79 -2.16
C MET A 230 54.66 -22.68 -1.56
N ASN A 231 54.16 -21.45 -1.56
CA ASN A 231 54.78 -20.32 -0.85
C ASN A 231 56.22 -20.09 -1.31
N PHE A 232 56.33 -19.67 -2.57
CA PHE A 232 57.61 -19.25 -3.11
C PHE A 232 58.20 -18.13 -2.27
N GLU A 233 59.53 -18.05 -2.24
CA GLU A 233 60.23 -16.98 -1.55
C GLU A 233 60.27 -15.69 -2.37
N GLN A 234 59.47 -15.58 -3.42
CA GLN A 234 59.42 -14.40 -4.26
C GLN A 234 58.00 -13.84 -4.25
N GLY A 235 57.88 -12.54 -3.97
CA GLY A 235 56.57 -11.96 -3.73
C GLY A 235 55.67 -11.93 -4.95
N LEU A 236 56.23 -11.60 -6.12
CA LEU A 236 55.40 -11.34 -7.29
C LEU A 236 54.71 -12.61 -7.79
N ARG A 237 55.46 -13.70 -7.94
CA ARG A 237 54.87 -14.95 -8.38
C ARG A 237 53.89 -15.50 -7.34
N ASN A 238 54.19 -15.32 -6.05
CA ASN A 238 53.25 -15.74 -5.02
C ASN A 238 51.94 -14.96 -5.11
N LEU A 239 52.02 -13.66 -5.37
CA LEU A 239 50.82 -12.85 -5.54
C LEU A 239 50.06 -13.28 -6.78
N MET A 240 50.78 -13.62 -7.85
CA MET A 240 50.11 -14.14 -9.04
C MET A 240 49.35 -15.43 -8.73
N LEU A 241 49.96 -16.31 -7.95
CA LEU A 241 49.28 -17.53 -7.54
C LEU A 241 48.06 -17.22 -6.68
N ARG A 242 48.18 -16.22 -5.80
CA ARG A 242 47.02 -15.78 -5.02
C ARG A 242 45.87 -15.39 -5.93
N LYS A 243 46.08 -14.36 -6.74
CA LYS A 243 45.00 -13.78 -7.56
C LYS A 243 45.02 -14.45 -8.93
N ARG A 244 44.55 -15.70 -8.95
CA ARG A 244 44.54 -16.48 -10.19
C ARG A 244 43.65 -15.82 -11.25
N PHE A 245 42.46 -15.39 -10.85
CA PHE A 245 41.55 -14.78 -11.82
C PHE A 245 42.05 -13.41 -12.28
N LEU A 246 42.60 -12.62 -11.35
CA LEU A 246 43.16 -11.33 -11.72
C LEU A 246 44.33 -11.50 -12.68
N SER A 247 45.13 -12.55 -12.48
CA SER A 247 46.18 -12.87 -13.44
C SER A 247 45.59 -13.27 -14.78
N TYR A 248 44.53 -14.09 -14.77
CA TYR A 248 43.83 -14.45 -16.00
C TYR A 248 43.41 -13.20 -16.77
N ILE A 249 43.05 -12.15 -16.05
CA ILE A 249 42.70 -10.89 -16.71
C ILE A 249 43.94 -10.19 -17.24
N ILE A 250 44.88 -9.86 -16.34
CA ILE A 250 45.95 -8.92 -16.68
C ILE A 250 46.95 -9.54 -17.66
N GLY A 251 47.32 -10.81 -17.49
CA GLY A 251 48.28 -11.41 -18.39
C GLY A 251 47.74 -11.55 -19.80
N ILE A 252 46.48 -11.97 -19.92
CA ILE A 252 45.85 -12.06 -21.24
C ILE A 252 45.75 -10.67 -21.87
N SER A 253 45.40 -9.66 -21.07
CA SER A 253 45.34 -8.30 -21.61
C SER A 253 46.71 -7.86 -22.12
N ILE A 254 47.77 -8.14 -21.37
CA ILE A 254 49.11 -7.72 -21.78
C ILE A 254 49.52 -8.44 -23.06
N PHE A 255 49.27 -9.74 -23.13
CA PHE A 255 49.61 -10.49 -24.34
C PHE A 255 48.86 -9.93 -25.54
N HIS A 256 47.55 -9.73 -25.41
CA HIS A 256 46.77 -9.20 -26.52
C HIS A 256 47.28 -7.84 -26.96
N CYS A 257 47.55 -6.96 -26.00
CA CYS A 257 47.97 -5.60 -26.34
C CYS A 257 49.32 -5.61 -27.04
N ILE A 258 50.29 -6.35 -26.50
CA ILE A 258 51.61 -6.35 -27.13
C ILE A 258 51.54 -6.96 -28.52
N ILE A 259 50.82 -8.06 -28.69
CA ILE A 259 50.75 -8.71 -30.00
C ILE A 259 50.08 -7.79 -31.02
N CYS A 260 48.94 -7.19 -30.64
CA CYS A 260 48.21 -6.36 -31.58
C CYS A 260 48.98 -5.09 -31.92
N VAL A 261 49.66 -4.49 -30.94
CA VAL A 261 50.45 -3.30 -31.20
C VAL A 261 51.64 -3.63 -32.10
N LEU A 262 52.30 -4.76 -31.85
CA LEU A 262 53.41 -5.17 -32.70
C LEU A 262 52.95 -5.41 -34.13
N PHE A 263 51.78 -6.04 -34.30
CA PHE A 263 51.29 -6.30 -35.65
C PHE A 263 50.83 -5.02 -36.34
N PHE A 264 50.27 -4.08 -35.59
CA PHE A 264 49.80 -2.82 -36.18
C PHE A 264 50.97 -1.89 -36.47
N TYR B 17 33.52 2.04 -30.55
CA TYR B 17 32.16 1.63 -30.86
C TYR B 17 32.15 0.38 -31.73
N ILE B 18 33.15 0.26 -32.61
CA ILE B 18 33.22 -0.89 -33.51
C ILE B 18 33.41 -2.18 -32.72
N VAL B 19 34.41 -2.19 -31.81
CA VAL B 19 34.69 -3.39 -31.03
C VAL B 19 33.57 -3.67 -30.04
N VAL B 20 32.99 -2.61 -29.47
CA VAL B 20 31.88 -2.78 -28.53
C VAL B 20 30.69 -3.43 -29.24
N ALA B 21 30.34 -2.92 -30.41
CA ALA B 21 29.22 -3.48 -31.16
C ALA B 21 29.52 -4.89 -31.63
N PHE B 22 30.77 -5.16 -32.00
CA PHE B 22 31.13 -6.52 -32.48
C PHE B 22 31.05 -7.52 -31.33
N LEU B 23 31.47 -7.11 -30.12
CA LEU B 23 31.35 -7.99 -28.95
C LEU B 23 29.89 -8.19 -28.56
N ILE B 24 29.09 -7.12 -28.56
CA ILE B 24 27.69 -7.24 -28.19
C ILE B 24 26.95 -8.16 -29.16
N GLN B 25 27.15 -7.94 -30.46
CA GLN B 25 26.47 -8.77 -31.45
C GLN B 25 26.97 -10.21 -31.40
N LEU B 26 28.25 -10.44 -31.11
CA LEU B 26 28.74 -11.79 -30.93
C LEU B 26 28.07 -12.46 -29.73
N LEU B 27 27.94 -11.74 -28.62
CA LEU B 27 27.29 -12.30 -27.45
C LEU B 27 25.82 -12.59 -27.71
N ILE B 28 25.19 -11.82 -28.61
CA ILE B 28 23.79 -12.07 -28.93
C ILE B 28 23.65 -13.24 -29.89
N ILE B 29 24.59 -13.39 -30.82
CA ILE B 29 24.45 -14.36 -31.91
C ILE B 29 24.98 -15.74 -31.53
N LEU B 30 25.97 -15.82 -30.63
CA LEU B 30 26.49 -17.12 -30.21
C LEU B 30 25.44 -18.06 -29.65
N PRO B 31 24.46 -17.63 -28.81
CA PRO B 31 23.53 -18.60 -28.22
C PRO B 31 22.81 -19.49 -29.24
N LEU B 32 22.07 -18.89 -30.16
CA LEU B 32 21.26 -19.67 -31.09
C LEU B 32 22.14 -20.53 -32.00
N SER B 33 23.18 -19.93 -32.58
CA SER B 33 24.04 -20.68 -33.49
C SER B 33 24.74 -21.83 -32.78
N ILE B 34 25.24 -21.59 -31.57
CA ILE B 34 25.95 -22.63 -30.84
C ILE B 34 24.99 -23.74 -30.43
N LEU B 35 23.74 -23.39 -30.08
CA LEU B 35 22.77 -24.43 -29.77
C LEU B 35 22.41 -25.25 -31.00
N ILE B 36 22.29 -24.60 -32.15
CA ILE B 36 21.99 -25.32 -33.39
C ILE B 36 23.12 -26.26 -33.74
N TYR B 37 24.36 -25.79 -33.61
CA TYR B 37 25.51 -26.66 -33.88
C TYR B 37 25.62 -27.78 -32.85
N HIS B 38 25.24 -27.51 -31.59
CA HIS B 38 25.22 -28.56 -30.58
C HIS B 38 24.21 -29.63 -30.94
N ASP B 39 23.03 -29.23 -31.42
CA ASP B 39 22.05 -30.21 -31.87
C ASP B 39 22.57 -30.98 -33.08
N PHE B 40 23.27 -30.30 -33.98
CA PHE B 40 23.87 -30.97 -35.13
C PHE B 40 24.86 -32.05 -34.67
N TYR B 41 25.73 -31.71 -33.71
CA TYR B 41 26.69 -32.68 -33.20
C TYR B 41 26.02 -33.79 -32.41
N LEU B 42 24.93 -33.47 -31.69
CA LEU B 42 24.18 -34.52 -31.00
C LEU B 42 23.59 -35.50 -31.99
N ARG B 43 23.09 -34.99 -33.12
CA ARG B 43 22.58 -35.91 -34.18
C ARG B 43 23.76 -36.80 -34.60
N LEU B 44 24.95 -36.23 -34.72
CA LEU B 44 26.15 -37.05 -35.00
C LEU B 44 26.48 -37.85 -33.75
N LEU B 45 26.19 -37.30 -32.56
CA LEU B 45 26.53 -37.99 -31.29
C LEU B 45 25.80 -39.33 -31.29
N PRO B 46 26.57 -40.41 -31.19
CA PRO B 46 25.96 -41.74 -31.31
C PRO B 46 25.13 -42.10 -30.09
N ALA B 47 24.07 -42.87 -30.33
CA ALA B 47 23.34 -43.49 -29.24
C ALA B 47 24.12 -44.64 -28.62
N ASP B 48 25.08 -45.21 -29.36
CA ASP B 48 26.00 -46.18 -28.78
C ASP B 48 27.08 -45.50 -27.96
N SER B 49 27.50 -44.30 -28.33
CA SER B 49 28.51 -43.56 -27.60
C SER B 49 27.94 -42.59 -26.59
N SER B 50 26.61 -42.52 -26.47
CA SER B 50 25.97 -41.66 -25.48
C SER B 50 24.59 -42.22 -25.18
N ASN B 51 24.29 -42.36 -23.89
CA ASN B 51 23.01 -42.88 -23.45
C ASN B 51 22.50 -42.01 -22.30
N VAL B 52 21.18 -41.91 -22.20
CA VAL B 52 20.54 -41.10 -21.17
C VAL B 52 19.56 -42.02 -20.45
N VAL B 53 19.95 -42.51 -19.28
CA VAL B 53 19.11 -43.38 -18.47
C VAL B 53 18.23 -42.51 -17.59
N PRO B 54 16.94 -42.43 -17.85
CA PRO B 54 16.07 -41.61 -16.99
C PRO B 54 16.10 -42.14 -15.56
N LEU B 55 16.11 -41.22 -14.61
CA LEU B 55 16.29 -41.63 -13.22
C LEU B 55 15.12 -42.47 -12.74
N ASN B 56 13.93 -42.27 -13.32
CA ASN B 56 12.77 -43.06 -12.92
C ASN B 56 12.82 -44.50 -13.40
N THR B 57 13.79 -44.85 -14.24
CA THR B 57 13.96 -46.23 -14.69
C THR B 57 14.82 -47.05 -13.74
N PHE B 58 15.26 -46.48 -12.64
CA PHE B 58 15.94 -47.23 -11.60
C PHE B 58 14.89 -47.92 -10.74
N ASN B 59 15.30 -48.49 -9.61
CA ASN B 59 14.38 -49.00 -8.61
C ASN B 59 14.46 -48.11 -7.39
N ILE B 60 13.36 -47.51 -7.01
CA ILE B 60 13.32 -46.60 -5.88
C ILE B 60 13.09 -47.40 -4.60
N LEU B 61 13.75 -46.99 -3.53
CA LEU B 61 13.56 -47.61 -2.23
C LEU B 61 13.66 -46.51 -1.18
N ASN B 62 12.51 -46.08 -0.66
CA ASN B 62 12.50 -44.98 0.30
C ASN B 62 13.00 -45.45 1.66
N GLY B 63 13.27 -44.49 2.53
CA GLY B 63 13.74 -44.81 3.86
C GLY B 63 13.81 -43.56 4.70
N VAL B 64 14.41 -43.70 5.88
CA VAL B 64 14.54 -42.56 6.78
C VAL B 64 16.01 -42.33 7.11
N GLN B 65 16.67 -43.35 7.65
CA GLN B 65 18.08 -43.20 7.99
C GLN B 65 18.94 -43.04 6.74
N PHE B 66 18.42 -43.40 5.58
CA PHE B 66 19.03 -43.10 4.29
C PHE B 66 17.95 -42.49 3.42
N GLY B 67 18.32 -41.51 2.61
CA GLY B 67 17.33 -40.85 1.77
C GLY B 67 16.80 -41.79 0.70
N THR B 68 16.01 -41.22 -0.20
CA THR B 68 15.54 -42.00 -1.33
C THR B 68 16.73 -42.50 -2.13
N LYS B 69 16.74 -43.79 -2.43
CA LYS B 69 17.83 -44.38 -3.19
C LYS B 69 17.32 -44.89 -4.52
N PHE B 70 18.09 -44.63 -5.57
CA PHE B 70 17.83 -45.16 -6.90
C PHE B 70 18.93 -46.17 -7.21
N PHE B 71 18.55 -47.41 -7.46
CA PHE B 71 19.53 -48.44 -7.76
C PHE B 71 19.05 -49.26 -8.93
N GLN B 72 19.96 -49.57 -9.85
CA GLN B 72 19.64 -50.39 -11.00
C GLN B 72 20.79 -51.34 -11.25
N SER B 73 20.46 -52.59 -11.58
CA SER B 73 21.49 -53.55 -11.96
C SER B 73 22.06 -53.17 -13.32
N ILE B 74 23.00 -53.97 -13.80
CA ILE B 74 23.67 -53.70 -15.06
C ILE B 74 23.80 -54.98 -15.86
N LYS B 75 23.50 -54.89 -17.16
CA LYS B 75 23.79 -55.93 -18.11
C LYS B 75 24.91 -55.49 -19.03
N SER B 76 25.83 -56.40 -19.33
CA SER B 76 26.98 -56.11 -20.16
C SER B 76 26.76 -56.72 -21.54
N ILE B 77 26.96 -55.92 -22.58
CA ILE B 77 26.72 -56.35 -23.96
C ILE B 77 28.08 -56.73 -24.57
N PRO B 78 28.30 -58.01 -24.89
CA PRO B 78 29.52 -58.36 -25.60
C PRO B 78 29.64 -57.62 -26.93
N VAL B 79 30.88 -57.31 -27.31
CA VAL B 79 31.12 -56.52 -28.49
C VAL B 79 30.54 -57.23 -29.72
N GLY B 80 30.12 -56.43 -30.70
CA GLY B 80 29.54 -56.96 -31.92
C GLY B 80 28.05 -56.68 -31.99
N THR B 81 27.36 -56.87 -30.87
CA THR B 81 25.95 -56.52 -30.81
C THR B 81 25.77 -55.01 -30.81
N ASP B 82 24.79 -54.53 -31.57
CA ASP B 82 24.46 -53.11 -31.53
C ASP B 82 23.96 -52.74 -30.13
N LEU B 83 24.47 -51.65 -29.60
CA LEU B 83 24.14 -51.25 -28.24
C LEU B 83 22.70 -50.82 -28.16
N PRO B 84 21.88 -51.43 -27.30
CA PRO B 84 20.49 -50.98 -27.17
C PRO B 84 20.41 -49.58 -26.59
N GLN B 85 19.20 -49.05 -26.48
CA GLN B 85 18.98 -47.70 -25.99
C GLN B 85 17.99 -47.77 -24.84
N THR B 86 18.28 -47.08 -23.74
CA THR B 86 17.40 -47.06 -22.59
C THR B 86 16.14 -46.28 -22.96
N ILE B 87 15.02 -46.97 -23.14
CA ILE B 87 13.78 -46.27 -23.60
C ILE B 87 13.14 -45.51 -22.44
N ASP B 88 12.33 -44.48 -22.76
CA ASP B 88 11.61 -43.73 -21.72
C ASP B 88 10.26 -44.41 -21.47
N ASN B 89 10.27 -45.67 -21.02
CA ASN B 89 9.02 -46.38 -20.69
C ASN B 89 8.71 -46.18 -19.21
N GLY B 90 9.66 -45.59 -18.46
CA GLY B 90 9.44 -45.37 -17.03
C GLY B 90 9.34 -46.68 -16.30
N LEU B 91 9.59 -47.78 -17.00
CA LEU B 91 9.55 -49.12 -16.35
C LEU B 91 10.98 -49.52 -15.98
N SER B 92 11.15 -50.17 -14.83
CA SER B 92 12.50 -50.60 -14.36
C SER B 92 13.16 -51.48 -15.41
N GLN B 93 14.24 -51.01 -16.01
CA GLN B 93 14.98 -51.83 -16.95
C GLN B 93 16.48 -51.64 -16.75
N LEU B 94 17.24 -52.67 -17.11
CA LEU B 94 18.67 -52.70 -16.82
C LEU B 94 19.40 -51.64 -17.64
N ILE B 95 20.58 -51.27 -17.16
CA ILE B 95 21.41 -50.24 -17.79
C ILE B 95 22.38 -50.94 -18.74
N PRO B 96 22.41 -50.55 -20.01
CA PRO B 96 23.31 -51.22 -20.96
C PRO B 96 24.68 -50.57 -21.03
N MET B 97 25.75 -51.36 -20.89
CA MET B 97 27.09 -50.85 -21.09
C MET B 97 27.92 -51.88 -21.84
N ARG B 98 29.05 -51.42 -22.39
CA ARG B 98 29.93 -52.28 -23.15
C ARG B 98 30.64 -53.27 -22.23
N ASP B 99 31.54 -54.07 -22.81
CA ASP B 99 32.24 -55.08 -22.03
C ASP B 99 33.18 -54.46 -21.01
N ASN B 100 34.19 -53.72 -21.47
CA ASN B 100 35.16 -53.14 -20.58
C ASN B 100 35.52 -51.69 -20.87
N MET B 101 35.11 -51.14 -22.00
CA MET B 101 35.49 -49.77 -22.32
C MET B 101 34.67 -48.81 -21.45
N GLU B 102 35.32 -47.73 -21.01
CA GLU B 102 34.93 -47.03 -19.80
C GLU B 102 33.89 -45.94 -20.06
N TYR B 103 32.89 -45.86 -19.18
CA TYR B 103 31.85 -44.87 -19.22
C TYR B 103 32.03 -43.86 -18.08
N LYS B 104 31.61 -42.63 -18.34
CA LYS B 104 31.80 -41.52 -17.41
C LYS B 104 30.46 -40.82 -17.20
N LEU B 105 29.92 -40.95 -16.00
CA LEU B 105 28.53 -40.59 -15.74
C LEU B 105 28.34 -39.08 -15.73
N ASP B 106 27.11 -38.67 -15.99
CA ASP B 106 26.70 -37.27 -15.91
C ASP B 106 25.35 -37.21 -15.20
N LEU B 107 25.39 -37.10 -13.88
CA LEU B 107 24.15 -36.93 -13.12
C LEU B 107 23.57 -35.55 -13.38
N ASN B 108 22.38 -35.50 -13.94
CA ASN B 108 21.64 -34.24 -14.08
C ASN B 108 20.22 -34.39 -13.56
N LEU B 109 20.07 -34.26 -12.25
CA LEU B 109 18.77 -34.34 -11.61
C LEU B 109 18.32 -32.95 -11.19
N GLN B 110 17.01 -32.75 -11.22
CA GLN B 110 16.42 -31.48 -10.83
C GLN B 110 15.08 -31.77 -10.18
N LEU B 111 14.83 -31.14 -9.04
CA LEU B 111 13.76 -31.59 -8.16
C LEU B 111 13.22 -30.46 -7.32
N TYR B 112 11.92 -30.52 -7.01
CA TYR B 112 11.33 -29.65 -6.02
C TYR B 112 11.49 -30.25 -4.64
N CYS B 113 11.41 -29.39 -3.63
CA CYS B 113 11.50 -29.89 -2.24
C CYS B 113 10.33 -29.28 -1.47
N GLN B 114 9.65 -30.08 -0.64
CA GLN B 114 8.44 -29.56 0.04
C GLN B 114 8.22 -30.32 1.35
N SER B 115 7.69 -29.65 2.37
CA SER B 115 7.44 -30.29 3.64
C SER B 115 6.43 -29.49 4.43
N LYS B 116 5.84 -30.10 5.45
CA LYS B 116 4.97 -29.39 6.38
C LYS B 116 5.67 -29.03 7.68
N THR B 117 6.91 -29.49 7.87
CA THR B 117 7.62 -29.20 9.12
C THR B 117 7.88 -27.72 9.29
N ASP B 118 7.72 -26.94 8.22
CA ASP B 118 7.90 -25.50 8.24
C ASP B 118 9.33 -25.21 8.71
N HIS B 119 10.21 -26.13 8.29
CA HIS B 119 11.65 -25.83 8.46
C HIS B 119 11.84 -24.76 7.39
N LEU B 120 12.77 -23.85 7.57
CA LEU B 120 12.85 -22.69 6.69
C LEU B 120 13.33 -23.12 5.31
N ASN B 121 13.18 -22.25 4.31
CA ASN B 121 13.27 -22.61 2.91
C ASN B 121 14.71 -22.79 2.49
N LEU B 122 15.42 -23.69 3.17
CA LEU B 122 16.81 -23.94 2.83
C LEU B 122 17.22 -25.26 3.45
N ASP B 123 17.98 -26.04 2.70
CA ASP B 123 18.35 -27.36 3.15
C ASP B 123 19.53 -27.86 2.33
N ASN B 124 20.07 -29.01 2.74
CA ASN B 124 21.27 -29.57 2.14
C ASN B 124 20.94 -30.95 1.63
N LEU B 125 21.15 -31.18 0.34
CA LEU B 125 20.83 -32.45 -0.29
C LEU B 125 22.10 -33.28 -0.44
N LEU B 126 22.18 -34.38 0.30
CA LEU B 126 23.35 -35.26 0.24
C LEU B 126 23.17 -36.26 -0.89
N ILE B 127 24.16 -36.34 -1.77
CA ILE B 127 24.13 -37.23 -2.92
C ILE B 127 25.28 -38.21 -2.80
N ASP B 128 24.97 -39.50 -2.87
CA ASP B 128 25.97 -40.56 -2.78
C ASP B 128 25.77 -41.52 -3.94
N VAL B 129 26.79 -41.66 -4.78
CA VAL B 129 26.74 -42.54 -5.94
C VAL B 129 27.60 -43.75 -5.61
N TYR B 130 26.97 -44.85 -5.25
CA TYR B 130 27.67 -46.07 -4.92
C TYR B 130 27.92 -46.90 -6.17
N ARG B 131 28.50 -48.08 -5.98
CA ARG B 131 28.63 -49.08 -7.03
C ARG B 131 28.86 -50.43 -6.37
N GLY B 132 28.62 -51.49 -7.13
CA GLY B 132 28.65 -52.83 -6.59
C GLY B 132 29.93 -53.57 -6.92
N PRO B 133 30.26 -54.58 -6.11
CA PRO B 133 31.51 -55.33 -6.23
C PRO B 133 31.66 -56.06 -7.56
N ASP B 147 27.98 -51.41 -2.38
CA ASP B 147 28.85 -51.78 -1.29
C ASP B 147 30.21 -51.11 -1.43
N GLU B 148 30.23 -49.98 -2.13
CA GLU B 148 31.44 -49.20 -2.33
C GLU B 148 31.06 -47.84 -2.88
N LYS B 149 31.67 -46.80 -2.34
CA LYS B 149 31.27 -45.41 -2.72
C LYS B 149 32.20 -44.88 -3.82
N ILE B 150 31.65 -44.13 -4.78
CA ILE B 150 32.47 -43.57 -5.88
C ILE B 150 32.41 -42.04 -5.81
N PHE B 151 31.22 -41.48 -5.56
CA PHE B 151 31.08 -40.00 -5.58
C PHE B 151 30.16 -39.53 -4.46
N HIS B 152 30.46 -38.36 -3.87
CA HIS B 152 29.62 -37.77 -2.85
C HIS B 152 29.72 -36.27 -2.95
N THR B 153 28.58 -35.60 -2.87
CA THR B 153 28.54 -34.15 -2.85
C THR B 153 27.25 -33.73 -2.17
N SER B 154 27.21 -32.46 -1.78
CA SER B 154 26.01 -31.88 -1.20
C SER B 154 25.74 -30.58 -1.92
N ARG B 155 24.46 -30.28 -2.17
CA ARG B 155 24.07 -29.08 -2.88
C ARG B 155 23.00 -28.39 -2.06
N PRO B 156 23.17 -27.11 -1.72
CA PRO B 156 22.10 -26.39 -1.03
C PRO B 156 20.88 -26.28 -1.94
N ILE B 157 19.76 -26.77 -1.45
CA ILE B 157 18.51 -26.70 -2.20
C ILE B 157 17.52 -25.87 -1.42
N VAL B 158 16.53 -25.34 -2.12
CA VAL B 158 15.46 -24.56 -1.50
C VAL B 158 14.21 -25.42 -1.46
N CYS B 159 13.44 -25.27 -0.40
CA CYS B 159 12.31 -26.14 -0.14
C CYS B 159 11.07 -25.31 0.13
N LEU B 160 9.93 -25.76 -0.40
CA LEU B 160 8.68 -25.09 -0.12
C LEU B 160 8.34 -25.19 1.36
N ALA B 161 7.52 -24.24 1.83
CA ALA B 161 7.08 -24.25 3.21
C ALA B 161 5.72 -23.58 3.28
N LEU B 162 5.08 -23.74 4.44
CA LEU B 162 3.73 -23.21 4.61
C LEU B 162 3.69 -21.70 4.43
N THR B 163 4.68 -21.00 4.98
CA THR B 163 4.70 -19.55 4.91
C THR B 163 5.30 -19.05 3.59
N ASP B 164 4.79 -19.55 2.48
CA ASP B 164 5.29 -19.18 1.16
C ASP B 164 4.12 -19.07 0.20
N SER B 165 3.92 -17.89 -0.37
CA SER B 165 2.88 -17.66 -1.35
C SER B 165 3.45 -16.83 -2.49
N MET B 166 2.86 -16.99 -3.67
CA MET B 166 3.28 -16.21 -4.82
C MET B 166 2.58 -14.86 -4.85
N SER B 167 3.36 -13.81 -5.04
CA SER B 167 2.80 -12.49 -5.21
C SER B 167 2.07 -12.41 -6.55
N PRO B 168 1.11 -11.50 -6.66
CA PRO B 168 0.58 -11.19 -8.00
C PRO B 168 1.66 -10.74 -8.96
N GLN B 169 2.69 -10.07 -8.46
CA GLN B 169 3.78 -9.62 -9.33
C GLN B 169 4.52 -10.79 -9.95
N GLU B 170 4.74 -11.86 -9.18
CA GLU B 170 5.46 -13.02 -9.70
C GLU B 170 4.72 -13.67 -10.85
N ILE B 171 3.40 -13.77 -10.74
CA ILE B 171 2.61 -14.41 -11.79
C ILE B 171 2.65 -13.56 -13.06
N GLU B 172 2.74 -12.24 -12.90
CA GLU B 172 2.72 -11.33 -14.07
C GLU B 172 4.05 -11.41 -14.85
N GLN B 173 5.16 -11.72 -14.19
CA GLN B 173 6.46 -11.76 -14.85
C GLN B 173 6.90 -13.17 -15.20
N LEU B 174 6.62 -14.14 -14.34
CA LEU B 174 7.18 -15.48 -14.47
C LEU B 174 6.21 -16.45 -15.11
N GLY B 175 5.41 -15.97 -16.05
CA GLY B 175 4.44 -16.80 -16.72
C GLY B 175 3.18 -16.93 -15.89
N PRO B 176 2.02 -16.98 -16.54
CA PRO B 176 0.78 -17.08 -15.79
C PRO B 176 0.53 -18.44 -15.20
N SER B 177 1.16 -19.48 -15.72
CA SER B 177 0.95 -20.83 -15.22
C SER B 177 1.78 -21.04 -13.97
N ARG B 178 1.11 -21.26 -12.84
CA ARG B 178 1.83 -21.39 -11.57
C ARG B 178 2.81 -22.56 -11.59
N LEU B 179 2.59 -23.55 -12.43
CA LEU B 179 3.60 -24.59 -12.60
C LEU B 179 4.87 -23.99 -13.17
N ASP B 180 4.75 -23.06 -14.11
CA ASP B 180 5.92 -22.40 -14.66
C ASP B 180 6.60 -21.52 -13.63
N VAL B 181 5.85 -20.87 -12.76
CA VAL B 181 6.47 -20.05 -11.72
C VAL B 181 7.22 -20.92 -10.73
N TYR B 182 6.61 -22.02 -10.30
CA TYR B 182 7.33 -22.96 -9.45
C TYR B 182 8.55 -23.53 -10.16
N ASP B 183 8.56 -23.50 -11.48
CA ASP B 183 9.68 -24.05 -12.25
C ASP B 183 10.83 -23.05 -12.32
N GLU B 184 10.52 -21.82 -12.72
CA GLU B 184 11.55 -20.79 -12.83
C GLU B 184 12.11 -20.40 -11.47
N GLU B 185 11.42 -20.72 -10.39
CA GLU B 185 11.70 -20.12 -9.10
C GLU B 185 12.03 -21.12 -8.01
N TRP B 186 11.40 -22.28 -7.99
CA TRP B 186 11.57 -23.24 -6.92
C TRP B 186 12.25 -24.53 -7.36
N LEU B 187 12.74 -24.60 -8.59
CA LEU B 187 13.33 -25.83 -9.10
C LEU B 187 14.82 -25.87 -8.77
N ASN B 188 15.28 -27.00 -8.27
CA ASN B 188 16.67 -27.17 -7.85
C ASN B 188 17.39 -27.96 -8.93
N THR B 189 17.88 -27.26 -9.94
CA THR B 189 18.68 -27.91 -10.97
C THR B 189 20.04 -28.30 -10.39
N ILE B 190 20.33 -29.59 -10.37
CA ILE B 190 21.58 -30.11 -9.84
C ILE B 190 22.27 -30.88 -10.95
N ARG B 191 23.31 -30.29 -11.51
CA ARG B 191 24.03 -30.89 -12.63
C ARG B 191 25.42 -31.28 -12.15
N ILE B 192 25.69 -32.57 -12.11
CA ILE B 192 26.98 -33.11 -11.72
C ILE B 192 27.58 -33.76 -12.95
N GLU B 193 28.45 -33.03 -13.64
CA GLU B 193 28.96 -33.46 -14.93
C GLU B 193 30.45 -33.74 -14.86
N ASP B 194 30.87 -34.80 -15.54
CA ASP B 194 32.29 -35.16 -15.68
C ASP B 194 32.95 -35.33 -14.32
N LYS B 195 32.31 -36.11 -13.46
CA LYS B 195 32.84 -36.35 -12.13
C LYS B 195 32.80 -37.80 -11.68
N ILE B 196 32.04 -38.66 -12.35
CA ILE B 196 31.88 -40.04 -11.93
C ILE B 196 32.30 -40.95 -13.08
N SER B 197 33.02 -42.02 -12.74
CA SER B 197 33.43 -43.02 -13.72
C SER B 197 33.02 -44.38 -13.20
N LEU B 198 32.38 -45.16 -14.08
CA LEU B 198 31.84 -46.48 -13.64
C LEU B 198 32.35 -47.60 -14.54
N GLU B 199 33.20 -48.48 -14.00
CA GLU B 199 33.65 -49.67 -14.71
C GLU B 199 32.45 -50.50 -15.12
N SER B 200 32.46 -51.00 -16.36
CA SER B 200 31.41 -51.90 -16.78
C SER B 200 31.46 -53.21 -16.00
N SER B 201 32.65 -53.60 -15.55
CA SER B 201 32.79 -54.85 -14.79
C SER B 201 31.99 -54.80 -13.49
N TYR B 202 32.05 -53.67 -12.79
CA TYR B 202 31.19 -53.47 -11.63
C TYR B 202 29.73 -53.38 -12.07
N GLU B 203 28.84 -53.80 -11.18
CA GLU B 203 27.39 -53.80 -11.51
C GLU B 203 26.60 -53.09 -10.40
N THR B 204 25.27 -53.18 -10.44
CA THR B 204 24.40 -52.60 -9.37
C THR B 204 24.84 -51.18 -8.98
N ILE B 205 24.79 -50.23 -9.92
CA ILE B 205 25.08 -48.80 -9.59
C ILE B 205 23.92 -48.26 -8.75
N SER B 206 24.20 -47.38 -7.79
CA SER B 206 23.17 -46.86 -6.91
C SER B 206 23.41 -45.37 -6.68
N VAL B 207 22.32 -44.63 -6.47
CA VAL B 207 22.38 -43.20 -6.20
C VAL B 207 21.48 -42.91 -5.00
N PHE B 208 21.99 -42.13 -4.06
CA PHE B 208 21.26 -41.79 -2.84
C PHE B 208 20.97 -40.30 -2.82
N LEU B 209 19.75 -39.94 -2.41
CA LEU B 209 19.33 -38.55 -2.29
C LEU B 209 18.74 -38.36 -0.90
N LYS B 210 19.58 -37.95 0.04
CA LYS B 210 19.15 -37.68 1.41
C LYS B 210 19.15 -36.18 1.65
N THR B 211 18.25 -35.74 2.52
CA THR B 211 18.22 -34.36 2.98
C THR B 211 18.78 -34.31 4.39
N GLU B 212 19.72 -33.37 4.62
CA GLU B 212 20.53 -33.44 5.84
C GLU B 212 19.82 -32.84 7.04
N ILE B 213 19.11 -31.72 6.87
CA ILE B 213 18.60 -30.98 8.02
C ILE B 213 17.29 -31.57 8.52
N ALA B 214 16.32 -31.77 7.63
CA ALA B 214 15.01 -32.23 8.07
C ALA B 214 14.42 -33.16 7.01
N GLN B 215 13.40 -33.91 7.42
CA GLN B 215 12.73 -34.83 6.50
C GLN B 215 11.85 -34.04 5.54
N ARG B 216 12.18 -34.11 4.26
CA ARG B 216 11.43 -33.41 3.23
C ARG B 216 10.80 -34.41 2.27
N ASN B 217 9.96 -33.89 1.39
CA ASN B 217 9.43 -34.65 0.27
C ASN B 217 10.11 -34.15 -1.00
N LEU B 218 10.84 -35.03 -1.67
CA LEU B 218 11.50 -34.69 -2.90
C LEU B 218 10.62 -35.09 -4.08
N ILE B 219 10.48 -34.19 -5.04
CA ILE B 219 9.69 -34.43 -6.23
C ILE B 219 10.66 -34.39 -7.39
N ILE B 220 11.04 -35.56 -7.89
CA ILE B 220 12.07 -35.64 -8.93
C ILE B 220 11.42 -35.33 -10.28
N HIS B 221 11.92 -34.30 -10.95
CA HIS B 221 11.37 -33.93 -12.25
C HIS B 221 11.56 -35.08 -13.22
N PRO B 222 10.55 -35.42 -14.03
CA PRO B 222 10.61 -36.67 -14.80
C PRO B 222 11.74 -36.75 -15.79
N GLU B 223 12.30 -35.62 -16.21
CA GLU B 223 13.36 -35.61 -17.21
C GLU B 223 14.74 -35.72 -16.60
N SER B 224 14.79 -35.87 -15.27
CA SER B 224 16.09 -36.06 -14.58
C SER B 224 16.62 -37.45 -14.92
N GLY B 225 17.93 -37.58 -15.10
CA GLY B 225 18.53 -38.85 -15.40
C GLY B 225 20.03 -38.83 -15.20
N ILE B 226 20.68 -39.85 -15.74
CA ILE B 226 22.12 -40.03 -15.62
C ILE B 226 22.67 -40.35 -17.00
N LYS B 227 23.32 -39.39 -17.63
CA LYS B 227 23.96 -39.67 -18.91
C LYS B 227 25.10 -40.65 -18.73
N PHE B 228 25.43 -41.36 -19.81
CA PHE B 228 26.55 -42.30 -19.83
C PHE B 228 27.41 -41.93 -21.04
N ARG B 229 28.29 -40.95 -20.86
CA ARG B 229 29.22 -40.65 -21.94
C ARG B 229 30.32 -41.70 -21.97
N MET B 230 30.95 -41.81 -23.13
CA MET B 230 32.05 -42.76 -23.32
C MET B 230 33.35 -42.07 -22.93
N ASN B 231 34.08 -42.68 -22.00
CA ASN B 231 35.36 -42.13 -21.55
C ASN B 231 36.45 -42.70 -22.44
N PHE B 232 36.45 -42.29 -23.70
CA PHE B 232 37.40 -42.78 -24.68
C PHE B 232 38.71 -41.99 -24.60
N GLU B 233 39.68 -42.40 -25.42
CA GLU B 233 41.02 -41.86 -25.35
C GLU B 233 41.02 -40.35 -25.54
N GLN B 234 41.61 -39.65 -24.57
CA GLN B 234 41.64 -38.19 -24.61
C GLN B 234 42.39 -37.67 -25.83
N GLY B 235 43.36 -38.44 -26.33
CA GLY B 235 44.11 -38.01 -27.50
C GLY B 235 43.19 -37.74 -28.68
N LEU B 236 42.20 -38.60 -28.86
CA LEU B 236 41.11 -38.33 -29.80
C LEU B 236 40.19 -37.23 -29.31
N ARG B 237 39.84 -37.25 -28.02
CA ARG B 237 38.94 -36.24 -27.46
C ARG B 237 39.56 -34.85 -27.50
N ASN B 238 40.86 -34.75 -27.17
CA ASN B 238 41.54 -33.47 -27.28
C ASN B 238 41.52 -32.97 -28.72
N LEU B 239 41.87 -33.83 -29.67
CA LEU B 239 41.79 -33.44 -31.07
C LEU B 239 40.34 -33.19 -31.48
N MET B 240 39.40 -34.01 -31.00
CA MET B 240 37.99 -33.72 -31.23
C MET B 240 37.61 -32.38 -30.63
N LEU B 241 38.11 -32.08 -29.43
CA LEU B 241 37.96 -30.73 -28.89
C LEU B 241 38.63 -29.71 -29.79
N ARG B 242 39.83 -30.02 -30.29
CA ARG B 242 40.49 -29.15 -31.24
C ARG B 242 39.77 -29.13 -32.59
N LYS B 243 38.97 -30.14 -32.89
CA LYS B 243 38.08 -30.11 -34.05
C LYS B 243 36.75 -29.45 -33.72
N ARG B 244 36.25 -29.68 -32.52
CA ARG B 244 34.98 -29.04 -32.12
C ARG B 244 35.20 -27.53 -32.02
N PHE B 245 36.15 -27.10 -31.18
CA PHE B 245 36.43 -25.66 -31.00
C PHE B 245 36.60 -25.01 -32.38
N LEU B 246 37.46 -25.57 -33.23
CA LEU B 246 37.72 -24.91 -34.51
C LEU B 246 36.44 -24.75 -35.32
N SER B 247 35.62 -25.81 -35.40
CA SER B 247 34.39 -25.74 -36.18
C SER B 247 33.42 -24.72 -35.60
N TYR B 248 33.25 -24.73 -34.27
CA TYR B 248 32.36 -23.76 -33.64
C TYR B 248 32.83 -22.33 -33.88
N ILE B 249 34.12 -22.08 -33.66
CA ILE B 249 34.65 -20.73 -33.86
C ILE B 249 34.49 -20.32 -35.31
N ILE B 250 34.81 -21.21 -36.25
CA ILE B 250 34.76 -20.86 -37.67
C ILE B 250 33.33 -20.52 -38.08
N GLY B 251 32.37 -21.39 -37.73
CA GLY B 251 30.99 -21.15 -38.13
C GLY B 251 30.42 -19.89 -37.50
N ILE B 252 30.61 -19.73 -36.18
CA ILE B 252 30.08 -18.56 -35.50
C ILE B 252 30.72 -17.29 -36.04
N SER B 253 32.03 -17.31 -36.26
CA SER B 253 32.71 -16.13 -36.78
C SER B 253 32.22 -15.79 -38.18
N ILE B 254 32.06 -16.79 -39.05
CA ILE B 254 31.61 -16.52 -40.41
C ILE B 254 30.23 -15.89 -40.39
N PHE B 255 29.27 -16.53 -39.70
CA PHE B 255 27.91 -16.02 -39.70
C PHE B 255 27.84 -14.64 -39.06
N HIS B 256 28.48 -14.47 -37.90
CA HIS B 256 28.43 -13.21 -37.19
C HIS B 256 29.09 -12.10 -38.01
N CYS B 257 30.26 -12.35 -38.59
CA CYS B 257 30.95 -11.33 -39.35
C CYS B 257 30.14 -10.92 -40.58
N ILE B 258 29.60 -11.90 -41.31
CA ILE B 258 28.80 -11.57 -42.48
C ILE B 258 27.58 -10.73 -42.09
N ILE B 259 26.83 -11.19 -41.09
CA ILE B 259 25.60 -10.50 -40.73
C ILE B 259 25.91 -9.13 -40.14
N CYS B 260 27.01 -8.98 -39.40
CA CYS B 260 27.37 -7.69 -38.81
C CYS B 260 27.79 -6.70 -39.90
N VAL B 261 28.62 -7.15 -40.83
CA VAL B 261 29.05 -6.26 -41.92
C VAL B 261 27.85 -5.84 -42.75
N LEU B 262 26.90 -6.75 -42.97
CA LEU B 262 25.69 -6.39 -43.70
C LEU B 262 24.83 -5.41 -42.90
N PHE B 263 24.79 -5.56 -41.58
CA PHE B 263 23.95 -4.70 -40.75
C PHE B 263 24.59 -3.35 -40.44
N PHE B 264 25.89 -3.20 -40.67
CA PHE B 264 26.56 -1.94 -40.37
C PHE B 264 26.20 -0.88 -41.40
N TYR C 17 7.48 54.01 -12.26
CA TYR C 17 7.68 55.29 -11.60
C TYR C 17 6.37 55.79 -10.99
N ILE C 18 5.30 55.05 -11.24
CA ILE C 18 3.97 55.45 -10.77
C ILE C 18 3.42 54.50 -9.70
N VAL C 19 3.93 53.27 -9.62
CA VAL C 19 3.41 52.32 -8.63
C VAL C 19 3.71 52.79 -7.20
N VAL C 20 4.79 53.56 -7.02
CA VAL C 20 5.09 54.12 -5.71
C VAL C 20 3.98 55.09 -5.29
N ALA C 21 3.59 55.98 -6.21
CA ALA C 21 2.47 56.87 -5.93
C ALA C 21 1.16 56.11 -5.79
N PHE C 22 1.05 54.97 -6.48
CA PHE C 22 -0.12 54.12 -6.33
C PHE C 22 -0.22 53.59 -4.89
N LEU C 23 0.91 53.14 -4.34
CA LEU C 23 0.91 52.70 -2.94
C LEU C 23 0.70 53.86 -1.98
N ILE C 24 1.24 55.04 -2.32
CA ILE C 24 0.98 56.22 -1.50
C ILE C 24 -0.51 56.51 -1.46
N GLN C 25 -1.18 56.42 -2.62
CA GLN C 25 -2.62 56.61 -2.67
C GLN C 25 -3.34 55.53 -1.88
N LEU C 26 -2.85 54.30 -1.91
CA LEU C 26 -3.44 53.25 -1.09
C LEU C 26 -3.35 53.59 0.39
N LEU C 27 -2.14 53.93 0.86
CA LEU C 27 -1.91 54.24 2.25
C LEU C 27 -2.53 55.57 2.67
N ILE C 28 -3.07 56.31 1.71
CA ILE C 28 -3.79 57.57 2.04
C ILE C 28 -5.29 57.26 1.99
N ILE C 29 -5.76 56.59 0.93
CA ILE C 29 -7.21 56.29 0.76
C ILE C 29 -7.65 55.24 1.77
N LEU C 30 -7.02 54.06 1.78
CA LEU C 30 -7.48 52.95 2.68
C LEU C 30 -7.58 53.43 4.14
N PRO C 31 -6.52 53.95 4.81
CA PRO C 31 -6.69 54.50 6.17
C PRO C 31 -7.78 55.55 6.27
N LEU C 32 -7.83 56.50 5.33
CA LEU C 32 -8.93 57.50 5.35
C LEU C 32 -10.28 56.78 5.22
N SER C 33 -10.36 55.77 4.34
CA SER C 33 -11.61 55.01 4.12
C SER C 33 -12.04 54.34 5.42
N ILE C 34 -11.13 53.63 6.09
CA ILE C 34 -11.56 53.03 7.35
C ILE C 34 -11.93 54.10 8.36
N LEU C 35 -11.27 55.27 8.33
CA LEU C 35 -11.65 56.34 9.24
C LEU C 35 -13.06 56.86 8.94
N ILE C 36 -13.36 57.10 7.66
CA ILE C 36 -14.70 57.54 7.30
C ILE C 36 -15.73 56.43 7.55
N TYR C 37 -15.29 55.18 7.42
CA TYR C 37 -16.17 54.06 7.73
C TYR C 37 -16.52 54.02 9.21
N HIS C 38 -15.55 54.29 10.08
CA HIS C 38 -15.84 54.42 11.50
C HIS C 38 -16.63 55.68 11.78
N ASP C 39 -16.51 56.71 10.93
CA ASP C 39 -17.39 57.87 11.05
C ASP C 39 -18.84 57.47 10.80
N PHE C 40 -19.09 56.66 9.76
CA PHE C 40 -20.43 56.14 9.53
C PHE C 40 -20.89 55.25 10.67
N TYR C 41 -19.99 54.45 11.24
CA TYR C 41 -20.37 53.71 12.45
C TYR C 41 -20.76 54.65 13.58
N LEU C 42 -20.01 55.72 13.77
CA LEU C 42 -20.31 56.66 14.85
C LEU C 42 -21.65 57.34 14.66
N ARG C 43 -21.98 57.74 13.43
CA ARG C 43 -23.23 58.47 13.22
C ARG C 43 -24.43 57.54 13.06
N LEU C 44 -24.33 56.55 12.18
CA LEU C 44 -25.45 55.64 11.95
C LEU C 44 -25.73 54.78 13.18
N LEU C 45 -24.69 54.15 13.72
CA LEU C 45 -24.85 53.36 14.92
C LEU C 45 -24.54 54.19 16.15
N PRO C 46 -25.09 53.84 17.32
CA PRO C 46 -24.65 54.48 18.57
C PRO C 46 -23.25 54.10 18.97
N ALA C 47 -22.60 53.20 18.23
CA ALA C 47 -21.25 52.65 18.46
C ALA C 47 -21.21 51.73 19.67
N ASP C 48 -22.33 51.55 20.38
CA ASP C 48 -22.37 50.62 21.50
C ASP C 48 -23.69 49.84 21.50
N SER C 49 -24.25 49.59 20.33
CA SER C 49 -25.50 48.84 20.25
C SER C 49 -25.26 47.36 20.49
N SER C 50 -24.43 46.73 19.67
CA SER C 50 -24.16 45.31 19.82
C SER C 50 -23.30 45.06 21.05
N ASN C 51 -23.41 43.85 21.59
CA ASN C 51 -22.66 43.48 22.78
C ASN C 51 -22.43 41.97 22.75
N VAL C 52 -21.21 41.57 22.34
CA VAL C 52 -20.86 40.13 22.29
C VAL C 52 -20.68 39.63 23.72
N VAL C 53 -21.54 38.70 24.15
CA VAL C 53 -21.48 38.15 25.49
C VAL C 53 -21.02 36.70 25.38
N PRO C 54 -19.78 36.38 25.75
CA PRO C 54 -19.30 35.00 25.65
C PRO C 54 -20.04 34.07 26.60
N LEU C 55 -20.18 32.81 26.17
CA LEU C 55 -20.86 31.83 27.01
C LEU C 55 -20.18 31.67 28.35
N ASN C 56 -18.85 31.76 28.39
CA ASN C 56 -18.16 31.52 29.66
C ASN C 56 -18.44 32.61 30.68
N THR C 57 -19.07 33.71 30.28
CA THR C 57 -19.50 34.72 31.24
C THR C 57 -20.86 34.41 31.84
N PHE C 58 -21.51 33.33 31.42
CA PHE C 58 -22.73 32.86 32.06
C PHE C 58 -22.34 32.06 33.30
N ASN C 59 -23.32 31.44 33.94
CA ASN C 59 -23.07 30.56 35.08
C ASN C 59 -23.34 29.13 34.63
N ILE C 60 -22.28 28.39 34.30
CA ILE C 60 -22.44 27.03 33.84
C ILE C 60 -23.01 26.18 34.97
N LEU C 61 -23.89 25.25 34.62
CA LEU C 61 -24.42 24.30 35.59
C LEU C 61 -24.76 23.02 34.82
N ASN C 62 -24.01 21.96 35.07
CA ASN C 62 -24.15 20.74 34.31
C ASN C 62 -25.36 19.94 34.79
N GLY C 63 -25.59 18.82 34.13
CA GLY C 63 -26.68 17.92 34.51
C GLY C 63 -26.64 16.68 33.65
N VAL C 64 -27.59 15.79 33.91
CA VAL C 64 -27.76 14.58 33.12
C VAL C 64 -29.06 14.62 32.32
N GLN C 65 -30.15 15.03 32.96
CA GLN C 65 -31.42 15.17 32.24
C GLN C 65 -31.33 16.30 31.22
N PHE C 66 -30.67 17.39 31.58
CA PHE C 66 -30.33 18.47 30.66
C PHE C 66 -28.82 18.55 30.57
N GLY C 67 -28.32 18.93 29.40
CA GLY C 67 -26.88 19.06 29.23
C GLY C 67 -26.35 20.28 29.93
N THR C 68 -25.24 20.82 29.45
CA THR C 68 -24.74 22.07 29.99
C THR C 68 -25.78 23.16 29.78
N LYS C 69 -26.09 23.91 30.83
CA LYS C 69 -26.95 25.08 30.70
C LYS C 69 -26.15 26.30 31.12
N PHE C 70 -26.24 27.34 30.30
CA PHE C 70 -25.61 28.63 30.60
C PHE C 70 -26.72 29.61 30.91
N PHE C 71 -26.67 30.21 32.10
CA PHE C 71 -27.66 31.20 32.48
C PHE C 71 -26.96 32.40 33.09
N GLN C 72 -27.61 33.55 33.00
CA GLN C 72 -27.07 34.78 33.55
C GLN C 72 -28.18 35.81 33.62
N SER C 73 -28.37 36.39 34.80
CA SER C 73 -29.42 37.37 34.98
C SER C 73 -29.13 38.63 34.16
N ILE C 74 -30.09 39.54 34.16
CA ILE C 74 -30.02 40.77 33.36
C ILE C 74 -30.24 41.96 34.28
N LYS C 75 -29.36 42.96 34.16
CA LYS C 75 -29.55 44.24 34.83
C LYS C 75 -30.14 45.23 33.85
N SER C 76 -31.15 45.96 34.29
CA SER C 76 -31.86 46.91 33.42
C SER C 76 -31.21 48.28 33.55
N ILE C 77 -30.80 48.84 32.41
CA ILE C 77 -30.02 50.06 32.39
C ILE C 77 -30.97 51.23 32.13
N PRO C 78 -31.16 52.15 33.06
CA PRO C 78 -31.99 53.32 32.80
C PRO C 78 -31.45 54.16 31.64
N VAL C 79 -32.37 54.78 30.90
CA VAL C 79 -31.99 55.53 29.72
C VAL C 79 -31.15 56.73 30.12
N GLY C 80 -30.15 57.05 29.29
CA GLY C 80 -29.26 58.15 29.57
C GLY C 80 -27.96 57.69 30.21
N THR C 81 -28.06 56.73 31.12
CA THR C 81 -26.87 56.14 31.71
C THR C 81 -26.03 55.48 30.64
N ASP C 82 -24.71 55.65 30.73
CA ASP C 82 -23.82 55.05 29.75
C ASP C 82 -23.93 53.52 29.81
N LEU C 83 -23.83 52.90 28.65
CA LEU C 83 -24.03 51.46 28.55
C LEU C 83 -22.75 50.74 28.93
N PRO C 84 -22.78 49.83 29.90
CA PRO C 84 -21.57 49.05 30.22
C PRO C 84 -21.18 48.15 29.07
N GLN C 85 -20.06 47.44 29.23
CA GLN C 85 -19.55 46.57 28.19
C GLN C 85 -19.21 45.22 28.81
N THR C 86 -19.65 44.15 28.18
CA THR C 86 -19.36 42.81 28.68
C THR C 86 -17.90 42.48 28.38
N ILE C 87 -17.04 42.67 29.36
CA ILE C 87 -15.63 42.35 29.18
C ILE C 87 -15.47 40.84 29.15
N ASP C 88 -14.59 40.39 28.25
CA ASP C 88 -14.28 38.94 28.13
C ASP C 88 -13.27 38.54 29.20
N ASN C 89 -13.55 38.88 30.46
CA ASN C 89 -12.69 38.46 31.59
C ASN C 89 -13.02 37.02 31.93
N GLY C 90 -13.97 36.43 31.24
CA GLY C 90 -14.40 35.05 31.57
C GLY C 90 -15.06 34.98 32.94
N LEU C 91 -15.12 36.12 33.64
CA LEU C 91 -15.78 36.17 34.96
C LEU C 91 -17.29 36.34 34.78
N SER C 92 -18.09 35.71 35.64
CA SER C 92 -19.57 35.89 35.58
C SER C 92 -19.91 37.36 35.74
N GLN C 93 -20.77 37.90 34.87
CA GLN C 93 -21.09 39.32 34.92
C GLN C 93 -22.39 39.58 34.18
N LEU C 94 -23.26 40.36 34.81
CA LEU C 94 -24.64 40.49 34.34
C LEU C 94 -24.70 41.15 32.96
N ILE C 95 -25.69 40.75 32.18
CA ILE C 95 -25.83 41.25 30.82
C ILE C 95 -26.45 42.65 30.87
N PRO C 96 -25.86 43.65 30.21
CA PRO C 96 -26.47 44.97 30.14
C PRO C 96 -27.32 45.15 28.89
N MET C 97 -28.50 45.75 29.09
CA MET C 97 -29.43 45.98 27.95
C MET C 97 -30.50 46.99 28.42
N ARG C 98 -30.88 47.93 27.56
CA ARG C 98 -31.84 48.99 27.98
C ARG C 98 -33.22 48.42 28.31
N ASP C 99 -33.70 48.68 29.53
CA ASP C 99 -35.04 48.19 29.98
C ASP C 99 -36.08 48.41 28.87
N ASN C 100 -36.25 49.65 28.41
CA ASN C 100 -37.28 49.95 27.37
C ASN C 100 -36.63 49.90 25.98
N MET C 101 -36.18 48.70 25.57
CA MET C 101 -35.57 48.53 24.22
C MET C 101 -35.66 47.06 23.81
N GLU C 102 -36.13 46.78 22.59
CA GLU C 102 -36.20 45.39 22.09
C GLU C 102 -34.78 44.94 21.70
N TYR C 103 -34.42 43.69 22.02
CA TYR C 103 -33.11 43.17 21.67
C TYR C 103 -33.26 41.84 20.94
N LYS C 104 -32.42 41.65 19.92
CA LYS C 104 -32.46 40.47 19.06
C LYS C 104 -31.13 39.75 19.15
N LEU C 105 -31.17 38.49 19.57
CA LEU C 105 -29.97 37.73 19.87
C LEU C 105 -29.37 37.13 18.60
N ASP C 106 -28.13 36.67 18.74
CA ASP C 106 -27.39 35.92 17.71
C ASP C 106 -26.54 34.89 18.44
N LEU C 107 -27.05 33.67 18.56
CA LEU C 107 -26.32 32.59 19.19
C LEU C 107 -25.21 32.13 18.27
N ASN C 108 -23.96 32.24 18.71
CA ASN C 108 -22.80 31.84 17.95
C ASN C 108 -21.92 30.95 18.82
N LEU C 109 -22.21 29.66 18.82
CA LEU C 109 -21.42 28.71 19.59
C LEU C 109 -20.78 27.70 18.66
N GLN C 110 -19.50 27.45 18.89
CA GLN C 110 -18.76 26.39 18.23
C GLN C 110 -18.09 25.55 19.30
N LEU C 111 -17.99 24.25 19.06
CA LEU C 111 -17.61 23.32 20.11
C LEU C 111 -16.98 22.08 19.50
N TYR C 112 -16.35 21.29 20.35
CA TYR C 112 -15.91 19.95 20.00
C TYR C 112 -16.78 18.95 20.74
N CYS C 113 -16.74 17.71 20.29
CA CYS C 113 -17.45 16.64 20.99
C CYS C 113 -16.54 15.44 21.09
N GLN C 114 -16.77 14.63 22.12
CA GLN C 114 -15.84 13.56 22.45
C GLN C 114 -16.53 12.58 23.38
N SER C 115 -16.07 11.34 23.39
CA SER C 115 -16.72 10.33 24.22
C SER C 115 -15.80 9.14 24.42
N LYS C 116 -15.61 8.73 25.68
CA LYS C 116 -14.79 7.52 25.98
C LYS C 116 -15.50 6.29 25.41
N THR C 117 -16.81 6.13 25.67
CA THR C 117 -17.55 5.02 25.08
C THR C 117 -17.57 5.16 23.57
N ASP C 118 -17.04 4.14 22.88
CA ASP C 118 -17.03 4.13 21.38
C ASP C 118 -18.44 3.77 20.91
N HIS C 119 -19.46 4.45 21.43
CA HIS C 119 -20.85 4.09 21.09
C HIS C 119 -21.22 4.66 19.72
N LEU C 120 -21.20 5.99 19.56
CA LEU C 120 -21.70 6.60 18.30
C LEU C 120 -20.68 7.62 17.74
N ASN C 121 -20.78 7.97 16.45
CA ASN C 121 -19.75 8.85 15.82
C ASN C 121 -20.37 10.17 15.35
N LEU C 122 -21.69 10.19 15.18
CA LEU C 122 -22.38 11.40 14.76
C LEU C 122 -23.60 11.56 15.64
N ASP C 123 -23.83 12.77 16.14
CA ASP C 123 -24.86 12.96 17.14
C ASP C 123 -25.60 14.26 16.90
N ASN C 124 -26.63 14.51 17.71
CA ASN C 124 -27.59 15.57 17.48
C ASN C 124 -27.67 16.46 18.71
N LEU C 125 -27.13 17.67 18.60
CA LEU C 125 -27.11 18.59 19.73
C LEU C 125 -28.42 19.36 19.78
N LEU C 126 -29.04 19.38 20.96
CA LEU C 126 -30.30 20.08 21.17
C LEU C 126 -30.03 21.38 21.91
N ILE C 127 -30.51 22.48 21.36
CA ILE C 127 -30.31 23.81 21.93
C ILE C 127 -31.67 24.36 22.34
N ASP C 128 -31.79 24.74 23.60
CA ASP C 128 -33.00 25.38 24.10
C ASP C 128 -32.62 26.71 24.75
N VAL C 129 -33.38 27.74 24.46
CA VAL C 129 -33.11 29.08 24.98
C VAL C 129 -34.36 29.54 25.74
N TYR C 130 -34.30 29.45 27.06
CA TYR C 130 -35.39 29.89 27.90
C TYR C 130 -35.20 31.34 28.33
N ARG C 131 -36.22 31.89 28.99
CA ARG C 131 -36.12 33.14 29.70
C ARG C 131 -36.98 33.05 30.95
N GLY C 132 -36.94 34.08 31.78
CA GLY C 132 -37.60 34.03 33.06
C GLY C 132 -38.42 35.26 33.36
N PRO C 133 -39.67 35.05 33.80
CA PRO C 133 -40.57 36.14 34.18
C PRO C 133 -40.35 36.58 35.62
N ASP C 147 -37.96 30.18 32.51
CA ASP C 147 -39.16 29.43 32.83
C ASP C 147 -40.05 29.27 31.61
N GLU C 148 -39.96 30.23 30.69
CA GLU C 148 -40.76 30.24 29.47
C GLU C 148 -39.84 30.07 28.28
N LYS C 149 -40.03 29.00 27.51
CA LYS C 149 -39.13 28.69 26.41
C LYS C 149 -39.35 29.66 25.24
N ILE C 150 -38.26 30.08 24.63
CA ILE C 150 -38.28 30.94 23.46
C ILE C 150 -37.92 30.18 22.20
N PHE C 151 -36.75 29.56 22.18
CA PHE C 151 -36.21 29.01 20.95
C PHE C 151 -35.66 27.62 21.22
N HIS C 152 -35.92 26.72 20.28
CA HIS C 152 -35.40 25.37 20.35
C HIS C 152 -34.99 24.95 18.96
N THR C 153 -33.84 24.29 18.87
CA THR C 153 -33.38 23.78 17.59
C THR C 153 -32.51 22.57 17.85
N SER C 154 -32.13 21.91 16.77
CA SER C 154 -31.20 20.81 16.83
C SER C 154 -30.20 21.00 15.70
N ARG C 155 -29.01 20.45 15.88
CA ARG C 155 -27.99 20.55 14.87
C ARG C 155 -27.21 19.25 14.91
N PRO C 156 -27.08 18.56 13.80
CA PRO C 156 -26.28 17.34 13.79
C PRO C 156 -24.81 17.67 13.94
N ILE C 157 -24.27 17.40 15.10
CA ILE C 157 -22.86 17.66 15.37
C ILE C 157 -22.08 16.39 15.12
N VAL C 158 -20.82 16.54 14.78
CA VAL C 158 -19.94 15.40 14.60
C VAL C 158 -19.09 15.27 15.84
N CYS C 159 -18.80 14.03 16.23
CA CYS C 159 -18.22 13.75 17.53
C CYS C 159 -17.00 12.86 17.38
N LEU C 160 -15.97 13.14 18.18
CA LEU C 160 -14.80 12.29 18.22
C LEU C 160 -15.15 10.94 18.84
N ALA C 161 -14.30 9.96 18.56
CA ALA C 161 -14.50 8.61 19.07
C ALA C 161 -13.17 7.88 19.06
N LEU C 162 -13.11 6.76 19.79
CA LEU C 162 -11.83 6.02 19.92
C LEU C 162 -11.30 5.60 18.54
N THR C 163 -12.18 5.11 17.66
CA THR C 163 -11.72 4.63 16.36
C THR C 163 -11.57 5.77 15.35
N ASP C 164 -10.90 6.84 15.75
CA ASP C 164 -10.60 7.95 14.85
C ASP C 164 -9.11 8.23 14.90
N SER C 165 -8.48 8.23 13.74
CA SER C 165 -7.04 8.42 13.63
C SER C 165 -6.76 9.53 12.64
N MET C 166 -5.67 10.24 12.87
CA MET C 166 -5.33 11.42 12.09
C MET C 166 -4.35 10.98 11.02
N SER C 167 -4.81 10.96 9.78
CA SER C 167 -3.99 10.43 8.71
C SER C 167 -2.82 11.37 8.43
N PRO C 168 -1.69 10.83 7.95
CA PRO C 168 -0.55 11.70 7.64
C PRO C 168 -0.85 12.79 6.63
N GLN C 169 -1.65 12.44 5.62
CA GLN C 169 -2.03 13.43 4.57
C GLN C 169 -2.88 14.54 5.19
N GLU C 170 -3.75 14.18 6.14
CA GLU C 170 -4.56 15.21 6.85
C GLU C 170 -3.62 16.20 7.54
N ILE C 171 -2.54 15.70 8.15
CA ILE C 171 -1.58 16.57 8.81
C ILE C 171 -0.84 17.42 7.79
N GLU C 172 -0.51 16.83 6.64
CA GLU C 172 0.16 17.61 5.60
C GLU C 172 -0.73 18.74 5.10
N GLN C 173 -2.00 18.44 4.82
CA GLN C 173 -2.89 19.45 4.16
C GLN C 173 -3.57 20.40 5.14
N LEU C 174 -4.20 19.90 6.21
CA LEU C 174 -5.01 20.77 7.11
C LEU C 174 -4.12 21.51 8.12
N GLY C 175 -2.86 21.81 7.76
CA GLY C 175 -1.94 22.52 8.67
C GLY C 175 -1.20 21.53 9.56
N PRO C 176 0.11 21.72 9.81
CA PRO C 176 0.88 20.74 10.61
C PRO C 176 0.39 20.62 12.03
N SER C 177 -0.15 21.68 12.62
CA SER C 177 -0.56 21.64 14.01
C SER C 177 -1.87 20.88 14.12
N ARG C 178 -1.87 19.80 14.91
CA ARG C 178 -3.07 18.97 15.03
C ARG C 178 -4.22 19.71 15.67
N LEU C 179 -3.94 20.70 16.52
CA LEU C 179 -5.03 21.52 17.02
C LEU C 179 -5.71 22.25 15.87
N ASP C 180 -4.93 22.74 14.92
CA ASP C 180 -5.52 23.36 13.74
C ASP C 180 -6.22 22.33 12.87
N VAL C 181 -5.76 21.09 12.87
CA VAL C 181 -6.44 20.06 12.11
C VAL C 181 -7.82 19.78 12.70
N TYR C 182 -7.88 19.62 14.02
CA TYR C 182 -9.17 19.46 14.69
C TYR C 182 -10.06 20.67 14.47
N ASP C 183 -9.47 21.87 14.46
CA ASP C 183 -10.27 23.06 14.17
C ASP C 183 -10.86 23.00 12.78
N GLU C 184 -10.08 22.55 11.80
CA GLU C 184 -10.57 22.50 10.42
C GLU C 184 -11.56 21.38 10.20
N GLU C 185 -11.45 20.29 10.95
CA GLU C 185 -12.13 19.05 10.60
C GLU C 185 -13.21 18.64 11.59
N TRP C 186 -12.94 18.67 12.89
CA TRP C 186 -13.90 18.21 13.88
C TRP C 186 -14.67 19.33 14.55
N LEU C 187 -14.22 20.57 14.44
CA LEU C 187 -14.99 21.68 14.99
C LEU C 187 -16.27 21.85 14.22
N ASN C 188 -17.36 22.14 14.93
CA ASN C 188 -18.66 22.29 14.29
C ASN C 188 -19.32 23.57 14.78
N THR C 189 -19.24 24.60 13.97
CA THR C 189 -19.87 25.88 14.29
C THR C 189 -21.38 25.75 14.22
N ILE C 190 -22.06 26.52 15.08
CA ILE C 190 -23.51 26.56 15.09
C ILE C 190 -23.96 28.01 15.19
N ARG C 191 -24.36 28.60 14.08
CA ARG C 191 -24.82 29.98 14.05
C ARG C 191 -26.34 30.01 14.07
N ILE C 192 -26.90 30.85 14.94
CA ILE C 192 -28.34 31.10 14.98
C ILE C 192 -28.51 32.61 14.86
N GLU C 193 -29.12 33.04 13.75
CA GLU C 193 -29.24 34.46 13.44
C GLU C 193 -30.70 34.86 13.37
N ASP C 194 -31.06 35.94 14.07
CA ASP C 194 -32.37 36.58 14.00
C ASP C 194 -33.50 35.70 14.52
N LYS C 195 -33.19 34.54 15.10
CA LYS C 195 -34.24 33.63 15.52
C LYS C 195 -34.69 33.85 16.96
N ILE C 196 -34.00 34.68 17.73
CA ILE C 196 -34.33 34.88 19.13
C ILE C 196 -34.49 36.37 19.40
N SER C 197 -35.51 36.72 20.18
CA SER C 197 -35.76 38.09 20.59
C SER C 197 -36.02 38.11 22.08
N LEU C 198 -35.42 39.08 22.77
CA LEU C 198 -35.46 39.11 24.23
C LEU C 198 -35.76 40.51 24.71
N GLU C 199 -36.64 40.59 25.71
CA GLU C 199 -37.00 41.91 26.31
C GLU C 199 -36.27 42.05 27.65
N SER C 200 -35.74 43.25 27.92
CA SER C 200 -35.01 43.51 29.19
C SER C 200 -35.99 43.51 30.37
N SER C 201 -37.28 43.68 30.09
CA SER C 201 -38.27 43.54 31.16
C SER C 201 -38.24 42.15 31.75
N TYR C 202 -37.70 41.17 31.02
CA TYR C 202 -37.48 39.84 31.53
C TYR C 202 -36.18 39.82 32.32
N GLU C 203 -35.73 38.64 32.72
CA GLU C 203 -34.43 38.47 33.35
C GLU C 203 -34.07 37.00 33.30
N THR C 204 -32.80 36.72 33.58
CA THR C 204 -32.30 35.36 33.68
C THR C 204 -32.55 34.57 32.39
N ILE C 205 -31.95 35.06 31.31
CA ILE C 205 -31.86 34.26 30.10
C ILE C 205 -31.06 32.99 30.41
N SER C 206 -31.33 31.94 29.65
CA SER C 206 -30.62 30.69 29.85
C SER C 206 -30.60 29.90 28.54
N VAL C 207 -29.47 29.28 28.25
CA VAL C 207 -29.28 28.50 27.05
C VAL C 207 -28.86 27.09 27.45
N PHE C 208 -29.60 26.09 26.99
CA PHE C 208 -29.26 24.70 27.25
C PHE C 208 -28.56 24.10 26.05
N LEU C 209 -27.71 23.12 26.31
CA LEU C 209 -27.01 22.38 25.26
C LEU C 209 -26.96 20.92 25.69
N LYS C 210 -27.91 20.13 25.22
CA LYS C 210 -28.01 18.72 25.58
C LYS C 210 -27.84 17.87 24.33
N THR C 211 -26.72 17.16 24.25
CA THR C 211 -26.60 16.10 23.27
C THR C 211 -27.59 14.99 23.61
N GLU C 212 -28.32 14.52 22.61
CA GLU C 212 -29.50 13.70 22.88
C GLU C 212 -29.24 12.20 22.82
N ILE C 213 -28.44 11.71 21.87
CA ILE C 213 -28.34 10.27 21.68
C ILE C 213 -27.58 9.62 22.83
N ALA C 214 -26.45 10.19 23.22
CA ALA C 214 -25.64 9.62 24.27
C ALA C 214 -24.90 10.73 25.01
N GLN C 215 -24.42 10.40 26.20
CA GLN C 215 -23.60 11.34 26.95
C GLN C 215 -22.36 11.68 26.16
N ARG C 216 -22.02 12.97 26.12
CA ARG C 216 -20.87 13.42 25.36
C ARG C 216 -20.12 14.47 26.17
N ASN C 217 -18.84 14.61 25.86
CA ASN C 217 -18.01 15.65 26.45
C ASN C 217 -17.99 16.83 25.49
N LEU C 218 -18.64 17.93 25.88
CA LEU C 218 -18.73 19.11 25.05
C LEU C 218 -17.63 20.08 25.45
N ILE C 219 -16.77 20.43 24.49
CA ILE C 219 -15.68 21.36 24.71
C ILE C 219 -16.06 22.64 23.97
N ILE C 220 -16.63 23.60 24.70
CA ILE C 220 -17.11 24.83 24.08
C ILE C 220 -15.92 25.70 23.73
N HIS C 221 -15.82 26.10 22.47
CA HIS C 221 -14.73 26.94 22.03
C HIS C 221 -14.77 28.28 22.77
N PRO C 222 -13.63 28.82 23.17
CA PRO C 222 -13.65 30.00 24.05
C PRO C 222 -14.32 31.21 23.44
N GLU C 223 -14.24 31.39 22.13
CA GLU C 223 -14.73 32.59 21.47
C GLU C 223 -16.18 32.46 21.03
N SER C 224 -16.93 31.60 21.73
CA SER C 224 -18.36 31.42 21.41
C SER C 224 -19.17 32.36 22.31
N GLY C 225 -20.09 33.13 21.72
CA GLY C 225 -20.89 34.04 22.50
C GLY C 225 -22.30 34.25 21.97
N ILE C 226 -22.93 35.34 22.38
CA ILE C 226 -24.30 35.68 21.99
C ILE C 226 -24.35 37.17 21.73
N LYS C 227 -24.44 37.54 20.45
CA LYS C 227 -24.45 38.98 20.07
C LYS C 227 -25.81 39.61 20.35
N PHE C 228 -25.92 40.38 21.44
CA PHE C 228 -27.15 41.09 21.75
C PHE C 228 -27.22 42.34 20.88
N ARG C 229 -28.05 42.30 19.84
CA ARG C 229 -28.26 43.43 18.96
C ARG C 229 -29.49 44.23 19.38
N MET C 230 -29.59 45.43 18.85
CA MET C 230 -30.64 46.37 19.27
C MET C 230 -31.87 46.32 18.36
N ASN C 231 -31.78 45.64 17.22
CA ASN C 231 -32.93 45.35 16.36
C ASN C 231 -33.64 46.63 15.92
N PHE C 232 -32.93 47.41 15.12
CA PHE C 232 -33.52 48.58 14.48
C PHE C 232 -34.73 48.19 13.67
N GLU C 233 -35.68 49.11 13.55
CA GLU C 233 -36.86 48.90 12.72
C GLU C 233 -36.58 49.14 11.23
N GLN C 234 -35.32 49.21 10.83
CA GLN C 234 -34.93 49.40 9.44
C GLN C 234 -34.07 48.24 8.99
N GLY C 235 -34.45 47.64 7.85
CA GLY C 235 -33.84 46.39 7.44
C GLY C 235 -32.37 46.52 7.07
N LEU C 236 -32.01 47.59 6.35
CA LEU C 236 -30.67 47.67 5.77
C LEU C 236 -29.60 47.81 6.85
N ARG C 237 -29.80 48.73 7.80
CA ARG C 237 -28.82 48.90 8.87
C ARG C 237 -28.76 47.66 9.77
N ASN C 238 -29.90 47.01 9.99
CA ASN C 238 -29.89 45.77 10.76
C ASN C 238 -29.08 44.69 10.05
N LEU C 239 -29.22 44.58 8.73
CA LEU C 239 -28.43 43.62 7.97
C LEU C 239 -26.96 43.96 8.02
N MET C 240 -26.64 45.26 7.98
CA MET C 240 -25.24 45.68 8.11
C MET C 240 -24.68 45.26 9.46
N LEU C 241 -25.47 45.41 10.52
CA LEU C 241 -25.04 44.96 11.84
C LEU C 241 -24.86 43.45 11.88
N ARG C 242 -25.75 42.72 11.20
CA ARG C 242 -25.59 41.27 11.09
C ARG C 242 -24.23 40.93 10.48
N LYS C 243 -24.02 41.33 9.23
CA LYS C 243 -22.83 40.94 8.48
C LYS C 243 -21.76 42.00 8.68
N ARG C 244 -21.17 41.99 9.88
CA ARG C 244 -20.14 42.96 10.21
C ARG C 244 -18.93 42.85 9.29
N PHE C 245 -18.46 41.62 9.06
CA PHE C 245 -17.29 41.43 8.21
C PHE C 245 -17.59 41.74 6.76
N LEU C 246 -18.78 41.34 6.28
CA LEU C 246 -19.16 41.67 4.92
C LEU C 246 -19.26 43.17 4.73
N SER C 247 -19.74 43.89 5.75
CA SER C 247 -19.73 45.34 5.69
C SER C 247 -18.31 45.87 5.67
N TYR C 248 -17.42 45.31 6.50
CA TYR C 248 -16.01 45.68 6.46
C TYR C 248 -15.44 45.55 5.07
N ILE C 249 -15.90 44.57 4.30
CA ILE C 249 -15.46 44.41 2.92
C ILE C 249 -16.08 45.49 2.03
N ILE C 250 -17.41 45.50 1.97
CA ILE C 250 -18.11 46.26 0.92
C ILE C 250 -17.98 47.76 1.15
N GLY C 251 -18.11 48.24 2.39
CA GLY C 251 -18.02 49.67 2.63
C GLY C 251 -16.64 50.22 2.34
N ILE C 252 -15.60 49.49 2.74
CA ILE C 252 -14.23 49.90 2.44
C ILE C 252 -14.00 49.88 0.93
N SER C 253 -14.52 48.87 0.25
CA SER C 253 -14.38 48.83 -1.20
C SER C 253 -15.04 50.03 -1.86
N ILE C 254 -16.25 50.38 -1.41
CA ILE C 254 -16.98 51.51 -1.99
C ILE C 254 -16.22 52.82 -1.74
N PHE C 255 -15.73 53.01 -0.51
CA PHE C 255 -14.97 54.22 -0.21
C PHE C 255 -13.73 54.32 -1.09
N HIS C 256 -12.96 53.23 -1.17
CA HIS C 256 -11.76 53.24 -1.99
C HIS C 256 -12.08 53.55 -3.44
N CYS C 257 -13.12 52.90 -3.98
CA CYS C 257 -13.43 53.08 -5.40
C CYS C 257 -13.87 54.52 -5.67
N ILE C 258 -14.76 55.06 -4.85
CA ILE C 258 -15.25 56.42 -5.11
C ILE C 258 -14.11 57.42 -4.98
N ILE C 259 -13.26 57.27 -3.95
CA ILE C 259 -12.18 58.23 -3.75
C ILE C 259 -11.19 58.17 -4.92
N CYS C 260 -10.79 56.95 -5.31
CA CYS C 260 -9.80 56.81 -6.36
C CYS C 260 -10.35 57.28 -7.71
N VAL C 261 -11.62 56.98 -7.99
CA VAL C 261 -12.23 57.43 -9.24
C VAL C 261 -12.35 58.95 -9.27
N LEU C 262 -12.75 59.55 -8.15
CA LEU C 262 -12.83 61.01 -8.09
C LEU C 262 -11.47 61.64 -8.30
N PHE C 263 -10.43 61.07 -7.70
CA PHE C 263 -9.10 61.65 -7.86
C PHE C 263 -8.56 61.44 -9.27
N PHE C 264 -8.88 60.31 -9.90
CA PHE C 264 -8.40 60.03 -11.26
C PHE C 264 -9.20 60.83 -12.29
N TYR D 17 -2.10 43.40 -13.30
CA TYR D 17 -0.85 42.73 -12.95
C TYR D 17 0.00 43.59 -12.04
N ILE D 18 -0.05 44.91 -12.25
CA ILE D 18 0.77 45.83 -11.45
C ILE D 18 0.34 45.78 -9.99
N VAL D 19 -0.97 45.92 -9.74
CA VAL D 19 -1.47 45.94 -8.38
C VAL D 19 -1.32 44.56 -7.74
N VAL D 20 -1.54 43.50 -8.53
CA VAL D 20 -1.40 42.14 -8.01
C VAL D 20 0.04 41.90 -7.57
N ALA D 21 1.00 42.27 -8.42
CA ALA D 21 2.41 42.08 -8.08
C ALA D 21 2.81 42.95 -6.90
N PHE D 22 2.25 44.17 -6.82
CA PHE D 22 2.62 45.07 -5.71
C PHE D 22 2.06 44.52 -4.39
N LEU D 23 0.87 43.95 -4.40
CA LEU D 23 0.31 43.33 -3.20
C LEU D 23 1.08 42.08 -2.81
N ILE D 24 1.42 41.23 -3.79
CA ILE D 24 2.14 40.00 -3.48
C ILE D 24 3.51 40.33 -2.90
N GLN D 25 4.24 41.26 -3.52
CA GLN D 25 5.56 41.61 -3.03
C GLN D 25 5.48 42.30 -1.67
N LEU D 26 4.44 43.11 -1.43
CA LEU D 26 4.25 43.68 -0.10
C LEU D 26 4.01 42.60 0.94
N LEU D 27 3.18 41.61 0.61
CA LEU D 27 2.93 40.52 1.55
C LEU D 27 4.17 39.69 1.80
N ILE D 28 5.08 39.62 0.83
CA ILE D 28 6.31 38.88 1.01
C ILE D 28 7.32 39.70 1.83
N ILE D 29 7.34 41.01 1.63
CA ILE D 29 8.39 41.85 2.21
C ILE D 29 8.05 42.34 3.62
N LEU D 30 6.75 42.50 3.92
CA LEU D 30 6.37 42.94 5.27
C LEU D 30 6.89 42.05 6.39
N PRO D 31 6.88 40.69 6.29
CA PRO D 31 7.33 39.88 7.44
C PRO D 31 8.69 40.24 8.00
N LEU D 32 9.73 40.16 7.16
CA LEU D 32 11.09 40.36 7.65
C LEU D 32 11.30 41.79 8.12
N SER D 33 10.86 42.77 7.33
CA SER D 33 11.05 44.16 7.70
C SER D 33 10.30 44.50 8.99
N ILE D 34 9.07 44.02 9.12
CA ILE D 34 8.29 44.34 10.31
C ILE D 34 8.88 43.66 11.53
N LEU D 35 9.43 42.45 11.37
CA LEU D 35 10.09 41.80 12.50
C LEU D 35 11.36 42.53 12.91
N ILE D 36 12.12 43.02 11.92
CA ILE D 36 13.33 43.77 12.22
C ILE D 36 12.99 45.07 12.95
N TYR D 37 11.95 45.77 12.48
CA TYR D 37 11.52 46.98 13.17
C TYR D 37 10.95 46.68 14.55
N HIS D 38 10.28 45.54 14.71
CA HIS D 38 9.80 45.14 16.03
C HIS D 38 10.96 44.91 16.98
N ASP D 39 12.03 44.26 16.51
CA ASP D 39 13.22 44.09 17.32
C ASP D 39 13.85 45.43 17.66
N PHE D 40 13.86 46.35 16.69
CA PHE D 40 14.38 47.69 16.94
C PHE D 40 13.60 48.39 18.05
N TYR D 41 12.27 48.31 18.00
CA TYR D 41 11.45 48.92 19.03
C TYR D 41 11.58 48.21 20.37
N LEU D 42 11.76 46.89 20.35
CA LEU D 42 12.01 46.15 21.58
C LEU D 42 13.30 46.60 22.23
N ARG D 43 14.33 46.85 21.41
CA ARG D 43 15.60 47.39 21.97
C ARG D 43 15.26 48.72 22.63
N LEU D 44 14.40 49.53 21.99
CA LEU D 44 13.95 50.79 22.62
C LEU D 44 13.00 50.43 23.77
N LEU D 45 12.27 49.32 23.63
CA LEU D 45 11.28 48.91 24.67
C LEU D 45 12.05 48.74 25.98
N PRO D 46 11.69 49.50 27.01
CA PRO D 46 12.46 49.46 28.25
C PRO D 46 12.25 48.17 29.02
N ALA D 47 13.30 47.75 29.71
CA ALA D 47 13.17 46.68 30.69
C ALA D 47 12.42 47.13 31.94
N ASP D 48 12.39 48.45 32.19
CA ASP D 48 11.56 48.98 33.25
C ASP D 48 10.10 49.06 32.83
N SER D 49 9.84 49.30 31.55
CA SER D 49 8.47 49.39 31.04
C SER D 49 7.97 48.07 30.46
N SER D 50 8.78 47.02 30.49
CA SER D 50 8.37 45.71 30.02
C SER D 50 9.21 44.65 30.71
N ASN D 51 8.56 43.64 31.28
CA ASN D 51 9.24 42.56 31.97
C ASN D 51 8.62 41.25 31.54
N VAL D 52 9.43 40.19 31.54
CA VAL D 52 8.99 38.86 31.14
C VAL D 52 9.35 37.92 32.28
N VAL D 53 8.35 37.58 33.09
CA VAL D 53 8.55 36.67 34.22
C VAL D 53 8.37 35.25 33.71
N PRO D 54 9.43 34.45 33.61
CA PRO D 54 9.25 33.07 33.15
C PRO D 54 8.36 32.31 34.11
N LEU D 55 7.49 31.47 33.54
CA LEU D 55 6.49 30.82 34.36
C LEU D 55 7.12 29.87 35.37
N ASN D 56 8.30 29.33 35.05
CA ASN D 56 8.98 28.43 35.98
C ASN D 56 9.57 29.15 37.19
N THR D 57 9.57 30.48 37.20
CA THR D 57 10.04 31.23 38.36
C THR D 57 8.96 31.46 39.40
N PHE D 58 7.76 30.93 39.18
CA PHE D 58 6.73 30.94 40.20
C PHE D 58 6.98 29.79 41.17
N ASN D 59 6.03 29.52 42.05
CA ASN D 59 6.07 28.33 42.90
C ASN D 59 4.98 27.38 42.45
N ILE D 60 5.36 26.19 42.05
CA ILE D 60 4.41 25.20 41.55
C ILE D 60 3.84 24.42 42.72
N LEU D 61 2.56 24.10 42.65
CA LEU D 61 1.91 23.28 43.66
C LEU D 61 0.89 22.40 42.94
N ASN D 62 1.23 21.13 42.76
CA ASN D 62 0.36 20.23 42.04
C ASN D 62 -0.85 19.84 42.89
N GLY D 63 -1.83 19.23 42.25
CA GLY D 63 -3.02 18.81 42.94
C GLY D 63 -3.91 18.00 42.02
N VAL D 64 -5.11 17.70 42.51
CA VAL D 64 -6.06 16.94 41.71
C VAL D 64 -7.34 17.73 41.53
N GLN D 65 -7.97 18.13 42.64
CA GLN D 65 -9.22 18.89 42.53
C GLN D 65 -8.97 20.27 41.94
N PHE D 66 -7.73 20.73 41.94
CA PHE D 66 -7.31 21.91 41.21
C PHE D 66 -6.08 21.55 40.41
N GLY D 67 -5.96 22.08 39.20
CA GLY D 67 -4.83 21.75 38.37
C GLY D 67 -3.54 22.27 38.94
N THR D 68 -2.49 22.14 38.15
CA THR D 68 -1.21 22.73 38.54
C THR D 68 -1.37 24.22 38.71
N LYS D 69 -0.92 24.75 39.83
CA LYS D 69 -1.02 26.18 40.10
C LYS D 69 0.37 26.79 40.17
N PHE D 70 0.52 27.96 39.56
CA PHE D 70 1.73 28.76 39.66
C PHE D 70 1.39 30.00 40.46
N PHE D 71 2.07 30.21 41.57
CA PHE D 71 1.81 31.37 42.40
C PHE D 71 3.13 31.98 42.83
N GLN D 72 3.20 33.30 42.78
CA GLN D 72 4.39 34.02 43.22
C GLN D 72 3.97 35.26 43.97
N SER D 73 4.67 35.55 45.06
CA SER D 73 4.42 36.76 45.81
C SER D 73 4.90 37.96 44.99
N ILE D 74 4.76 39.15 45.55
CA ILE D 74 5.10 40.38 44.86
C ILE D 74 5.84 41.31 45.81
N LYS D 75 6.92 41.91 45.31
CA LYS D 75 7.61 42.99 46.01
C LYS D 75 7.37 44.28 45.23
N SER D 76 7.13 45.36 45.96
CA SER D 76 6.87 46.66 45.35
C SER D 76 8.11 47.54 45.51
N ILE D 77 8.54 48.15 44.42
CA ILE D 77 9.74 48.97 44.38
C ILE D 77 9.31 50.44 44.49
N PRO D 78 9.65 51.13 45.58
CA PRO D 78 9.36 52.57 45.64
C PRO D 78 10.06 53.31 44.51
N VAL D 79 9.40 54.38 44.04
CA VAL D 79 9.91 55.11 42.89
C VAL D 79 11.31 55.66 43.20
N GLY D 80 12.12 55.79 42.15
CA GLY D 80 13.47 56.28 42.29
C GLY D 80 14.49 55.18 42.07
N THR D 81 14.23 54.01 42.63
CA THR D 81 15.09 52.86 42.39
C THR D 81 14.90 52.35 40.98
N ASP D 82 16.00 52.01 40.33
CA ASP D 82 15.92 51.38 39.01
C ASP D 82 15.22 50.03 39.13
N LEU D 83 14.27 49.78 38.24
CA LEU D 83 13.47 48.57 38.32
C LEU D 83 14.33 47.36 38.00
N PRO D 84 14.42 46.38 38.89
CA PRO D 84 15.20 45.17 38.56
C PRO D 84 14.56 44.38 37.43
N GLN D 85 15.21 43.31 37.02
CA GLN D 85 14.75 42.49 35.91
C GLN D 85 14.65 41.05 36.39
N THR D 86 13.53 40.40 36.07
CA THR D 86 13.35 39.01 36.47
C THR D 86 14.29 38.14 35.66
N ILE D 87 15.33 37.60 36.32
CA ILE D 87 16.36 36.82 35.57
C ILE D 87 15.84 35.42 35.23
N ASP D 88 16.42 34.80 34.20
CA ASP D 88 16.02 33.42 33.81
C ASP D 88 16.93 32.43 34.56
N ASN D 89 16.89 32.46 35.89
CA ASN D 89 17.68 31.50 36.69
C ASN D 89 16.81 30.28 37.01
N GLY D 90 15.50 30.38 36.75
CA GLY D 90 14.60 29.24 37.00
C GLY D 90 14.43 29.04 38.49
N LEU D 91 14.96 29.95 39.31
CA LEU D 91 14.84 29.86 40.78
C LEU D 91 13.68 30.77 41.23
N SER D 92 12.85 30.28 42.17
CA SER D 92 11.69 31.06 42.67
C SER D 92 12.14 32.44 43.14
N GLN D 93 11.72 33.49 42.45
CA GLN D 93 12.04 34.84 42.89
C GLN D 93 10.83 35.74 42.71
N LEU D 94 10.75 36.78 43.53
CA LEU D 94 9.58 37.64 43.58
C LEU D 94 9.43 38.42 42.28
N ILE D 95 8.21 38.89 42.04
CA ILE D 95 7.87 39.63 40.83
C ILE D 95 8.01 41.11 41.13
N PRO D 96 8.80 41.85 40.36
CA PRO D 96 8.97 43.28 40.65
C PRO D 96 7.95 44.16 39.94
N MET D 97 7.28 45.03 40.69
CA MET D 97 6.39 46.01 40.07
C MET D 97 6.54 47.35 40.77
N ARG D 98 6.06 48.40 40.11
CA ARG D 98 6.15 49.75 40.64
C ARG D 98 5.22 49.92 41.84
N ASP D 99 5.16 51.15 42.37
CA ASP D 99 4.34 51.41 43.54
C ASP D 99 2.87 51.28 43.23
N ASN D 100 2.34 52.11 42.35
CA ASN D 100 0.93 52.11 42.05
C ASN D 100 0.59 52.19 40.55
N MET D 101 1.56 52.47 39.68
CA MET D 101 1.25 52.59 38.27
C MET D 101 1.00 51.22 37.68
N GLU D 102 0.04 51.13 36.76
CA GLU D 102 -0.68 49.88 36.51
C GLU D 102 0.00 49.03 35.44
N TYR D 103 0.06 47.73 35.70
CA TYR D 103 0.60 46.74 34.79
C TYR D 103 -0.52 45.90 34.19
N LYS D 104 -0.30 45.44 32.96
CA LYS D 104 -1.30 44.70 32.21
C LYS D 104 -0.67 43.43 31.68
N LEU D 105 -1.10 42.29 32.20
CA LEU D 105 -0.40 41.03 32.01
C LEU D 105 -0.58 40.51 30.59
N ASP D 106 0.37 39.68 30.17
CA ASP D 106 0.32 38.98 28.89
C ASP D 106 0.73 37.54 29.13
N LEU D 107 -0.24 36.68 29.44
CA LEU D 107 0.06 35.26 29.59
C LEU D 107 0.35 34.65 28.22
N ASN D 108 1.56 34.13 28.05
CA ASN D 108 1.91 33.38 26.84
C ASN D 108 2.56 32.05 27.22
N LEU D 109 1.72 31.07 27.52
CA LEU D 109 2.18 29.74 27.87
C LEU D 109 1.93 28.79 26.71
N GLN D 110 2.81 27.81 26.57
CA GLN D 110 2.69 26.81 25.52
C GLN D 110 3.21 25.50 26.05
N LEU D 111 2.47 24.43 25.84
CA LEU D 111 2.68 23.20 26.60
C LEU D 111 2.24 21.98 25.82
N TYR D 112 2.94 20.87 26.03
CA TYR D 112 2.48 19.58 25.55
C TYR D 112 1.52 18.96 26.55
N CYS D 113 0.74 17.99 26.09
CA CYS D 113 -0.18 17.28 26.96
C CYS D 113 -0.10 15.79 26.63
N GLN D 114 -0.23 14.96 27.65
CA GLN D 114 0.18 13.56 27.52
C GLN D 114 -0.39 12.76 28.68
N SER D 115 -0.87 11.55 28.40
CA SER D 115 -1.45 10.72 29.43
C SER D 115 -1.47 9.28 28.95
N LYS D 116 -1.65 8.35 29.91
CA LYS D 116 -1.84 6.95 29.56
C LYS D 116 -3.30 6.53 29.61
N THR D 117 -4.20 7.42 30.05
CA THR D 117 -5.61 7.06 30.13
C THR D 117 -6.21 6.76 28.78
N ASP D 118 -5.52 7.14 27.71
CA ASP D 118 -5.94 6.89 26.34
C ASP D 118 -7.31 7.56 26.15
N HIS D 119 -7.43 8.70 26.84
CA HIS D 119 -8.60 9.55 26.54
C HIS D 119 -8.20 10.10 25.19
N LEU D 120 -9.16 10.43 24.34
CA LEU D 120 -8.84 10.76 22.95
C LEU D 120 -8.11 12.10 22.90
N ASN D 121 -7.49 12.41 21.77
CA ASN D 121 -6.50 13.47 21.64
C ASN D 121 -7.16 14.83 21.62
N LEU D 122 -7.94 15.13 22.66
CA LEU D 122 -8.61 16.42 22.72
C LEU D 122 -9.06 16.65 24.15
N ASP D 123 -8.91 17.88 24.61
CA ASP D 123 -9.21 18.19 26.00
C ASP D 123 -9.35 19.69 26.15
N ASN D 124 -9.78 20.12 27.33
CA ASN D 124 -10.07 21.51 27.63
C ASN D 124 -9.21 21.95 28.79
N LEU D 125 -8.41 22.98 28.58
CA LEU D 125 -7.50 23.47 29.60
C LEU D 125 -8.10 24.71 30.27
N LEU D 126 -8.44 24.57 31.54
CA LEU D 126 -9.03 25.67 32.30
C LEU D 126 -7.93 26.52 32.90
N ILE D 127 -7.98 27.82 32.65
CA ILE D 127 -6.98 28.77 33.12
C ILE D 127 -7.66 29.77 34.04
N ASP D 128 -7.14 29.92 35.25
CA ASP D 128 -7.68 30.84 36.23
C ASP D 128 -6.53 31.69 36.78
N VAL D 129 -6.62 33.00 36.59
CA VAL D 129 -5.60 33.92 37.06
C VAL D 129 -6.19 34.64 38.27
N TYR D 130 -5.78 34.23 39.46
CA TYR D 130 -6.25 34.84 40.70
C TYR D 130 -5.38 36.04 41.06
N ARG D 131 -5.67 36.62 42.22
CA ARG D 131 -4.84 37.65 42.82
C ARG D 131 -5.17 37.72 44.31
N GLY D 132 -4.27 38.31 45.06
CA GLY D 132 -4.41 38.33 46.51
C GLY D 132 -4.91 39.65 47.03
N PRO D 133 -5.49 39.63 48.24
CA PRO D 133 -6.12 40.80 48.86
C PRO D 133 -5.14 41.94 49.11
N ASP D 147 -7.14 34.78 46.53
CA ASP D 147 -8.44 34.79 47.20
C ASP D 147 -9.41 35.71 46.45
N GLU D 148 -9.17 35.88 45.16
CA GLU D 148 -10.02 36.70 44.30
C GLU D 148 -9.65 36.43 42.86
N LYS D 149 -10.65 36.26 42.01
CA LYS D 149 -10.39 35.88 40.60
C LYS D 149 -10.37 37.12 39.71
N ILE D 150 -9.48 37.13 38.72
CA ILE D 150 -9.38 38.30 37.79
C ILE D 150 -9.69 37.83 36.37
N PHE D 151 -9.17 36.66 35.98
CA PHE D 151 -9.35 36.20 34.58
C PHE D 151 -9.60 34.69 34.53
N HIS D 152 -10.44 34.24 33.60
CA HIS D 152 -10.69 32.83 33.41
C HIS D 152 -11.00 32.59 31.94
N THR D 153 -10.40 31.54 31.39
CA THR D 153 -10.68 31.14 30.03
C THR D 153 -10.35 29.66 29.90
N SER D 154 -10.85 29.05 28.84
CA SER D 154 -10.54 27.67 28.52
C SER D 154 -10.12 27.61 27.07
N ARG D 155 -9.13 26.77 26.78
CA ARG D 155 -8.61 26.64 25.43
C ARG D 155 -8.58 25.17 25.08
N PRO D 156 -9.20 24.74 23.97
CA PRO D 156 -9.08 23.35 23.57
C PRO D 156 -7.63 23.02 23.22
N ILE D 157 -7.09 22.02 23.89
CA ILE D 157 -5.72 21.58 23.65
C ILE D 157 -5.76 20.14 23.16
N VAL D 158 -4.69 19.75 22.48
CA VAL D 158 -4.55 18.39 21.99
C VAL D 158 -3.53 17.67 22.86
N CYS D 159 -3.78 16.39 23.11
CA CYS D 159 -3.01 15.62 24.06
C CYS D 159 -2.51 14.35 23.42
N LEU D 160 -1.27 13.97 23.73
CA LEU D 160 -0.73 12.72 23.24
C LEU D 160 -1.51 11.55 23.82
N ALA D 161 -1.46 10.43 23.12
CA ALA D 161 -2.12 9.22 23.58
C ALA D 161 -1.37 8.02 23.05
N LEU D 162 -1.70 6.84 23.59
CA LEU D 162 -1.00 5.62 23.21
C LEU D 162 -1.15 5.33 21.72
N THR D 163 -2.36 5.52 21.19
CA THR D 163 -2.61 5.22 19.79
C THR D 163 -2.21 6.37 18.86
N ASP D 164 -0.99 6.85 19.02
CA ASP D 164 -0.48 7.95 18.21
C ASP D 164 0.98 7.70 17.87
N SER D 165 1.28 7.62 16.57
CA SER D 165 2.63 7.45 16.08
C SER D 165 2.85 8.38 14.91
N MET D 166 4.11 8.75 14.71
CA MET D 166 4.47 9.60 13.58
C MET D 166 4.71 8.76 12.34
N SER D 167 4.09 9.19 11.24
CA SER D 167 4.33 8.56 9.97
C SER D 167 5.74 8.87 9.49
N PRO D 168 6.30 8.02 8.63
CA PRO D 168 7.53 8.42 7.95
C PRO D 168 7.38 9.70 7.16
N GLN D 169 6.18 9.97 6.64
CA GLN D 169 5.94 11.19 5.90
C GLN D 169 6.11 12.42 6.77
N GLU D 170 5.63 12.35 8.01
CA GLU D 170 5.72 13.50 8.91
C GLU D 170 7.17 13.87 9.18
N ILE D 171 8.02 12.88 9.39
CA ILE D 171 9.43 13.14 9.69
C ILE D 171 10.12 13.76 8.48
N GLU D 172 9.68 13.39 7.28
CA GLU D 172 10.33 13.91 6.04
C GLU D 172 9.97 15.39 5.80
N GLN D 173 8.80 15.85 6.26
CA GLN D 173 8.37 17.22 6.03
C GLN D 173 8.60 18.12 7.23
N LEU D 174 8.39 17.61 8.44
CA LEU D 174 8.36 18.43 9.64
C LEU D 174 9.67 18.38 10.39
N GLY D 175 10.79 18.29 9.68
CA GLY D 175 12.08 18.22 10.30
C GLY D 175 12.39 16.82 10.74
N PRO D 176 13.66 16.41 10.63
CA PRO D 176 14.01 15.05 11.02
C PRO D 176 14.04 14.84 12.51
N SER D 177 14.19 15.89 13.31
CA SER D 177 14.26 15.75 14.75
C SER D 177 12.85 15.60 15.31
N ARG D 178 12.57 14.45 15.92
CA ARG D 178 11.21 14.19 16.40
C ARG D 178 10.78 15.20 17.45
N LEU D 179 11.73 15.83 18.14
CA LEU D 179 11.35 16.93 19.02
C LEU D 179 10.76 18.08 18.21
N ASP D 180 11.32 18.34 17.04
CA ASP D 180 10.75 19.38 16.18
C ASP D 180 9.38 19.00 15.65
N VAL D 181 9.18 17.72 15.35
CA VAL D 181 7.86 17.30 14.87
C VAL D 181 6.83 17.44 15.99
N TYR D 182 7.16 16.98 17.19
CA TYR D 182 6.27 17.20 18.31
C TYR D 182 6.04 18.68 18.58
N ASP D 183 6.95 19.54 18.13
CA ASP D 183 6.81 20.96 18.34
C ASP D 183 5.88 21.60 17.32
N GLU D 184 6.12 21.32 16.04
CA GLU D 184 5.28 21.88 14.99
C GLU D 184 3.87 21.31 15.02
N GLU D 185 3.66 20.20 15.70
CA GLU D 185 2.44 19.43 15.53
C GLU D 185 1.65 19.22 16.82
N TRP D 186 2.32 19.04 17.95
CA TRP D 186 1.64 18.72 19.19
C TRP D 186 1.74 19.81 20.24
N LEU D 187 2.27 20.98 19.89
CA LEU D 187 2.47 22.04 20.86
C LEU D 187 1.23 22.92 20.93
N ASN D 188 0.78 23.20 22.15
CA ASN D 188 -0.43 23.99 22.38
C ASN D 188 -0.02 25.40 22.74
N THR D 189 0.21 26.24 21.74
CA THR D 189 0.51 27.64 22.00
C THR D 189 -0.75 28.35 22.47
N ILE D 190 -0.70 28.88 23.69
CA ILE D 190 -1.84 29.56 24.29
C ILE D 190 -1.39 30.97 24.63
N ARG D 191 -1.82 31.94 23.85
CA ARG D 191 -1.43 33.32 24.03
C ARG D 191 -2.64 34.13 24.49
N ILE D 192 -2.59 34.62 25.71
CA ILE D 192 -3.64 35.44 26.28
C ILE D 192 -3.06 36.83 26.47
N GLU D 193 -3.32 37.72 25.53
CA GLU D 193 -2.69 39.03 25.49
C GLU D 193 -3.71 40.12 25.72
N ASP D 194 -3.32 41.14 26.48
CA ASP D 194 -4.11 42.33 26.71
C ASP D 194 -5.49 41.98 27.27
N LYS D 195 -5.50 41.17 28.32
CA LYS D 195 -6.73 40.76 28.95
C LYS D 195 -6.73 40.81 30.47
N ILE D 196 -5.57 40.90 31.10
CA ILE D 196 -5.47 40.86 32.56
C ILE D 196 -4.79 42.14 33.03
N SER D 197 -5.29 42.72 34.12
CA SER D 197 -4.70 43.88 34.72
C SER D 197 -4.49 43.61 36.20
N LEU D 198 -3.31 43.92 36.71
CA LEU D 198 -2.95 43.62 38.09
C LEU D 198 -2.50 44.88 38.78
N GLU D 199 -3.24 45.29 39.81
CA GLU D 199 -2.81 46.35 40.69
C GLU D 199 -1.53 45.96 41.41
N SER D 200 -0.58 46.89 41.48
CA SER D 200 0.62 46.64 42.25
C SER D 200 0.30 46.51 43.73
N SER D 201 -0.76 47.16 44.20
CA SER D 201 -1.12 47.09 45.61
C SER D 201 -1.49 45.67 46.01
N TYR D 202 -2.25 44.98 45.17
CA TYR D 202 -2.50 43.56 45.39
C TYR D 202 -1.21 42.77 45.23
N GLU D 203 -1.13 41.65 45.95
CA GLU D 203 0.09 40.81 45.91
C GLU D 203 -0.27 39.36 45.64
N THR D 204 0.68 38.43 45.77
CA THR D 204 0.42 36.97 45.59
C THR D 204 -0.44 36.68 44.36
N ILE D 205 0.06 37.01 43.17
CA ILE D 205 -0.66 36.65 41.91
C ILE D 205 -0.55 35.14 41.72
N SER D 206 -1.59 34.50 41.18
CA SER D 206 -1.60 33.05 41.01
C SER D 206 -2.22 32.71 39.66
N VAL D 207 -1.77 31.61 39.08
CA VAL D 207 -2.28 31.11 37.81
C VAL D 207 -2.57 29.63 37.97
N PHE D 208 -3.73 29.18 37.49
CA PHE D 208 -4.14 27.79 37.60
C PHE D 208 -4.26 27.19 36.21
N LEU D 209 -3.78 25.95 36.06
CA LEU D 209 -3.85 25.21 34.80
C LEU D 209 -4.45 23.85 35.09
N LYS D 210 -5.77 23.75 34.96
CA LYS D 210 -6.47 22.49 35.16
C LYS D 210 -6.95 21.96 33.82
N THR D 211 -7.03 20.64 33.72
CA THR D 211 -7.59 19.97 32.57
C THR D 211 -8.98 19.45 32.94
N GLU D 212 -9.97 19.75 32.09
CA GLU D 212 -11.36 19.57 32.50
C GLU D 212 -11.83 18.13 32.35
N ILE D 213 -11.45 17.46 31.27
CA ILE D 213 -12.05 16.16 30.96
C ILE D 213 -11.38 15.04 31.74
N ALA D 214 -10.06 14.96 31.69
CA ALA D 214 -9.36 13.84 32.32
C ALA D 214 -8.03 14.33 32.89
N GLN D 215 -7.46 13.52 33.78
CA GLN D 215 -6.18 13.85 34.39
C GLN D 215 -5.07 13.64 33.38
N ARG D 216 -4.38 14.72 33.02
CA ARG D 216 -3.29 14.66 32.06
C ARG D 216 -1.99 15.07 32.74
N ASN D 217 -0.89 14.89 31.99
CA ASN D 217 0.41 15.42 32.38
C ASN D 217 0.72 16.60 31.47
N LEU D 218 0.86 17.78 32.06
CA LEU D 218 1.20 18.97 31.31
C LEU D 218 2.70 19.18 31.36
N ILE D 219 3.28 19.48 30.20
CA ILE D 219 4.71 19.73 30.09
C ILE D 219 4.84 21.17 29.63
N ILE D 220 5.17 22.07 30.56
CA ILE D 220 5.21 23.49 30.26
C ILE D 220 6.52 23.82 29.57
N HIS D 221 6.44 24.35 28.36
CA HIS D 221 7.64 24.69 27.62
C HIS D 221 8.42 25.75 28.39
N PRO D 222 9.74 25.62 28.50
CA PRO D 222 10.49 26.46 29.44
C PRO D 222 10.41 27.94 29.13
N GLU D 223 10.11 28.33 27.90
CA GLU D 223 10.07 29.73 27.53
C GLU D 223 8.71 30.37 27.77
N SER D 224 7.79 29.60 28.33
CA SER D 224 6.45 30.14 28.67
C SER D 224 6.59 31.10 29.86
N GLY D 225 5.84 32.20 29.85
CA GLY D 225 5.90 33.14 30.93
C GLY D 225 4.73 34.09 30.91
N ILE D 226 4.85 35.16 31.67
CA ILE D 226 3.81 36.17 31.80
C ILE D 226 4.47 37.53 31.65
N LYS D 227 4.26 38.18 30.51
CA LYS D 227 4.78 39.52 30.34
C LYS D 227 4.06 40.49 31.27
N PHE D 228 4.73 41.60 31.58
CA PHE D 228 4.16 42.66 32.41
C PHE D 228 4.33 43.96 31.64
N ARG D 229 3.41 44.24 30.73
CA ARG D 229 3.45 45.52 30.06
C ARG D 229 2.93 46.61 30.98
N MET D 230 3.32 47.84 30.69
CA MET D 230 2.90 49.00 31.47
C MET D 230 1.59 49.51 30.90
N ASN D 231 0.55 49.60 31.73
CA ASN D 231 -0.74 50.09 31.30
C ASN D 231 -0.76 51.61 31.50
N PHE D 232 0.04 52.31 30.71
CA PHE D 232 0.16 53.75 30.81
C PHE D 232 -0.96 54.45 30.04
N GLU D 233 -0.96 55.77 30.12
CA GLU D 233 -2.05 56.56 29.57
C GLU D 233 -2.22 56.30 28.07
N GLN D 234 -3.44 55.93 27.69
CA GLN D 234 -3.73 55.61 26.29
C GLN D 234 -3.50 56.81 25.38
N GLY D 235 -3.66 58.02 25.90
CA GLY D 235 -3.44 59.21 25.09
C GLY D 235 -2.06 59.24 24.50
N LEU D 236 -1.07 58.85 25.30
CA LEU D 236 0.27 58.60 24.81
C LEU D 236 0.36 57.34 23.96
N ARG D 237 -0.30 56.26 24.40
CA ARG D 237 -0.27 55.00 23.67
C ARG D 237 -0.95 55.12 22.32
N ASN D 238 -2.09 55.82 22.26
CA ASN D 238 -2.75 56.07 20.98
C ASN D 238 -1.84 56.85 20.04
N LEU D 239 -1.23 57.93 20.55
CA LEU D 239 -0.28 58.67 19.73
C LEU D 239 0.95 57.83 19.43
N MET D 240 1.42 57.04 20.41
CA MET D 240 2.50 56.10 20.12
C MET D 240 2.08 55.09 19.07
N LEU D 241 0.83 54.62 19.14
CA LEU D 241 0.28 53.82 18.04
C LEU D 241 0.25 54.62 16.75
N ARG D 242 -0.17 55.89 16.84
CA ARG D 242 -0.13 56.75 15.67
C ARG D 242 1.29 57.09 15.26
N LYS D 243 2.26 56.96 16.16
CA LYS D 243 3.67 57.06 15.80
C LYS D 243 4.23 55.72 15.34
N ARG D 244 3.78 54.64 15.97
CA ARG D 244 4.24 53.30 15.55
C ARG D 244 3.72 53.01 14.14
N PHE D 245 2.40 53.06 13.96
CA PHE D 245 1.79 52.80 12.64
C PHE D 245 2.50 53.63 11.57
N LEU D 246 2.62 54.94 11.79
CA LEU D 246 3.20 55.79 10.75
C LEU D 246 4.61 55.34 10.40
N SER D 247 5.44 55.06 11.42
CA SER D 247 6.81 54.65 11.16
C SER D 247 6.87 53.33 10.42
N TYR D 248 6.07 52.35 10.85
CA TYR D 248 6.06 51.05 10.19
C TYR D 248 5.61 51.19 8.74
N ILE D 249 4.51 51.91 8.51
CA ILE D 249 4.01 52.10 7.15
C ILE D 249 5.05 52.81 6.29
N ILE D 250 5.67 53.87 6.82
CA ILE D 250 6.63 54.65 6.05
C ILE D 250 7.83 53.80 5.67
N GLY D 251 8.41 53.09 6.64
CA GLY D 251 9.59 52.29 6.35
C GLY D 251 9.30 51.16 5.38
N ILE D 252 8.21 50.41 5.64
CA ILE D 252 7.88 49.29 4.77
C ILE D 252 7.55 49.78 3.37
N SER D 253 6.80 50.87 3.26
CA SER D 253 6.47 51.41 1.94
C SER D 253 7.71 51.87 1.20
N ILE D 254 8.62 52.55 1.88
CA ILE D 254 9.82 53.04 1.21
C ILE D 254 10.64 51.87 0.68
N PHE D 255 10.94 50.89 1.55
CA PHE D 255 11.78 49.78 1.13
C PHE D 255 11.11 48.97 0.03
N HIS D 256 9.81 48.65 0.22
CA HIS D 256 9.10 47.84 -0.76
C HIS D 256 8.99 48.55 -2.09
N CYS D 257 8.65 49.83 -2.09
CA CYS D 257 8.50 50.58 -3.34
C CYS D 257 9.82 50.67 -4.08
N ILE D 258 10.91 50.99 -3.36
CA ILE D 258 12.21 51.10 -4.01
C ILE D 258 12.61 49.75 -4.62
N ILE D 259 12.52 48.67 -3.83
CA ILE D 259 12.97 47.38 -4.32
C ILE D 259 12.07 46.88 -5.45
N CYS D 260 10.77 47.15 -5.38
CA CYS D 260 9.86 46.72 -6.44
C CYS D 260 10.13 47.47 -7.74
N VAL D 261 10.30 48.79 -7.67
CA VAL D 261 10.58 49.56 -8.87
C VAL D 261 11.89 49.12 -9.48
N LEU D 262 12.89 48.81 -8.63
CA LEU D 262 14.16 48.31 -9.16
C LEU D 262 14.00 46.94 -9.79
N PHE D 263 13.14 46.09 -9.22
CA PHE D 263 12.97 44.73 -9.73
C PHE D 263 12.03 44.65 -10.94
N PHE D 264 11.27 45.70 -11.22
CA PHE D 264 10.35 45.69 -12.34
C PHE D 264 11.10 45.82 -13.66
N TYR E 17 -24.42 35.22 -35.85
CA TYR E 17 -25.63 36.02 -36.00
C TYR E 17 -26.83 35.14 -36.32
N ILE E 18 -26.57 33.85 -36.52
CA ILE E 18 -27.60 32.90 -36.90
C ILE E 18 -27.90 31.88 -35.80
N VAL E 19 -26.97 31.66 -34.86
CA VAL E 19 -27.19 30.67 -33.81
C VAL E 19 -28.34 31.10 -32.89
N VAL E 20 -28.58 32.40 -32.76
CA VAL E 20 -29.73 32.87 -31.97
C VAL E 20 -31.04 32.42 -32.63
N ALA E 21 -31.14 32.59 -33.95
CA ALA E 21 -32.31 32.09 -34.67
C ALA E 21 -32.36 30.57 -34.65
N PHE E 22 -31.20 29.92 -34.58
CA PHE E 22 -31.16 28.47 -34.44
C PHE E 22 -31.81 28.04 -33.13
N LEU E 23 -31.49 28.72 -32.03
CA LEU E 23 -32.13 28.41 -30.77
C LEU E 23 -33.61 28.79 -30.77
N ILE E 24 -33.96 29.87 -31.45
CA ILE E 24 -35.37 30.22 -31.59
C ILE E 24 -36.12 29.11 -32.30
N GLN E 25 -35.52 28.56 -33.36
CA GLN E 25 -36.12 27.43 -34.07
C GLN E 25 -36.21 26.21 -33.17
N LEU E 26 -35.19 25.99 -32.32
CA LEU E 26 -35.27 24.89 -31.36
C LEU E 26 -36.45 25.07 -30.42
N LEU E 27 -36.56 26.24 -29.80
CA LEU E 27 -37.62 26.52 -28.84
C LEU E 27 -38.98 26.67 -29.50
N ILE E 28 -39.03 26.72 -30.83
CA ILE E 28 -40.31 26.66 -31.54
C ILE E 28 -40.67 25.22 -31.91
N ILE E 29 -39.72 24.48 -32.49
CA ILE E 29 -40.01 23.15 -33.01
C ILE E 29 -40.15 22.15 -31.87
N LEU E 30 -39.13 22.05 -31.01
CA LEU E 30 -39.14 21.02 -29.97
C LEU E 30 -40.36 21.12 -29.05
N PRO E 31 -40.77 22.30 -28.56
CA PRO E 31 -42.10 22.37 -27.92
C PRO E 31 -43.24 21.97 -28.85
N LEU E 32 -43.22 22.44 -30.10
CA LEU E 32 -44.24 21.97 -31.04
C LEU E 32 -44.07 20.50 -31.35
N SER E 33 -42.83 20.00 -31.37
CA SER E 33 -42.60 18.58 -31.57
C SER E 33 -43.27 17.76 -30.48
N ILE E 34 -43.05 18.13 -29.21
CA ILE E 34 -43.66 17.38 -28.13
C ILE E 34 -45.17 17.56 -28.10
N LEU E 35 -45.67 18.74 -28.51
CA LEU E 35 -47.12 18.93 -28.58
C LEU E 35 -47.75 18.02 -29.63
N ILE E 36 -47.16 17.95 -30.82
CA ILE E 36 -47.69 17.06 -31.84
C ILE E 36 -47.49 15.60 -31.45
N TYR E 37 -46.44 15.32 -30.70
CA TYR E 37 -46.22 13.97 -30.18
C TYR E 37 -47.32 13.57 -29.20
N HIS E 38 -47.72 14.49 -28.33
CA HIS E 38 -48.86 14.23 -27.46
C HIS E 38 -50.16 14.20 -28.25
N ASP E 39 -50.21 14.88 -29.39
CA ASP E 39 -51.36 14.73 -30.28
C ASP E 39 -51.45 13.30 -30.81
N PHE E 40 -50.32 12.73 -31.23
CA PHE E 40 -50.30 11.32 -31.64
C PHE E 40 -50.65 10.40 -30.47
N TYR E 41 -50.19 10.72 -29.27
CA TYR E 41 -50.64 9.94 -28.11
C TYR E 41 -52.14 10.04 -27.93
N LEU E 42 -52.72 11.23 -28.11
CA LEU E 42 -54.15 11.41 -27.92
C LEU E 42 -54.95 10.62 -28.96
N ARG E 43 -54.50 10.62 -30.21
CA ARG E 43 -55.29 9.95 -31.25
C ARG E 43 -54.99 8.45 -31.34
N LEU E 44 -53.72 8.07 -31.40
CA LEU E 44 -53.38 6.66 -31.50
C LEU E 44 -53.73 5.91 -30.23
N LEU E 45 -53.32 6.43 -29.09
CA LEU E 45 -53.66 5.80 -27.82
C LEU E 45 -54.91 6.44 -27.23
N PRO E 46 -55.65 5.72 -26.39
CA PRO E 46 -56.75 6.35 -25.65
C PRO E 46 -56.27 7.33 -24.60
N ALA E 47 -54.96 7.47 -24.41
CA ALA E 47 -54.29 8.30 -23.42
C ALA E 47 -54.47 7.79 -22.00
N ASP E 48 -55.23 6.70 -21.80
CA ASP E 48 -55.39 6.11 -20.48
C ASP E 48 -55.34 4.59 -20.56
N SER E 49 -54.59 4.05 -21.51
CA SER E 49 -54.50 2.60 -21.64
C SER E 49 -53.60 2.01 -20.55
N SER E 50 -52.34 2.44 -20.49
CA SER E 50 -51.43 1.93 -19.50
C SER E 50 -51.78 2.45 -18.12
N ASN E 51 -51.39 1.69 -17.10
CA ASN E 51 -51.68 2.08 -15.71
C ASN E 51 -50.58 1.49 -14.83
N VAL E 52 -49.62 2.33 -14.45
CA VAL E 52 -48.52 1.89 -13.56
C VAL E 52 -49.08 1.69 -12.15
N VAL E 53 -49.06 0.46 -11.66
CA VAL E 53 -49.59 0.15 -10.33
C VAL E 53 -48.39 -0.21 -9.44
N PRO E 54 -48.00 0.66 -8.50
CA PRO E 54 -46.86 0.34 -7.64
C PRO E 54 -47.15 -0.82 -6.72
N LEU E 55 -46.10 -1.57 -6.40
CA LEU E 55 -46.24 -2.71 -5.50
C LEU E 55 -46.81 -2.29 -4.15
N ASN E 56 -46.41 -1.12 -3.65
CA ASN E 56 -46.87 -0.72 -2.32
C ASN E 56 -48.36 -0.45 -2.26
N THR E 57 -49.04 -0.39 -3.42
CA THR E 57 -50.49 -0.29 -3.43
C THR E 57 -51.17 -1.64 -3.32
N PHE E 58 -50.41 -2.73 -3.31
CA PHE E 58 -50.97 -4.05 -3.04
C PHE E 58 -51.14 -4.21 -1.53
N ASN E 59 -51.51 -5.40 -1.09
CA ASN E 59 -51.60 -5.71 0.33
C ASN E 59 -50.47 -6.67 0.68
N ILE E 60 -49.40 -6.13 1.25
CA ILE E 60 -48.25 -6.95 1.60
C ILE E 60 -48.64 -7.94 2.68
N LEU E 61 -48.12 -9.15 2.58
CA LEU E 61 -48.33 -10.16 3.63
C LEU E 61 -47.11 -11.06 3.62
N ASN E 62 -46.31 -10.99 4.68
CA ASN E 62 -45.05 -11.71 4.74
C ASN E 62 -45.29 -13.19 5.07
N GLY E 63 -44.19 -13.93 5.10
CA GLY E 63 -44.24 -15.34 5.45
C GLY E 63 -42.85 -15.91 5.51
N VAL E 64 -42.77 -17.19 5.83
CA VAL E 64 -41.52 -17.92 5.84
C VAL E 64 -41.47 -18.96 4.73
N GLN E 65 -42.55 -19.72 4.55
CA GLN E 65 -42.61 -20.68 3.45
C GLN E 65 -42.63 -19.95 2.12
N PHE E 66 -43.36 -18.85 2.03
CA PHE E 66 -43.32 -17.95 0.89
C PHE E 66 -42.78 -16.61 1.36
N GLY E 67 -42.08 -15.92 0.49
CA GLY E 67 -41.53 -14.62 0.84
C GLY E 67 -42.61 -13.57 0.90
N THR E 68 -42.24 -12.32 0.67
CA THR E 68 -43.26 -11.27 0.58
C THR E 68 -44.18 -11.58 -0.58
N LYS E 69 -45.49 -11.51 -0.33
CA LYS E 69 -46.47 -11.62 -1.40
C LYS E 69 -47.27 -10.34 -1.46
N PHE E 70 -47.44 -9.81 -2.66
CA PHE E 70 -48.25 -8.63 -2.91
C PHE E 70 -49.49 -9.07 -3.64
N PHE E 71 -50.66 -8.79 -3.07
CA PHE E 71 -51.92 -9.14 -3.72
C PHE E 71 -52.86 -7.95 -3.65
N GLN E 72 -53.79 -7.90 -4.61
CA GLN E 72 -54.76 -6.83 -4.66
C GLN E 72 -55.88 -7.23 -5.59
N SER E 73 -57.12 -7.17 -5.12
CA SER E 73 -58.24 -7.55 -5.93
C SER E 73 -58.42 -6.61 -7.11
N ILE E 74 -59.36 -6.95 -8.00
CA ILE E 74 -59.59 -6.20 -9.22
C ILE E 74 -61.07 -5.82 -9.28
N LYS E 75 -61.32 -4.55 -9.58
CA LYS E 75 -62.68 -4.09 -9.86
C LYS E 75 -62.88 -4.01 -11.37
N SER E 76 -64.01 -4.52 -11.84
CA SER E 76 -64.29 -4.58 -13.26
C SER E 76 -65.05 -3.32 -13.67
N ILE E 77 -64.51 -2.61 -14.65
CA ILE E 77 -65.01 -1.30 -15.05
C ILE E 77 -65.94 -1.50 -16.25
N PRO E 78 -67.24 -1.23 -16.13
CA PRO E 78 -68.12 -1.32 -17.29
C PRO E 78 -67.70 -0.35 -18.40
N VAL E 79 -67.94 -0.77 -19.64
CA VAL E 79 -67.50 0.02 -20.79
C VAL E 79 -68.26 1.34 -20.82
N GLY E 80 -67.56 2.40 -21.23
CA GLY E 80 -68.15 3.71 -21.28
C GLY E 80 -67.80 4.55 -20.07
N THR E 81 -67.83 3.91 -18.89
CA THR E 81 -67.42 4.58 -17.67
C THR E 81 -65.96 5.01 -17.78
N ASP E 82 -65.67 6.22 -17.30
CA ASP E 82 -64.30 6.71 -17.34
C ASP E 82 -63.39 5.83 -16.50
N LEU E 83 -62.17 5.65 -16.99
CA LEU E 83 -61.24 4.74 -16.35
C LEU E 83 -60.56 5.43 -15.18
N PRO E 84 -60.63 4.87 -13.97
CA PRO E 84 -59.90 5.48 -12.85
C PRO E 84 -58.40 5.41 -13.05
N GLN E 85 -57.65 5.99 -12.12
CA GLN E 85 -56.21 6.02 -12.20
C GLN E 85 -55.62 5.57 -10.87
N THR E 86 -54.65 4.68 -10.92
CA THR E 86 -54.01 4.20 -9.70
C THR E 86 -53.08 5.28 -9.20
N ILE E 87 -53.55 6.06 -8.22
CA ILE E 87 -52.72 7.11 -7.64
C ILE E 87 -51.65 6.46 -6.78
N ASP E 88 -50.44 7.01 -6.85
CA ASP E 88 -49.31 6.53 -6.02
C ASP E 88 -49.41 7.12 -4.62
N ASN E 89 -50.57 6.98 -3.99
CA ASN E 89 -50.74 7.44 -2.58
C ASN E 89 -50.15 6.40 -1.67
N GLY E 90 -49.63 5.30 -2.22
CA GLY E 90 -49.12 4.21 -1.38
C GLY E 90 -50.22 3.54 -0.59
N LEU E 91 -51.45 4.03 -0.73
CA LEU E 91 -52.59 3.42 -0.01
C LEU E 91 -53.13 2.24 -0.82
N SER E 92 -53.57 1.18 -0.16
CA SER E 92 -54.17 0.02 -0.88
C SER E 92 -55.37 0.49 -1.70
N GLN E 93 -55.44 0.08 -2.95
CA GLN E 93 -56.51 0.55 -3.83
C GLN E 93 -56.65 -0.38 -5.02
N LEU E 94 -57.89 -0.76 -5.33
CA LEU E 94 -58.16 -1.82 -6.28
C LEU E 94 -57.69 -1.46 -7.67
N ILE E 95 -57.25 -2.47 -8.42
CA ILE E 95 -56.72 -2.24 -9.76
C ILE E 95 -57.89 -2.04 -10.73
N PRO E 96 -57.89 -0.99 -11.53
CA PRO E 96 -58.93 -0.82 -12.55
C PRO E 96 -58.51 -1.37 -13.90
N MET E 97 -59.45 -2.08 -14.54
CA MET E 97 -59.18 -2.68 -15.87
C MET E 97 -60.52 -3.09 -16.48
N ARG E 98 -60.69 -2.88 -17.78
CA ARG E 98 -62.01 -3.17 -18.44
C ARG E 98 -62.36 -4.66 -18.41
N ASP E 99 -63.52 -5.00 -17.83
CA ASP E 99 -63.96 -6.42 -17.74
C ASP E 99 -63.73 -7.13 -19.08
N ASN E 100 -64.30 -6.60 -20.18
CA ASN E 100 -64.17 -7.26 -21.51
C ASN E 100 -62.97 -6.66 -22.25
N MET E 101 -61.75 -6.88 -21.74
CA MET E 101 -60.53 -6.38 -22.40
C MET E 101 -59.32 -7.20 -21.94
N GLU E 102 -58.50 -7.67 -22.88
CA GLU E 102 -57.26 -8.42 -22.50
C GLU E 102 -56.21 -7.43 -22.00
N TYR E 103 -55.49 -7.79 -20.94
CA TYR E 103 -54.45 -6.93 -20.41
C TYR E 103 -53.14 -7.70 -20.27
N LYS E 104 -52.04 -7.03 -20.60
CA LYS E 104 -50.72 -7.62 -20.62
C LYS E 104 -49.82 -6.88 -19.63
N LEU E 105 -49.30 -7.59 -18.65
CA LEU E 105 -48.57 -6.98 -17.54
C LEU E 105 -47.12 -6.71 -17.93
N ASP E 106 -46.46 -5.90 -17.08
CA ASP E 106 -45.03 -5.61 -17.16
C ASP E 106 -44.54 -5.46 -15.71
N LEU E 107 -44.01 -6.54 -15.16
CA LEU E 107 -43.46 -6.52 -13.81
C LEU E 107 -42.15 -5.77 -13.82
N ASN E 108 -42.08 -4.67 -13.07
CA ASN E 108 -40.89 -3.84 -12.97
C ASN E 108 -40.58 -3.61 -11.50
N LEU E 109 -39.83 -4.54 -10.90
CA LEU E 109 -39.45 -4.39 -9.51
C LEU E 109 -37.94 -4.32 -9.39
N GLN E 110 -37.48 -3.37 -8.58
CA GLN E 110 -36.08 -3.27 -8.21
C GLN E 110 -36.01 -3.19 -6.69
N LEU E 111 -34.97 -3.77 -6.12
CA LEU E 111 -34.93 -3.99 -4.68
C LEU E 111 -33.48 -4.06 -4.22
N TYR E 112 -33.31 -3.98 -2.91
CA TYR E 112 -32.05 -4.28 -2.27
C TYR E 112 -32.20 -5.59 -1.51
N CYS E 113 -31.07 -6.18 -1.14
CA CYS E 113 -31.10 -7.38 -0.32
C CYS E 113 -30.05 -7.24 0.79
N GLN E 114 -30.29 -7.92 1.90
CA GLN E 114 -29.49 -7.69 3.08
C GLN E 114 -29.72 -8.84 4.05
N SER E 115 -28.75 -9.11 4.92
CA SER E 115 -28.86 -10.24 5.84
C SER E 115 -27.90 -10.08 7.00
N LYS E 116 -28.41 -10.20 8.22
CA LYS E 116 -27.52 -10.16 9.41
C LYS E 116 -26.59 -11.38 9.41
N THR E 117 -27.12 -12.59 9.17
CA THR E 117 -26.27 -13.75 9.06
C THR E 117 -25.35 -13.61 7.86
N ASP E 118 -24.04 -13.66 8.11
CA ASP E 118 -23.04 -13.57 7.01
C ASP E 118 -22.98 -14.93 6.32
N HIS E 119 -24.14 -15.47 5.94
CA HIS E 119 -24.17 -16.82 5.34
C HIS E 119 -23.76 -16.77 3.87
N LEU E 120 -24.51 -16.05 3.04
CA LEU E 120 -24.25 -16.07 1.56
C LEU E 120 -24.18 -14.65 0.99
N ASN E 121 -23.57 -14.47 -0.20
CA ASN E 121 -23.36 -13.11 -0.75
C ASN E 121 -24.13 -12.93 -2.06
N LEU E 122 -24.50 -14.02 -2.71
CA LEU E 122 -25.26 -13.96 -3.95
C LEU E 122 -26.39 -14.96 -3.85
N ASP E 123 -27.59 -14.56 -4.25
CA ASP E 123 -28.75 -15.38 -4.00
C ASP E 123 -29.70 -15.33 -5.18
N ASN E 124 -30.77 -16.12 -5.11
CA ASN E 124 -31.65 -16.38 -6.24
C ASN E 124 -33.08 -16.05 -5.84
N LEU E 125 -33.61 -14.95 -6.37
CA LEU E 125 -34.96 -14.52 -6.04
C LEU E 125 -35.96 -15.24 -6.93
N LEU E 126 -36.99 -15.82 -6.30
CA LEU E 126 -38.02 -16.54 -7.02
C LEU E 126 -39.28 -15.68 -7.08
N ILE E 127 -39.80 -15.48 -8.28
CA ILE E 127 -40.97 -14.65 -8.51
C ILE E 127 -42.09 -15.54 -9.02
N ASP E 128 -43.23 -15.52 -8.34
CA ASP E 128 -44.41 -16.24 -8.79
C ASP E 128 -45.58 -15.26 -8.89
N VAL E 129 -46.33 -15.35 -9.98
CA VAL E 129 -47.45 -14.47 -10.22
C VAL E 129 -48.69 -15.33 -10.39
N TYR E 130 -49.51 -15.40 -9.34
CA TYR E 130 -50.75 -16.15 -9.38
C TYR E 130 -51.91 -15.25 -9.78
N ARG E 131 -53.07 -15.87 -9.98
CA ARG E 131 -54.33 -15.16 -10.10
C ARG E 131 -55.41 -16.03 -9.47
N GLY E 132 -56.62 -15.49 -9.40
CA GLY E 132 -57.68 -16.16 -8.67
C GLY E 132 -58.98 -16.23 -9.44
N PRO E 133 -59.57 -17.43 -9.48
CA PRO E 133 -60.86 -17.65 -10.15
C PRO E 133 -62.04 -17.31 -9.23
N ASP E 147 -54.93 -18.44 -7.11
CA ASP E 147 -55.08 -19.88 -6.93
C ASP E 147 -54.47 -20.64 -8.08
N GLU E 148 -54.45 -20.02 -9.26
CA GLU E 148 -53.92 -20.63 -10.48
C GLU E 148 -52.69 -19.85 -10.91
N LYS E 149 -51.55 -20.54 -10.96
CA LYS E 149 -50.29 -19.87 -11.28
C LYS E 149 -50.22 -19.48 -12.75
N ILE E 150 -49.69 -18.29 -13.01
CA ILE E 150 -49.49 -17.80 -14.36
C ILE E 150 -48.02 -17.82 -14.75
N PHE E 151 -47.19 -17.15 -13.97
CA PHE E 151 -45.82 -16.89 -14.36
C PHE E 151 -44.89 -17.18 -13.20
N HIS E 152 -43.76 -17.81 -13.49
CA HIS E 152 -42.75 -18.08 -12.50
C HIS E 152 -41.39 -17.87 -13.13
N THR E 153 -40.50 -17.22 -12.40
CA THR E 153 -39.15 -17.03 -12.90
C THR E 153 -38.22 -16.93 -11.71
N SER E 154 -36.93 -16.89 -11.99
CA SER E 154 -35.92 -16.68 -10.99
C SER E 154 -34.93 -15.66 -11.54
N ARG E 155 -34.27 -14.95 -10.64
CA ARG E 155 -33.30 -13.97 -11.06
C ARG E 155 -32.20 -13.99 -10.01
N PRO E 156 -30.96 -14.18 -10.41
CA PRO E 156 -29.87 -14.12 -9.43
C PRO E 156 -29.67 -12.71 -8.94
N ILE E 157 -30.07 -12.45 -7.72
CA ILE E 157 -29.92 -11.14 -7.12
C ILE E 157 -28.65 -11.12 -6.30
N VAL E 158 -28.08 -9.95 -6.16
CA VAL E 158 -26.89 -9.79 -5.32
C VAL E 158 -27.34 -9.21 -4.00
N CYS E 159 -26.68 -9.63 -2.93
CA CYS E 159 -27.16 -9.35 -1.58
C CYS E 159 -26.05 -8.76 -0.73
N LEU E 160 -26.41 -7.79 0.09
CA LEU E 160 -25.46 -7.24 1.05
C LEU E 160 -25.11 -8.27 2.11
N ALA E 161 -23.98 -8.04 2.78
CA ALA E 161 -23.52 -8.95 3.81
C ALA E 161 -22.56 -8.19 4.72
N LEU E 162 -22.30 -8.77 5.89
CA LEU E 162 -21.45 -8.07 6.90
C LEU E 162 -20.06 -7.77 6.31
N THR E 163 -19.46 -8.71 5.58
CA THR E 163 -18.12 -8.50 5.06
C THR E 163 -18.13 -7.73 3.75
N ASP E 164 -18.85 -6.61 3.71
CA ASP E 164 -18.87 -5.72 2.56
C ASP E 164 -18.56 -4.32 3.01
N SER E 165 -17.56 -3.71 2.39
CA SER E 165 -17.11 -2.39 2.77
C SER E 165 -17.06 -1.51 1.53
N MET E 166 -17.30 -0.22 1.73
CA MET E 166 -17.44 0.73 0.64
C MET E 166 -16.08 1.40 0.46
N SER E 167 -15.40 1.05 -0.63
CA SER E 167 -14.05 1.54 -0.82
C SER E 167 -14.05 3.05 -1.08
N PRO E 168 -12.99 3.75 -0.71
CA PRO E 168 -12.94 5.20 -0.97
C PRO E 168 -13.08 5.56 -2.43
N GLN E 169 -12.46 4.75 -3.30
CA GLN E 169 -12.53 5.00 -4.77
C GLN E 169 -13.98 4.83 -5.24
N GLU E 170 -14.70 3.85 -4.69
CA GLU E 170 -16.13 3.65 -5.04
C GLU E 170 -16.91 4.93 -4.69
N ILE E 171 -16.59 5.56 -3.56
CA ILE E 171 -17.27 6.79 -3.18
C ILE E 171 -16.87 7.91 -4.12
N GLU E 172 -15.61 7.93 -4.53
CA GLU E 172 -15.10 9.00 -5.42
C GLU E 172 -15.76 8.86 -6.81
N GLN E 173 -15.92 7.63 -7.32
CA GLN E 173 -16.42 7.43 -8.71
C GLN E 173 -17.95 7.33 -8.79
N LEU E 174 -18.57 6.45 -7.98
CA LEU E 174 -20.04 6.22 -8.11
C LEU E 174 -20.85 7.31 -7.40
N GLY E 175 -20.28 8.52 -7.26
CA GLY E 175 -21.02 9.63 -6.64
C GLY E 175 -20.79 9.70 -5.13
N PRO E 176 -20.59 10.90 -4.55
CA PRO E 176 -20.29 11.02 -3.12
C PRO E 176 -21.36 10.41 -2.21
N SER E 177 -22.63 10.45 -2.61
CA SER E 177 -23.69 10.00 -1.71
C SER E 177 -23.74 8.48 -1.71
N ARG E 178 -23.57 7.87 -0.53
CA ARG E 178 -23.51 6.42 -0.46
C ARG E 178 -24.84 5.78 -0.82
N LEU E 179 -25.95 6.49 -0.64
CA LEU E 179 -27.22 5.96 -1.14
C LEU E 179 -27.16 5.83 -2.65
N ASP E 180 -26.56 6.80 -3.33
CA ASP E 180 -26.40 6.70 -4.77
C ASP E 180 -25.39 5.61 -5.13
N VAL E 181 -24.42 5.36 -4.25
CA VAL E 181 -23.48 4.27 -4.53
C VAL E 181 -24.18 2.93 -4.46
N TYR E 182 -24.98 2.72 -3.42
CA TYR E 182 -25.77 1.49 -3.34
C TYR E 182 -26.74 1.38 -4.51
N ASP E 183 -27.30 2.51 -4.94
CA ASP E 183 -28.18 2.48 -6.11
C ASP E 183 -27.41 2.01 -7.35
N GLU E 184 -26.18 2.50 -7.52
CA GLU E 184 -25.41 2.14 -8.70
C GLU E 184 -24.89 0.71 -8.64
N GLU E 185 -24.63 0.19 -7.44
CA GLU E 185 -23.83 -1.01 -7.27
C GLU E 185 -24.60 -2.19 -6.74
N TRP E 186 -25.40 -2.02 -5.69
CA TRP E 186 -26.11 -3.13 -5.06
C TRP E 186 -27.56 -3.25 -5.50
N LEU E 187 -28.13 -2.21 -6.08
CA LEU E 187 -29.50 -2.32 -6.56
C LEU E 187 -29.56 -3.28 -7.73
N ASN E 188 -30.61 -4.09 -7.78
CA ASN E 188 -30.73 -5.09 -8.84
C ASN E 188 -32.13 -5.01 -9.43
N THR E 189 -32.24 -4.35 -10.58
CA THR E 189 -33.51 -4.25 -11.28
C THR E 189 -33.91 -5.59 -11.84
N ILE E 190 -35.23 -5.82 -11.90
CA ILE E 190 -35.78 -7.03 -12.47
C ILE E 190 -36.96 -6.67 -13.35
N ARG E 191 -36.75 -6.65 -14.66
CA ARG E 191 -37.78 -6.31 -15.62
C ARG E 191 -38.36 -7.59 -16.21
N ILE E 192 -39.69 -7.68 -16.24
CA ILE E 192 -40.39 -8.76 -16.89
C ILE E 192 -41.36 -8.13 -17.89
N GLU E 193 -41.12 -8.35 -19.18
CA GLU E 193 -41.88 -7.69 -20.23
C GLU E 193 -42.62 -8.73 -21.07
N ASP E 194 -43.91 -8.51 -21.28
CA ASP E 194 -44.75 -9.29 -22.18
C ASP E 194 -44.93 -10.74 -21.75
N LYS E 195 -44.45 -11.11 -20.57
CA LYS E 195 -44.51 -12.51 -20.16
C LYS E 195 -45.76 -12.86 -19.39
N ILE E 196 -46.58 -11.88 -19.01
CA ILE E 196 -47.77 -12.14 -18.21
C ILE E 196 -48.97 -11.51 -18.89
N SER E 197 -50.08 -12.24 -18.89
CA SER E 197 -51.34 -11.77 -19.44
C SER E 197 -52.45 -12.07 -18.44
N LEU E 198 -53.32 -11.09 -18.23
CA LEU E 198 -54.34 -11.20 -17.18
C LEU E 198 -55.69 -10.74 -17.72
N GLU E 199 -56.73 -11.51 -17.36
CA GLU E 199 -58.10 -11.16 -17.77
C GLU E 199 -58.83 -10.54 -16.57
N SER E 200 -59.62 -9.48 -16.82
CA SER E 200 -60.38 -8.79 -15.75
C SER E 200 -61.50 -9.70 -15.25
N SER E 201 -61.89 -10.69 -16.05
CA SER E 201 -62.87 -11.66 -15.55
C SER E 201 -62.34 -12.40 -14.35
N TYR E 202 -61.02 -12.40 -14.14
CA TYR E 202 -60.41 -12.94 -12.95
C TYR E 202 -60.47 -11.89 -11.85
N GLU E 203 -59.80 -12.15 -10.74
CA GLU E 203 -59.65 -11.17 -9.68
C GLU E 203 -58.53 -11.62 -8.76
N THR E 204 -58.08 -10.70 -7.91
CA THR E 204 -57.07 -10.99 -6.90
C THR E 204 -55.80 -11.54 -7.52
N ILE E 205 -55.17 -10.71 -8.37
CA ILE E 205 -53.82 -10.99 -8.78
C ILE E 205 -52.91 -10.98 -7.54
N SER E 206 -51.81 -11.72 -7.63
CA SER E 206 -50.87 -11.78 -6.53
C SER E 206 -49.48 -12.10 -7.06
N VAL E 207 -48.48 -11.43 -6.50
CA VAL E 207 -47.09 -11.62 -6.89
C VAL E 207 -46.30 -12.02 -5.66
N PHE E 208 -45.60 -13.14 -5.73
CA PHE E 208 -44.75 -13.60 -4.65
C PHE E 208 -43.29 -13.25 -4.94
N LEU E 209 -42.52 -13.04 -3.88
CA LEU E 209 -41.09 -12.77 -3.99
C LEU E 209 -40.41 -13.52 -2.84
N LYS E 210 -39.92 -14.71 -3.12
CA LYS E 210 -39.28 -15.55 -2.12
C LYS E 210 -37.82 -15.78 -2.51
N THR E 211 -36.91 -15.19 -1.75
CA THR E 211 -35.52 -15.58 -1.85
C THR E 211 -35.37 -17.02 -1.37
N GLU E 212 -34.66 -17.84 -2.14
CA GLU E 212 -34.71 -19.28 -1.94
C GLU E 212 -33.60 -19.85 -1.06
N ILE E 213 -32.36 -19.37 -1.18
CA ILE E 213 -31.26 -20.02 -0.50
C ILE E 213 -31.33 -19.77 1.00
N ALA E 214 -31.58 -18.54 1.41
CA ALA E 214 -31.61 -18.20 2.83
C ALA E 214 -32.56 -17.04 3.04
N GLN E 215 -32.98 -16.87 4.30
CA GLN E 215 -33.81 -15.73 4.65
C GLN E 215 -33.06 -14.44 4.36
N ARG E 216 -33.75 -13.48 3.75
CA ARG E 216 -33.13 -12.22 3.38
C ARG E 216 -34.09 -11.08 3.69
N ASN E 217 -33.53 -9.90 3.88
CA ASN E 217 -34.30 -8.68 4.07
C ASN E 217 -34.42 -8.00 2.72
N LEU E 218 -35.62 -8.00 2.16
CA LEU E 218 -35.87 -7.41 0.85
C LEU E 218 -36.38 -6.00 1.03
N ILE E 219 -35.67 -5.04 0.47
CA ILE E 219 -36.03 -3.62 0.54
C ILE E 219 -36.52 -3.24 -0.84
N ILE E 220 -37.82 -3.27 -1.06
CA ILE E 220 -38.38 -3.00 -2.38
C ILE E 220 -38.30 -1.51 -2.65
N HIS E 221 -37.68 -1.15 -3.77
CA HIS E 221 -37.54 0.25 -4.14
C HIS E 221 -38.93 0.87 -4.34
N PRO E 222 -39.15 2.10 -3.91
CA PRO E 222 -40.51 2.64 -3.91
C PRO E 222 -41.15 2.75 -5.28
N GLU E 223 -40.34 2.98 -6.32
CA GLU E 223 -40.87 3.22 -7.65
C GLU E 223 -41.00 1.95 -8.47
N SER E 224 -41.17 0.83 -7.77
CA SER E 224 -41.36 -0.48 -8.46
C SER E 224 -42.85 -0.73 -8.61
N GLY E 225 -43.30 -1.07 -9.83
CA GLY E 225 -44.70 -1.32 -10.08
C GLY E 225 -44.97 -2.38 -11.11
N ILE E 226 -46.19 -2.38 -11.65
CA ILE E 226 -46.62 -3.34 -12.65
C ILE E 226 -47.46 -2.59 -13.68
N LYS E 227 -46.87 -2.41 -14.88
CA LYS E 227 -47.56 -1.65 -15.96
C LYS E 227 -48.65 -2.50 -16.61
N PHE E 228 -49.91 -2.24 -16.26
CA PHE E 228 -51.01 -2.93 -16.91
C PHE E 228 -51.27 -2.30 -18.26
N ARG E 229 -50.85 -2.96 -19.33
CA ARG E 229 -51.08 -2.50 -20.69
C ARG E 229 -52.32 -3.16 -21.28
N MET E 230 -52.79 -2.59 -22.39
CA MET E 230 -54.05 -3.01 -22.99
C MET E 230 -53.85 -4.03 -24.10
N ASN E 231 -52.61 -4.25 -24.54
CA ASN E 231 -52.25 -5.32 -25.47
C ASN E 231 -53.05 -5.24 -26.78
N PHE E 232 -52.77 -4.18 -27.52
CA PHE E 232 -53.32 -4.03 -28.86
C PHE E 232 -52.94 -5.23 -29.71
N GLU E 233 -53.82 -5.55 -30.68
CA GLU E 233 -53.54 -6.61 -31.64
C GLU E 233 -52.60 -6.17 -32.76
N GLN E 234 -51.93 -5.03 -32.61
CA GLN E 234 -50.99 -4.52 -33.60
C GLN E 234 -49.62 -4.38 -32.96
N GLY E 235 -48.61 -4.95 -33.62
CA GLY E 235 -47.29 -5.05 -33.00
C GLY E 235 -46.61 -3.71 -32.79
N LEU E 236 -46.69 -2.81 -33.76
CA LEU E 236 -45.89 -1.59 -33.72
C LEU E 236 -46.32 -0.67 -32.58
N ARG E 237 -47.63 -0.41 -32.46
CA ARG E 237 -48.11 0.45 -31.39
C ARG E 237 -47.87 -0.20 -30.02
N ASN E 238 -48.00 -1.52 -29.94
CA ASN E 238 -47.71 -2.21 -28.68
C ASN E 238 -46.24 -2.04 -28.30
N LEU E 239 -45.34 -2.14 -29.27
CA LEU E 239 -43.92 -1.93 -29.00
C LEU E 239 -43.66 -0.49 -28.59
N MET E 240 -44.35 0.47 -29.21
CA MET E 240 -44.22 1.86 -28.80
C MET E 240 -44.65 2.05 -27.35
N LEU E 241 -45.74 1.38 -26.96
CA LEU E 241 -46.18 1.45 -25.57
C LEU E 241 -45.16 0.81 -24.64
N ARG E 242 -44.54 -0.29 -25.08
CA ARG E 242 -43.45 -0.90 -24.31
C ARG E 242 -42.35 0.10 -24.04
N LYS E 243 -41.70 0.57 -25.11
CA LYS E 243 -40.52 1.41 -24.99
C LYS E 243 -40.96 2.87 -25.01
N ARG E 244 -41.54 3.30 -23.90
CA ARG E 244 -42.04 4.67 -23.79
C ARG E 244 -40.92 5.69 -23.94
N PHE E 245 -39.80 5.46 -23.25
CA PHE E 245 -38.69 6.42 -23.32
C PHE E 245 -38.03 6.40 -24.69
N LEU E 246 -37.87 5.21 -25.28
CA LEU E 246 -37.31 5.12 -26.62
C LEU E 246 -38.19 5.83 -27.63
N SER E 247 -39.52 5.75 -27.45
CA SER E 247 -40.42 6.51 -28.29
C SER E 247 -40.25 8.00 -28.05
N TYR E 248 -40.12 8.41 -26.77
CA TYR E 248 -39.84 9.81 -26.46
C TYR E 248 -38.62 10.32 -27.21
N ILE E 249 -37.64 9.45 -27.41
CA ILE E 249 -36.46 9.83 -28.17
C ILE E 249 -36.78 9.90 -29.67
N ILE E 250 -37.23 8.78 -30.24
CA ILE E 250 -37.26 8.64 -31.69
C ILE E 250 -38.35 9.53 -32.31
N GLY E 251 -39.54 9.59 -31.70
CA GLY E 251 -40.60 10.40 -32.27
C GLY E 251 -40.28 11.88 -32.26
N ILE E 252 -39.71 12.36 -31.15
CA ILE E 252 -39.28 13.75 -31.08
C ILE E 252 -38.19 14.04 -32.10
N SER E 253 -37.24 13.10 -32.24
CA SER E 253 -36.19 13.28 -33.25
C SER E 253 -36.78 13.38 -34.65
N ILE E 254 -37.75 12.50 -34.97
CA ILE E 254 -38.35 12.52 -36.30
C ILE E 254 -39.10 13.82 -36.54
N PHE E 255 -39.87 14.27 -35.54
CA PHE E 255 -40.59 15.53 -35.69
C PHE E 255 -39.63 16.69 -35.92
N HIS E 256 -38.59 16.77 -35.09
CA HIS E 256 -37.62 17.86 -35.24
C HIS E 256 -36.97 17.83 -36.61
N CYS E 257 -36.55 16.64 -37.05
CA CYS E 257 -35.84 16.54 -38.32
C CYS E 257 -36.74 16.94 -39.48
N ILE E 258 -37.97 16.41 -39.52
CA ILE E 258 -38.85 16.72 -40.65
C ILE E 258 -39.18 18.21 -40.66
N ILE E 259 -39.47 18.79 -39.49
CA ILE E 259 -39.85 20.20 -39.45
C ILE E 259 -38.69 21.07 -39.89
N CYS E 260 -37.49 20.81 -39.36
CA CYS E 260 -36.34 21.64 -39.69
C CYS E 260 -35.94 21.49 -41.15
N VAL E 261 -36.01 20.27 -41.69
CA VAL E 261 -35.67 20.06 -43.10
C VAL E 261 -36.69 20.75 -43.99
N LEU E 262 -37.98 20.65 -43.65
CA LEU E 262 -39.00 21.33 -44.44
C LEU E 262 -38.80 22.85 -44.41
N PHE E 263 -38.45 23.40 -43.25
CA PHE E 263 -38.25 24.84 -43.18
C PHE E 263 -36.97 25.27 -43.90
N PHE E 264 -35.94 24.44 -43.88
CA PHE E 264 -34.68 24.79 -44.54
C PHE E 264 -34.78 24.59 -46.06
N TYR F 17 -20.20 21.60 -34.51
CA TYR F 17 -19.55 22.28 -33.39
C TYR F 17 -20.42 23.41 -32.86
N ILE F 18 -21.15 24.07 -33.76
CA ILE F 18 -22.00 25.20 -33.35
C ILE F 18 -23.10 24.72 -32.41
N VAL F 19 -23.83 23.68 -32.81
CA VAL F 19 -24.93 23.17 -32.00
C VAL F 19 -24.40 22.53 -30.71
N VAL F 20 -23.27 21.85 -30.80
CA VAL F 20 -22.67 21.24 -29.61
C VAL F 20 -22.28 22.30 -28.59
N ALA F 21 -21.62 23.36 -29.06
CA ALA F 21 -21.23 24.46 -28.17
C ALA F 21 -22.44 25.18 -27.61
N PHE F 22 -23.48 25.33 -28.43
CA PHE F 22 -24.69 26.05 -27.97
C PHE F 22 -25.41 25.22 -26.90
N LEU F 23 -25.45 23.90 -27.07
CA LEU F 23 -26.05 23.03 -26.05
C LEU F 23 -25.22 23.01 -24.77
N ILE F 24 -23.89 22.91 -24.90
CA ILE F 24 -23.04 22.88 -23.72
C ILE F 24 -23.15 24.18 -22.94
N GLN F 25 -23.08 25.31 -23.63
CA GLN F 25 -23.18 26.60 -22.95
C GLN F 25 -24.57 26.81 -22.35
N LEU F 26 -25.62 26.33 -23.02
CA LEU F 26 -26.95 26.39 -22.42
C LEU F 26 -27.02 25.57 -21.14
N LEU F 27 -26.45 24.37 -21.16
CA LEU F 27 -26.47 23.52 -19.96
C LEU F 27 -25.65 24.14 -18.85
N ILE F 28 -24.63 24.93 -19.19
CA ILE F 28 -23.84 25.59 -18.15
C ILE F 28 -24.54 26.82 -17.62
N ILE F 29 -25.27 27.54 -18.48
CA ILE F 29 -25.83 28.83 -18.10
C ILE F 29 -27.21 28.72 -17.45
N LEU F 30 -27.98 27.69 -17.82
CA LEU F 30 -29.30 27.50 -17.22
C LEU F 30 -29.29 27.42 -15.69
N PRO F 31 -28.33 26.72 -15.02
CA PRO F 31 -28.42 26.60 -13.56
C PRO F 31 -28.54 27.92 -12.81
N LEU F 32 -27.56 28.81 -12.99
CA LEU F 32 -27.53 30.05 -12.21
C LEU F 32 -28.71 30.94 -12.56
N SER F 33 -28.97 31.12 -13.85
CA SER F 33 -30.07 32.00 -14.27
C SER F 33 -31.42 31.47 -13.80
N ILE F 34 -31.63 30.15 -13.91
CA ILE F 34 -32.91 29.58 -13.50
C ILE F 34 -33.06 29.66 -11.99
N LEU F 35 -31.97 29.51 -11.23
CA LEU F 35 -32.08 29.66 -9.78
C LEU F 35 -32.37 31.11 -9.40
N ILE F 36 -31.76 32.06 -10.10
CA ILE F 36 -32.02 33.47 -9.83
C ILE F 36 -33.48 33.81 -10.13
N TYR F 37 -33.99 33.32 -11.26
CA TYR F 37 -35.40 33.55 -11.58
C TYR F 37 -36.33 32.83 -10.61
N HIS F 38 -35.92 31.65 -10.13
CA HIS F 38 -36.71 30.96 -9.11
C HIS F 38 -36.79 31.77 -7.83
N ASP F 39 -35.66 32.37 -7.42
CA ASP F 39 -35.68 33.25 -6.26
C ASP F 39 -36.55 34.46 -6.50
N PHE F 40 -36.50 35.01 -7.72
CA PHE F 40 -37.36 36.14 -8.07
C PHE F 40 -38.84 35.78 -7.93
N TYR F 41 -39.22 34.60 -8.44
CA TYR F 41 -40.61 34.17 -8.33
C TYR F 41 -40.98 33.82 -6.89
N LEU F 42 -40.04 33.30 -6.11
CA LEU F 42 -40.30 33.05 -4.70
C LEU F 42 -40.58 34.36 -3.96
N ARG F 43 -39.81 35.40 -4.31
CA ARG F 43 -40.09 36.73 -3.71
C ARG F 43 -41.53 37.11 -4.09
N LEU F 44 -41.93 36.83 -5.33
CA LEU F 44 -43.34 37.07 -5.73
C LEU F 44 -44.21 36.01 -5.04
N LEU F 45 -43.66 34.81 -4.81
CA LEU F 45 -44.43 33.70 -4.20
C LEU F 45 -44.91 34.19 -2.84
N PRO F 46 -46.22 34.22 -2.64
CA PRO F 46 -46.76 34.78 -1.40
C PRO F 46 -46.51 33.88 -0.20
N ALA F 47 -46.32 34.52 0.95
CA ALA F 47 -46.31 33.80 2.22
C ALA F 47 -47.71 33.33 2.60
N ASP F 48 -48.76 33.97 2.06
CA ASP F 48 -50.11 33.48 2.22
C ASP F 48 -50.40 32.31 1.30
N SER F 49 -49.79 32.28 0.11
CA SER F 49 -49.99 31.19 -0.83
C SER F 49 -48.93 30.11 -0.74
N SER F 50 -47.97 30.25 0.19
CA SER F 50 -46.95 29.24 0.39
C SER F 50 -46.42 29.37 1.82
N ASN F 51 -46.38 28.25 2.53
CA ASN F 51 -45.89 28.23 3.90
C ASN F 51 -44.96 27.04 4.07
N VAL F 52 -43.99 27.18 4.96
CA VAL F 52 -43.00 26.13 5.22
C VAL F 52 -43.02 25.88 6.72
N VAL F 53 -43.69 24.81 7.13
CA VAL F 53 -43.79 24.44 8.54
C VAL F 53 -42.58 23.57 8.87
N PRO F 54 -41.62 24.06 9.64
CA PRO F 54 -40.47 23.22 10.00
C PRO F 54 -40.93 22.01 10.78
N LEU F 55 -40.32 20.87 10.49
CA LEU F 55 -40.79 19.62 11.06
C LEU F 55 -40.62 19.62 12.58
N ASN F 56 -39.64 20.36 13.09
CA ASN F 56 -39.43 20.41 14.54
C ASN F 56 -40.49 21.23 15.26
N THR F 57 -41.38 21.90 14.54
CA THR F 57 -42.46 22.64 15.17
C THR F 57 -43.69 21.77 15.40
N PHE F 58 -43.63 20.49 15.07
CA PHE F 58 -44.69 19.56 15.42
C PHE F 58 -44.49 19.12 16.87
N ASN F 59 -45.23 18.12 17.31
CA ASN F 59 -45.02 17.49 18.60
C ASN F 59 -44.48 16.09 18.37
N ILE F 60 -43.31 15.82 18.87
CA ILE F 60 -42.66 14.52 18.67
C ILE F 60 -43.14 13.56 19.75
N LEU F 61 -43.33 12.30 19.37
CA LEU F 61 -43.71 11.27 20.34
C LEU F 61 -43.02 9.98 19.88
N ASN F 62 -41.95 9.62 20.58
CA ASN F 62 -41.18 8.45 20.20
C ASN F 62 -41.93 7.17 20.58
N GLY F 63 -41.45 6.05 20.06
CA GLY F 63 -42.06 4.78 20.36
C GLY F 63 -41.23 3.65 19.76
N VAL F 64 -41.79 2.45 19.82
CA VAL F 64 -41.10 1.29 19.29
C VAL F 64 -41.94 0.62 18.23
N GLN F 65 -43.17 0.22 18.59
CA GLN F 65 -44.03 -0.43 17.61
C GLN F 65 -44.46 0.53 16.51
N PHE F 66 -44.32 1.83 16.74
CA PHE F 66 -44.45 2.84 15.70
C PHE F 66 -43.25 3.75 15.79
N GLY F 67 -42.75 4.19 14.65
CA GLY F 67 -41.56 5.03 14.65
C GLY F 67 -41.83 6.38 15.28
N THR F 68 -40.84 7.25 15.17
CA THR F 68 -41.03 8.62 15.63
C THR F 68 -42.18 9.26 14.87
N LYS F 69 -43.11 9.86 15.60
CA LYS F 69 -44.26 10.49 14.97
C LYS F 69 -44.22 11.99 15.23
N PHE F 70 -44.53 12.76 14.18
CA PHE F 70 -44.68 14.20 14.28
C PHE F 70 -46.15 14.51 14.06
N PHE F 71 -46.78 15.14 15.04
CA PHE F 71 -48.18 15.47 14.92
C PHE F 71 -48.40 16.90 15.41
N GLN F 72 -49.21 17.65 14.68
CA GLN F 72 -49.55 19.00 15.06
C GLN F 72 -51.02 19.25 14.78
N SER F 73 -51.68 19.94 15.70
CA SER F 73 -53.06 20.32 15.48
C SER F 73 -53.13 21.40 14.41
N ILE F 74 -54.34 21.86 14.12
CA ILE F 74 -54.56 22.84 13.07
C ILE F 74 -55.53 23.89 13.54
N LYS F 75 -55.20 25.16 13.27
CA LYS F 75 -56.13 26.26 13.44
C LYS F 75 -56.53 26.78 12.08
N SER F 76 -57.81 27.10 11.92
CA SER F 76 -58.35 27.59 10.66
C SER F 76 -58.59 29.09 10.77
N ILE F 77 -58.10 29.84 9.79
CA ILE F 77 -58.20 31.29 9.79
C ILE F 77 -59.38 31.69 8.90
N PRO F 78 -60.44 32.26 9.45
CA PRO F 78 -61.52 32.78 8.59
C PRO F 78 -61.00 33.82 7.62
N VAL F 79 -61.62 33.85 6.43
CA VAL F 79 -61.15 34.73 5.38
C VAL F 79 -61.22 36.18 5.83
N GLY F 80 -60.32 36.99 5.30
CA GLY F 80 -60.23 38.40 5.66
C GLY F 80 -59.02 38.71 6.50
N THR F 81 -58.71 37.84 7.46
CA THR F 81 -57.51 37.98 8.24
C THR F 81 -56.28 37.64 7.39
N ASP F 82 -55.23 38.43 7.52
CA ASP F 82 -53.97 38.12 6.86
C ASP F 82 -53.43 36.82 7.42
N LEU F 83 -53.01 35.93 6.53
CA LEU F 83 -52.55 34.61 6.94
C LEU F 83 -51.25 34.73 7.71
N PRO F 84 -51.16 34.23 8.94
CA PRO F 84 -49.88 34.28 9.66
C PRO F 84 -48.84 33.40 9.00
N GLN F 85 -47.63 33.41 9.54
CA GLN F 85 -46.52 32.66 9.00
C GLN F 85 -45.93 31.79 10.09
N THR F 86 -45.69 30.53 9.80
CA THR F 86 -45.11 29.62 10.78
C THR F 86 -43.66 30.02 11.03
N ILE F 87 -43.38 30.58 12.20
CA ILE F 87 -42.01 31.10 12.48
C ILE F 87 -41.05 29.94 12.78
N ASP F 88 -39.74 30.17 12.58
CA ASP F 88 -38.73 29.13 12.90
C ASP F 88 -38.26 29.35 14.35
N ASN F 89 -39.19 29.26 15.31
CA ASN F 89 -38.81 29.38 16.74
C ASN F 89 -38.54 27.99 17.31
N GLY F 90 -38.89 26.94 16.56
CA GLY F 90 -38.65 25.56 17.01
C GLY F 90 -39.56 25.22 18.17
N LEU F 91 -40.51 26.12 18.48
CA LEU F 91 -41.49 25.88 19.57
C LEU F 91 -42.78 25.32 18.96
N SER F 92 -43.39 24.32 19.60
CA SER F 92 -44.65 23.71 19.09
C SER F 92 -45.70 24.79 18.87
N GLN F 93 -46.08 25.02 17.61
CA GLN F 93 -47.14 25.96 17.32
C GLN F 93 -48.04 25.41 16.22
N LEU F 94 -49.29 25.84 16.24
CA LEU F 94 -50.31 25.29 15.35
C LEU F 94 -50.01 25.65 13.89
N ILE F 95 -50.58 24.86 12.99
CA ILE F 95 -50.38 25.03 11.55
C ILE F 95 -51.50 25.90 11.02
N PRO F 96 -51.19 27.01 10.35
CA PRO F 96 -52.25 27.88 9.84
C PRO F 96 -52.72 27.51 8.44
N MET F 97 -54.03 27.35 8.25
CA MET F 97 -54.57 27.14 6.93
C MET F 97 -55.86 27.93 6.77
N ARG F 98 -56.27 28.10 5.51
CA ARG F 98 -57.49 28.85 5.20
C ARG F 98 -58.72 28.08 5.64
N ASP F 99 -59.89 28.64 5.33
CA ASP F 99 -61.14 28.02 5.75
C ASP F 99 -61.37 26.70 5.02
N ASN F 100 -61.52 26.76 3.69
CA ASN F 100 -61.80 25.56 2.92
C ASN F 100 -60.98 25.40 1.65
N MET F 101 -60.25 26.41 1.22
CA MET F 101 -59.50 26.30 -0.01
C MET F 101 -58.28 25.40 0.21
N GLU F 102 -57.96 24.59 -0.79
CA GLU F 102 -57.23 23.35 -0.57
C GLU F 102 -55.72 23.54 -0.64
N TYR F 103 -55.02 22.90 0.29
CA TYR F 103 -53.56 22.89 0.37
C TYR F 103 -53.01 21.54 -0.04
N LYS F 104 -51.81 21.56 -0.61
CA LYS F 104 -51.19 20.35 -1.16
C LYS F 104 -49.78 20.26 -0.61
N LEU F 105 -49.54 19.28 0.24
CA LEU F 105 -48.34 19.22 1.06
C LEU F 105 -47.11 18.88 0.22
N ASP F 106 -45.95 19.28 0.73
CA ASP F 106 -44.65 18.94 0.14
C ASP F 106 -43.72 18.53 1.27
N LEU F 107 -43.72 17.24 1.60
CA LEU F 107 -42.79 16.74 2.60
C LEU F 107 -41.38 16.75 2.03
N ASN F 108 -40.48 17.52 2.66
CA ASN F 108 -39.06 17.50 2.31
C ASN F 108 -38.22 17.33 3.57
N LEU F 109 -38.07 16.09 4.02
CA LEU F 109 -37.28 15.77 5.18
C LEU F 109 -35.97 15.12 4.74
N GLN F 110 -34.92 15.37 5.51
CA GLN F 110 -33.61 14.82 5.24
C GLN F 110 -32.92 14.54 6.56
N LEU F 111 -32.35 13.36 6.70
CA LEU F 111 -31.98 12.87 8.02
C LEU F 111 -30.81 11.89 7.94
N TYR F 112 -29.99 11.89 8.98
CA TYR F 112 -28.98 10.86 9.16
C TYR F 112 -29.59 9.66 9.86
N CYS F 113 -28.92 8.52 9.75
CA CYS F 113 -29.36 7.31 10.43
C CYS F 113 -28.15 6.63 11.03
N GLN F 114 -28.33 6.02 12.20
CA GLN F 114 -27.18 5.65 13.02
C GLN F 114 -27.64 4.69 14.11
N SER F 115 -26.83 3.66 14.37
CA SER F 115 -27.19 2.66 15.38
C SER F 115 -25.93 1.93 15.81
N LYS F 116 -26.03 1.23 16.94
CA LYS F 116 -24.95 0.36 17.39
C LYS F 116 -25.22 -1.10 17.09
N THR F 117 -26.42 -1.42 16.58
CA THR F 117 -26.74 -2.82 16.30
C THR F 117 -25.85 -3.41 15.23
N ASP F 118 -25.13 -2.55 14.50
CA ASP F 118 -24.21 -2.97 13.45
C ASP F 118 -25.00 -3.77 12.41
N HIS F 119 -26.26 -3.33 12.25
CA HIS F 119 -27.02 -3.87 11.12
C HIS F 119 -26.34 -3.15 9.96
N LEU F 120 -26.32 -3.76 8.78
CA LEU F 120 -25.50 -3.23 7.70
C LEU F 120 -26.09 -1.90 7.20
N ASN F 121 -25.31 -1.15 6.44
CA ASN F 121 -25.57 0.25 6.14
C ASN F 121 -26.68 0.39 5.13
N LEU F 122 -27.84 -0.17 5.42
CA LEU F 122 -28.96 -0.08 4.51
C LEU F 122 -30.23 -0.41 5.26
N ASP F 123 -31.29 0.33 4.98
CA ASP F 123 -32.53 0.16 5.73
C ASP F 123 -33.66 0.81 4.96
N ASN F 124 -34.88 0.60 5.46
CA ASN F 124 -36.09 1.06 4.78
C ASN F 124 -36.85 1.95 5.74
N LEU F 125 -37.11 3.19 5.32
CA LEU F 125 -37.78 4.17 6.17
C LEU F 125 -39.24 4.25 5.75
N LEU F 126 -40.13 3.82 6.64
CA LEU F 126 -41.56 3.85 6.37
C LEU F 126 -42.13 5.20 6.78
N ILE F 127 -42.82 5.85 5.85
CA ILE F 127 -43.40 7.17 6.07
C ILE F 127 -44.91 7.05 5.94
N ASP F 128 -45.63 7.51 6.96
CA ASP F 128 -47.09 7.48 6.97
C ASP F 128 -47.60 8.85 7.36
N VAL F 129 -48.37 9.47 6.47
CA VAL F 129 -48.92 10.80 6.69
C VAL F 129 -50.41 10.61 6.98
N TYR F 130 -50.79 10.68 8.24
CA TYR F 130 -52.17 10.52 8.64
C TYR F 130 -52.90 11.87 8.59
N ARG F 131 -54.16 11.85 9.01
CA ARG F 131 -54.93 13.07 9.22
C ARG F 131 -56.09 12.73 10.14
N GLY F 132 -56.66 13.76 10.74
CA GLY F 132 -57.68 13.57 11.75
C GLY F 132 -59.08 13.81 11.23
N PRO F 133 -60.08 13.23 11.90
CA PRO F 133 -61.48 13.27 11.47
C PRO F 133 -62.05 14.69 11.41
N ASP F 147 -56.36 9.39 12.66
CA ASP F 147 -57.28 8.26 12.64
C ASP F 147 -57.71 7.95 11.22
N GLU F 148 -56.88 8.32 10.25
CA GLU F 148 -57.15 8.07 8.84
C GLU F 148 -55.87 8.34 8.06
N LYS F 149 -55.54 7.43 7.13
CA LYS F 149 -54.26 7.54 6.41
C LYS F 149 -54.47 8.25 5.07
N ILE F 150 -53.50 9.09 4.67
CA ILE F 150 -53.60 9.83 3.38
C ILE F 150 -52.45 9.40 2.46
N PHE F 151 -51.25 9.26 3.01
CA PHE F 151 -50.08 8.93 2.16
C PHE F 151 -49.14 7.94 2.85
N HIS F 152 -48.53 7.04 2.08
CA HIS F 152 -47.56 6.10 2.62
C HIS F 152 -46.54 5.80 1.55
N THR F 153 -45.27 5.80 1.95
CA THR F 153 -44.20 5.42 1.05
C THR F 153 -43.04 4.94 1.90
N SER F 154 -42.11 4.26 1.24
CA SER F 154 -40.88 3.82 1.89
C SER F 154 -39.72 4.23 1.01
N ARG F 155 -38.63 4.66 1.64
CA ARG F 155 -37.45 5.11 0.91
C ARG F 155 -36.24 4.38 1.47
N PRO F 156 -35.45 3.71 0.65
CA PRO F 156 -34.22 3.10 1.15
C PRO F 156 -33.27 4.17 1.63
N ILE F 157 -32.86 4.07 2.88
CA ILE F 157 -31.94 5.02 3.48
C ILE F 157 -30.68 4.27 3.88
N VAL F 158 -29.59 5.01 4.00
CA VAL F 158 -28.31 4.46 4.45
C VAL F 158 -28.08 4.90 5.89
N CYS F 159 -27.50 4.00 6.67
CA CYS F 159 -27.36 4.21 8.10
C CYS F 159 -25.91 4.00 8.52
N LEU F 160 -25.44 4.85 9.43
CA LEU F 160 -24.09 4.68 9.96
C LEU F 160 -24.00 3.37 10.74
N ALA F 161 -22.78 2.87 10.86
CA ALA F 161 -22.53 1.65 11.60
C ALA F 161 -21.12 1.70 12.16
N LEU F 162 -20.84 0.77 13.08
CA LEU F 162 -19.54 0.75 13.73
C LEU F 162 -18.41 0.56 12.72
N THR F 163 -18.60 -0.35 11.76
CA THR F 163 -17.56 -0.64 10.80
C THR F 163 -17.55 0.35 9.64
N ASP F 164 -17.53 1.65 9.96
CA ASP F 164 -17.53 2.70 8.95
C ASP F 164 -16.61 3.83 9.39
N SER F 165 -15.60 4.10 8.59
CA SER F 165 -14.68 5.20 8.85
C SER F 165 -14.42 5.95 7.55
N MET F 166 -14.08 7.22 7.68
CA MET F 166 -13.75 8.04 6.53
C MET F 166 -12.29 7.87 6.14
N SER F 167 -12.06 7.63 4.86
CA SER F 167 -10.71 7.58 4.36
C SER F 167 -10.10 8.96 4.38
N PRO F 168 -8.76 9.05 4.42
CA PRO F 168 -8.13 10.35 4.17
C PRO F 168 -8.49 10.93 2.83
N GLN F 169 -8.75 10.07 1.84
CA GLN F 169 -9.13 10.56 0.51
C GLN F 169 -10.46 11.29 0.56
N GLU F 170 -11.41 10.77 1.32
CA GLU F 170 -12.73 11.40 1.40
C GLU F 170 -12.65 12.81 1.96
N ILE F 171 -11.82 13.01 2.98
CA ILE F 171 -11.70 14.32 3.60
C ILE F 171 -11.05 15.30 2.63
N GLU F 172 -10.15 14.79 1.78
CA GLU F 172 -9.44 15.66 0.82
C GLU F 172 -10.43 16.19 -0.24
N GLN F 173 -11.43 15.39 -0.64
CA GLN F 173 -12.35 15.84 -1.72
C GLN F 173 -13.70 16.36 -1.20
N LEU F 174 -14.32 15.67 -0.22
CA LEU F 174 -15.69 16.06 0.23
C LEU F 174 -15.66 17.18 1.27
N GLY F 175 -14.61 18.02 1.26
CA GLY F 175 -14.50 19.14 2.22
C GLY F 175 -13.79 18.72 3.50
N PRO F 176 -12.97 19.58 4.14
CA PRO F 176 -12.20 19.15 5.32
C PRO F 176 -13.05 18.98 6.55
N SER F 177 -14.23 19.59 6.61
CA SER F 177 -15.08 19.51 7.79
C SER F 177 -15.85 18.19 7.74
N ARG F 178 -15.60 17.32 8.72
CA ARG F 178 -16.24 16.01 8.70
C ARG F 178 -17.75 16.11 8.76
N LEU F 179 -18.29 17.20 9.28
CA LEU F 179 -19.73 17.41 9.18
C LEU F 179 -20.16 17.55 7.73
N ASP F 180 -19.34 18.22 6.93
CA ASP F 180 -19.65 18.34 5.50
C ASP F 180 -19.53 17.00 4.80
N VAL F 181 -18.57 16.17 5.19
CA VAL F 181 -18.44 14.86 4.56
C VAL F 181 -19.64 13.98 4.91
N TYR F 182 -20.03 13.96 6.18
CA TYR F 182 -21.24 13.25 6.55
C TYR F 182 -22.47 13.81 5.85
N ASP F 183 -22.40 15.06 5.39
CA ASP F 183 -23.53 15.68 4.71
C ASP F 183 -23.58 15.28 3.25
N GLU F 184 -22.47 15.41 2.54
CA GLU F 184 -22.43 15.05 1.14
C GLU F 184 -22.58 13.55 0.92
N GLU F 185 -22.38 12.75 1.96
CA GLU F 185 -22.19 11.32 1.79
C GLU F 185 -23.20 10.46 2.55
N TRP F 186 -23.59 10.87 3.75
CA TRP F 186 -24.47 10.06 4.59
C TRP F 186 -25.84 10.66 4.80
N LEU F 187 -26.19 11.74 4.10
CA LEU F 187 -27.46 12.40 4.31
C LEU F 187 -28.52 11.80 3.41
N ASN F 188 -29.68 11.50 3.98
CA ASN F 188 -30.77 10.86 3.25
C ASN F 188 -31.80 11.93 2.91
N THR F 189 -31.59 12.61 1.79
CA THR F 189 -32.57 13.58 1.33
C THR F 189 -33.79 12.85 0.82
N ILE F 190 -34.94 13.10 1.44
CA ILE F 190 -36.20 12.46 1.07
C ILE F 190 -37.18 13.56 0.73
N ARG F 191 -37.45 13.73 -0.56
CA ARG F 191 -38.33 14.78 -1.03
C ARG F 191 -39.59 14.15 -1.60
N ILE F 192 -40.71 14.38 -0.94
CA ILE F 192 -42.01 13.88 -1.38
C ILE F 192 -42.84 15.08 -1.77
N GLU F 193 -42.88 15.38 -3.06
CA GLU F 193 -43.49 16.60 -3.56
C GLU F 193 -44.72 16.29 -4.39
N ASP F 194 -45.75 17.11 -4.22
CA ASP F 194 -46.97 17.04 -5.03
C ASP F 194 -47.60 15.66 -4.94
N LYS F 195 -47.77 15.17 -3.72
CA LYS F 195 -48.36 13.85 -3.50
C LYS F 195 -49.40 13.81 -2.41
N ILE F 196 -49.48 14.81 -1.54
CA ILE F 196 -50.40 14.79 -0.40
C ILE F 196 -51.30 16.01 -0.49
N SER F 197 -52.58 15.81 -0.20
CA SER F 197 -53.55 16.90 -0.16
C SER F 197 -54.28 16.84 1.17
N LEU F 198 -54.36 18.00 1.84
CA LEU F 198 -54.97 18.02 3.19
C LEU F 198 -56.10 19.04 3.28
N GLU F 199 -57.34 18.57 3.42
CA GLU F 199 -58.48 19.45 3.63
C GLU F 199 -58.25 20.29 4.88
N SER F 200 -58.56 21.59 4.79
CA SER F 200 -58.48 22.43 5.97
C SER F 200 -59.50 22.01 7.02
N SER F 201 -60.62 21.42 6.59
CA SER F 201 -61.64 20.99 7.53
C SER F 201 -61.12 19.91 8.47
N TYR F 202 -60.37 18.96 7.93
CA TYR F 202 -59.68 17.99 8.78
C TYR F 202 -58.60 18.68 9.59
N GLU F 203 -58.32 18.13 10.78
CA GLU F 203 -57.31 18.74 11.67
C GLU F 203 -56.31 17.68 12.13
N THR F 204 -55.46 18.01 13.10
CA THR F 204 -54.48 17.03 13.68
C THR F 204 -53.78 16.21 12.59
N ILE F 205 -53.01 16.88 11.71
CA ILE F 205 -52.18 16.15 10.70
C ILE F 205 -51.02 15.47 11.43
N SER F 206 -50.62 14.29 10.98
CA SER F 206 -49.57 13.52 11.65
C SER F 206 -48.67 12.90 10.59
N VAL F 207 -47.39 12.74 10.95
CA VAL F 207 -46.40 12.11 10.08
C VAL F 207 -45.63 11.09 10.90
N PHE F 208 -45.44 9.90 10.34
CA PHE F 208 -44.75 8.82 11.02
C PHE F 208 -43.46 8.48 10.28
N LEU F 209 -42.40 8.25 11.03
CA LEU F 209 -41.10 7.89 10.47
C LEU F 209 -40.61 6.64 11.21
N LYS F 210 -40.92 5.48 10.66
CA LYS F 210 -40.49 4.21 11.23
C LYS F 210 -39.41 3.60 10.33
N THR F 211 -38.51 2.85 10.96
CA THR F 211 -37.51 2.08 10.24
C THR F 211 -37.91 0.61 10.27
N GLU F 212 -37.89 -0.02 9.10
CA GLU F 212 -38.54 -1.32 8.97
C GLU F 212 -37.66 -2.47 9.47
N ILE F 213 -36.36 -2.43 9.19
CA ILE F 213 -35.53 -3.60 9.43
C ILE F 213 -35.07 -3.66 10.88
N ALA F 214 -34.52 -2.58 11.41
CA ALA F 214 -33.97 -2.59 12.76
C ALA F 214 -34.19 -1.24 13.42
N GLN F 215 -34.05 -1.23 14.74
CA GLN F 215 -34.22 0.00 15.51
C GLN F 215 -33.02 0.90 15.31
N ARG F 216 -33.23 2.06 14.71
CA ARG F 216 -32.17 3.02 14.45
C ARG F 216 -32.43 4.30 15.23
N ASN F 217 -31.43 5.18 15.21
CA ASN F 217 -31.56 6.54 15.70
C ASN F 217 -31.62 7.47 14.50
N LEU F 218 -32.73 8.17 14.34
CA LEU F 218 -32.89 9.12 13.26
C LEU F 218 -32.53 10.51 13.76
N ILE F 219 -31.74 11.23 12.97
CA ILE F 219 -31.33 12.58 13.29
C ILE F 219 -31.92 13.47 12.22
N ILE F 220 -33.00 14.16 12.54
CA ILE F 220 -33.72 14.95 11.54
C ILE F 220 -33.00 16.28 11.36
N HIS F 221 -32.57 16.55 10.14
CA HIS F 221 -31.87 17.80 9.87
C HIS F 221 -32.80 18.97 10.17
N PRO F 222 -32.31 20.02 10.83
CA PRO F 222 -33.23 21.05 11.35
C PRO F 222 -34.02 21.77 10.28
N GLU F 223 -33.56 21.78 9.03
CA GLU F 223 -34.25 22.50 7.97
C GLU F 223 -35.30 21.67 7.27
N SER F 224 -35.49 20.44 7.76
CA SER F 224 -36.55 19.56 7.20
C SER F 224 -37.92 20.13 7.61
N GLY F 225 -38.90 20.05 6.71
CA GLY F 225 -40.22 20.54 7.02
C GLY F 225 -41.24 20.03 6.03
N ILE F 226 -42.41 20.66 6.05
CA ILE F 226 -43.53 20.28 5.20
C ILE F 226 -44.08 21.57 4.59
N LYS F 227 -43.81 21.79 3.31
CA LYS F 227 -44.40 22.94 2.64
C LYS F 227 -45.90 22.78 2.53
N PHE F 228 -46.60 23.91 2.41
CA PHE F 228 -48.05 23.93 2.22
C PHE F 228 -48.32 24.79 1.00
N ARG F 229 -48.22 24.21 -0.18
CA ARG F 229 -48.60 24.96 -1.37
C ARG F 229 -50.11 25.02 -1.48
N MET F 230 -50.59 26.02 -2.23
CA MET F 230 -52.01 26.21 -2.44
C MET F 230 -52.42 25.39 -3.66
N ASN F 231 -53.41 24.52 -3.48
CA ASN F 231 -53.91 23.69 -4.58
C ASN F 231 -55.03 24.46 -5.26
N PHE F 232 -54.67 25.55 -5.93
CA PHE F 232 -55.65 26.40 -6.60
C PHE F 232 -55.97 25.85 -7.98
N GLU F 233 -56.91 26.54 -8.66
CA GLU F 233 -57.44 26.05 -9.92
C GLU F 233 -56.34 25.86 -10.94
N GLN F 234 -56.27 24.65 -11.50
CA GLN F 234 -55.23 24.32 -12.47
C GLN F 234 -55.32 25.18 -13.71
N GLY F 235 -56.51 25.66 -14.06
CA GLY F 235 -56.67 26.50 -15.23
C GLY F 235 -55.80 27.73 -15.14
N LEU F 236 -55.74 28.33 -13.96
CA LEU F 236 -54.76 29.37 -13.67
C LEU F 236 -53.35 28.83 -13.57
N ARG F 237 -53.17 27.67 -12.91
CA ARG F 237 -51.84 27.09 -12.74
C ARG F 237 -51.25 26.65 -14.08
N ASN F 238 -52.09 26.06 -14.94
CA ASN F 238 -51.63 25.69 -16.28
C ASN F 238 -51.19 26.93 -17.04
N LEU F 239 -52.02 27.98 -17.04
CA LEU F 239 -51.62 29.23 -17.68
C LEU F 239 -50.41 29.84 -16.97
N MET F 240 -50.39 29.78 -15.63
CA MET F 240 -49.20 30.22 -14.91
C MET F 240 -48.00 29.40 -15.31
N LEU F 241 -48.18 28.09 -15.46
CA LEU F 241 -47.11 27.27 -16.05
C LEU F 241 -46.79 27.73 -17.47
N ARG F 242 -47.82 28.03 -18.26
CA ARG F 242 -47.59 28.59 -19.59
C ARG F 242 -47.03 30.00 -19.53
N LYS F 243 -47.21 30.70 -18.41
CA LYS F 243 -46.53 31.97 -18.19
C LYS F 243 -45.15 31.77 -17.58
N ARG F 244 -45.03 30.79 -16.70
CA ARG F 244 -43.70 30.52 -16.09
C ARG F 244 -42.75 29.99 -17.19
N PHE F 245 -43.13 28.91 -17.85
CA PHE F 245 -42.30 28.33 -18.92
C PHE F 245 -41.88 29.42 -19.89
N LEU F 246 -42.84 30.20 -20.40
CA LEU F 246 -42.48 31.20 -21.42
C LEU F 246 -41.47 32.19 -20.89
N SER F 247 -41.67 32.68 -19.66
CA SER F 247 -40.74 33.66 -19.10
C SER F 247 -39.35 33.05 -18.90
N TYR F 248 -39.29 31.84 -18.35
CA TYR F 248 -38.01 31.19 -18.13
C TYR F 248 -37.28 30.96 -19.46
N ILE F 249 -37.99 30.42 -20.45
CA ILE F 249 -37.39 30.17 -21.75
C ILE F 249 -36.90 31.48 -22.37
N ILE F 250 -37.74 32.52 -22.32
CA ILE F 250 -37.38 33.79 -22.96
C ILE F 250 -36.14 34.38 -22.31
N GLY F 251 -36.12 34.45 -20.98
CA GLY F 251 -34.98 35.07 -20.30
C GLY F 251 -33.70 34.28 -20.50
N ILE F 252 -33.78 32.95 -20.32
CA ILE F 252 -32.59 32.13 -20.48
C ILE F 252 -32.08 32.19 -21.91
N SER F 253 -32.99 32.13 -22.89
CA SER F 253 -32.58 32.19 -24.28
C SER F 253 -31.94 33.53 -24.61
N ILE F 254 -32.52 34.63 -24.13
CA ILE F 254 -31.96 35.95 -24.43
C ILE F 254 -30.55 36.06 -23.86
N PHE F 255 -30.40 35.76 -22.57
CA PHE F 255 -29.08 35.91 -21.94
C PHE F 255 -28.06 34.98 -22.58
N HIS F 256 -28.43 33.71 -22.76
CA HIS F 256 -27.51 32.74 -23.31
C HIS F 256 -27.11 33.09 -24.74
N CYS F 257 -28.08 33.46 -25.57
CA CYS F 257 -27.78 33.79 -26.96
C CYS F 257 -26.88 35.01 -27.05
N ILE F 258 -27.19 36.06 -26.28
CA ILE F 258 -26.36 37.27 -26.31
C ILE F 258 -24.92 36.93 -25.87
N ILE F 259 -24.79 36.25 -24.73
CA ILE F 259 -23.45 35.99 -24.21
C ILE F 259 -22.69 35.03 -25.11
N CYS F 260 -23.37 34.06 -25.72
CA CYS F 260 -22.70 33.12 -26.62
C CYS F 260 -22.23 33.81 -27.89
N VAL F 261 -23.08 34.63 -28.49
CA VAL F 261 -22.69 35.35 -29.71
C VAL F 261 -21.52 36.29 -29.40
N LEU F 262 -21.53 36.91 -28.22
CA LEU F 262 -20.40 37.76 -27.85
C LEU F 262 -19.14 36.94 -27.63
N PHE F 263 -19.27 35.74 -27.07
CA PHE F 263 -18.10 34.91 -26.77
C PHE F 263 -17.58 34.15 -27.98
N PHE F 264 -18.35 34.06 -29.07
CA PHE F 264 -17.90 33.32 -30.25
C PHE F 264 -16.85 34.12 -31.00
N TYR G 17 43.87 30.04 -17.19
CA TYR G 17 45.29 30.22 -16.90
C TYR G 17 45.49 31.00 -15.61
N ILE G 18 44.38 31.46 -15.03
CA ILE G 18 44.43 32.27 -13.81
C ILE G 18 43.84 31.55 -12.60
N VAL G 19 43.00 30.52 -12.81
CA VAL G 19 42.40 29.84 -11.67
C VAL G 19 43.45 29.09 -10.85
N VAL G 20 44.56 28.69 -11.47
CA VAL G 20 45.65 28.07 -10.72
C VAL G 20 46.24 29.06 -9.74
N ALA G 21 46.51 30.29 -10.21
CA ALA G 21 46.98 31.33 -9.30
C ALA G 21 45.91 31.71 -8.28
N PHE G 22 44.64 31.58 -8.65
CA PHE G 22 43.56 31.79 -7.70
C PHE G 22 43.63 30.81 -6.55
N LEU G 23 43.85 29.53 -6.86
CA LEU G 23 44.02 28.54 -5.80
C LEU G 23 45.31 28.75 -5.02
N ILE G 24 46.37 29.20 -5.69
CA ILE G 24 47.60 29.53 -4.98
C ILE G 24 47.33 30.64 -3.97
N GLN G 25 46.58 31.65 -4.37
CA GLN G 25 46.20 32.73 -3.47
C GLN G 25 45.34 32.20 -2.33
N LEU G 26 44.45 31.25 -2.62
CA LEU G 26 43.66 30.63 -1.55
C LEU G 26 44.56 29.95 -0.54
N LEU G 27 45.45 29.08 -1.02
CA LEU G 27 46.34 28.33 -0.16
C LEU G 27 47.41 29.19 0.48
N ILE G 28 47.55 30.44 0.06
CA ILE G 28 48.40 31.39 0.76
C ILE G 28 47.63 32.18 1.81
N ILE G 29 46.47 32.73 1.44
CA ILE G 29 45.73 33.62 2.32
C ILE G 29 45.06 32.82 3.44
N LEU G 30 44.25 31.82 3.07
CA LEU G 30 43.47 31.10 4.07
C LEU G 30 44.33 30.46 5.15
N PRO G 31 45.45 29.79 4.84
CA PRO G 31 46.38 29.43 5.93
C PRO G 31 46.93 30.64 6.67
N LEU G 32 47.30 31.70 5.96
CA LEU G 32 47.70 32.91 6.66
C LEU G 32 46.52 33.55 7.39
N SER G 33 45.31 33.39 6.88
CA SER G 33 44.10 33.96 7.55
C SER G 33 43.95 33.26 8.90
N ILE G 34 44.03 31.92 8.90
CA ILE G 34 43.85 31.20 10.14
C ILE G 34 45.03 31.45 11.09
N LEU G 35 46.24 31.64 10.55
CA LEU G 35 47.37 31.95 11.41
C LEU G 35 47.20 33.30 12.10
N ILE G 36 46.79 34.33 11.35
CA ILE G 36 46.56 35.63 11.96
C ILE G 36 45.35 35.59 12.88
N TYR G 37 44.38 34.73 12.57
CA TYR G 37 43.23 34.53 13.45
C TYR G 37 43.66 33.94 14.78
N HIS G 38 44.56 32.96 14.76
CA HIS G 38 45.11 32.44 16.00
C HIS G 38 46.02 33.46 16.67
N ASP G 39 46.61 34.38 15.90
CA ASP G 39 47.32 35.51 16.51
C ASP G 39 46.38 36.38 17.32
N PHE G 40 45.20 36.68 16.76
CA PHE G 40 44.19 37.42 17.52
C PHE G 40 43.71 36.63 18.73
N TYR G 41 43.57 35.31 18.59
CA TYR G 41 43.27 34.50 19.77
C TYR G 41 44.37 34.63 20.83
N LEU G 42 45.62 34.61 20.40
CA LEU G 42 46.74 34.69 21.35
C LEU G 42 46.76 36.03 22.07
N ARG G 43 46.51 37.12 21.35
CA ARG G 43 46.61 38.43 21.99
C ARG G 43 45.33 38.83 22.72
N LEU G 44 44.17 38.72 22.07
CA LEU G 44 42.92 39.11 22.70
C LEU G 44 42.57 38.18 23.84
N LEU G 45 42.61 36.87 23.59
CA LEU G 45 42.33 35.90 24.63
C LEU G 45 43.63 35.44 25.28
N PRO G 46 43.58 34.98 26.53
CA PRO G 46 44.76 34.35 27.13
C PRO G 46 45.10 33.01 26.51
N ALA G 47 44.28 32.53 25.57
CA ALA G 47 44.38 31.24 24.89
C ALA G 47 44.08 30.07 25.81
N ASP G 48 43.80 30.30 27.09
CA ASP G 48 43.42 29.24 28.01
C ASP G 48 42.30 29.69 28.92
N SER G 49 41.42 30.57 28.44
CA SER G 49 40.31 31.04 29.26
C SER G 49 39.23 29.97 29.37
N SER G 50 38.68 29.56 28.25
CA SER G 50 37.62 28.56 28.25
C SER G 50 38.19 27.19 28.60
N ASN G 51 37.32 26.34 29.15
CA ASN G 51 37.74 24.99 29.55
C ASN G 51 36.52 24.09 29.46
N VAL G 52 36.46 23.30 28.37
CA VAL G 52 35.34 22.35 28.17
C VAL G 52 35.53 21.19 29.15
N VAL G 53 34.60 21.03 30.09
CA VAL G 53 34.67 19.96 31.08
C VAL G 53 33.56 18.96 30.76
N PRO G 54 33.87 17.78 30.24
CA PRO G 54 32.82 16.81 29.93
C PRO G 54 32.13 16.29 31.17
N LEU G 55 30.85 15.96 31.02
CA LEU G 55 30.10 15.42 32.15
C LEU G 55 30.73 14.16 32.71
N ASN G 56 31.28 13.31 31.84
CA ASN G 56 31.82 12.05 32.33
C ASN G 56 33.04 12.24 33.20
N THR G 57 33.60 13.44 33.27
CA THR G 57 34.67 13.72 34.21
C THR G 57 34.16 14.12 35.59
N PHE G 58 32.84 14.21 35.76
CA PHE G 58 32.26 14.41 37.08
C PHE G 58 32.20 13.06 37.79
N ASN G 59 31.58 13.02 38.96
CA ASN G 59 31.35 11.78 39.68
C ASN G 59 29.86 11.46 39.62
N ILE G 60 29.49 10.56 38.72
CA ILE G 60 28.09 10.20 38.55
C ILE G 60 27.60 9.51 39.81
N LEU G 61 26.36 9.80 40.20
CA LEU G 61 25.73 9.11 41.33
C LEU G 61 24.24 9.09 41.05
N ASN G 62 23.69 7.90 40.80
CA ASN G 62 22.30 7.78 40.40
C ASN G 62 21.38 7.89 41.62
N GLY G 63 20.08 7.82 41.34
CA GLY G 63 19.09 7.85 42.40
C GLY G 63 17.71 7.65 41.81
N VAL G 64 16.71 7.65 42.68
CA VAL G 64 15.32 7.58 42.29
C VAL G 64 14.59 8.88 42.56
N GLN G 65 14.80 9.46 43.74
CA GLN G 65 14.19 10.75 44.04
C GLN G 65 14.79 11.85 43.16
N PHE G 66 16.09 11.79 42.93
CA PHE G 66 16.77 12.63 41.95
C PHE G 66 17.35 11.74 40.87
N GLY G 67 17.39 12.25 39.65
CA GLY G 67 17.95 11.48 38.56
C GLY G 67 19.45 11.38 38.65
N THR G 68 20.11 11.20 37.52
CA THR G 68 21.56 11.23 37.52
C THR G 68 22.04 12.59 38.00
N LYS G 69 22.97 12.62 38.94
CA LYS G 69 23.62 13.85 39.34
C LYS G 69 25.10 13.74 39.06
N PHE G 70 25.65 14.78 38.45
CA PHE G 70 27.07 14.88 38.18
C PHE G 70 27.64 15.95 39.09
N PHE G 71 28.63 15.58 39.90
CA PHE G 71 29.26 16.54 40.79
C PHE G 71 30.76 16.36 40.71
N GLN G 72 31.48 17.45 41.01
CA GLN G 72 32.93 17.42 40.99
C GLN G 72 33.45 18.65 41.72
N SER G 73 34.33 18.43 42.69
CA SER G 73 34.86 19.53 43.46
C SER G 73 35.71 20.45 42.60
N ILE G 74 36.15 21.56 43.18
CA ILE G 74 36.91 22.58 42.47
C ILE G 74 38.20 22.84 43.23
N LYS G 75 39.31 22.86 42.51
CA LYS G 75 40.59 23.28 43.05
C LYS G 75 40.85 24.73 42.65
N SER G 76 41.28 25.53 43.61
CA SER G 76 41.50 26.95 43.40
C SER G 76 42.94 27.18 42.98
N ILE G 77 43.14 27.82 41.83
CA ILE G 77 44.44 27.97 41.21
C ILE G 77 44.99 29.34 41.60
N PRO G 78 46.08 29.42 42.36
CA PRO G 78 46.67 30.73 42.67
C PRO G 78 47.13 31.44 41.39
N VAL G 79 47.05 32.77 41.42
CA VAL G 79 47.37 33.57 40.24
C VAL G 79 48.84 33.43 39.91
N GLY G 80 49.14 33.40 38.61
CA GLY G 80 50.50 33.23 38.16
C GLY G 80 50.82 31.80 37.78
N THR G 81 50.33 30.87 38.58
CA THR G 81 50.47 29.45 38.27
C THR G 81 49.79 29.14 36.94
N ASP G 82 50.45 28.33 36.12
CA ASP G 82 49.87 27.95 34.84
C ASP G 82 48.56 27.21 35.03
N LEU G 83 47.61 27.45 34.15
CA LEU G 83 46.28 26.89 34.29
C LEU G 83 46.25 25.47 33.76
N PRO G 84 45.85 24.48 34.54
CA PRO G 84 45.75 23.12 34.02
C PRO G 84 44.67 23.01 32.96
N GLN G 85 44.53 21.83 32.36
CA GLN G 85 43.56 21.60 31.31
C GLN G 85 42.78 20.34 31.62
N THR G 86 41.46 20.41 31.51
CA THR G 86 40.62 19.25 31.76
C THR G 86 40.74 18.30 30.58
N ILE G 87 41.59 17.29 30.72
CA ILE G 87 41.75 16.30 29.67
C ILE G 87 40.51 15.43 29.61
N ASP G 88 40.08 15.11 28.39
CA ASP G 88 38.91 14.22 28.17
C ASP G 88 39.35 12.76 28.32
N ASN G 89 40.02 12.44 29.42
CA ASN G 89 40.42 11.04 29.70
C ASN G 89 39.21 10.31 30.26
N GLY G 90 38.08 11.00 30.43
CA GLY G 90 36.90 10.38 31.04
C GLY G 90 37.14 10.03 32.49
N LEU G 91 38.34 10.29 32.98
CA LEU G 91 38.67 10.01 34.40
C LEU G 91 38.21 11.18 35.26
N SER G 92 37.72 10.91 36.48
CA SER G 92 37.32 12.00 37.40
C SER G 92 38.51 12.90 37.66
N GLN G 93 38.33 14.22 37.58
CA GLN G 93 39.45 15.13 37.73
C GLN G 93 38.92 16.53 38.04
N LEU G 94 39.52 17.17 39.05
CA LEU G 94 38.97 18.39 39.62
C LEU G 94 38.96 19.52 38.60
N ILE G 95 37.96 20.39 38.70
CA ILE G 95 37.83 21.50 37.75
C ILE G 95 38.81 22.60 38.13
N PRO G 96 39.62 23.09 37.19
CA PRO G 96 40.50 24.23 37.48
C PRO G 96 39.87 25.56 37.11
N MET G 97 40.11 26.56 37.94
CA MET G 97 39.52 27.88 37.76
C MET G 97 40.11 28.85 38.78
N ARG G 98 40.45 30.07 38.35
CA ARG G 98 41.18 31.02 39.22
C ARG G 98 40.34 31.43 40.44
N ASP G 99 40.85 31.21 41.65
CA ASP G 99 40.13 31.58 42.90
C ASP G 99 39.52 32.98 42.77
N ASN G 100 40.35 33.98 42.45
CA ASN G 100 39.86 35.39 42.35
C ASN G 100 39.49 35.70 40.89
N MET G 101 38.45 35.04 40.36
CA MET G 101 38.00 35.29 38.97
C MET G 101 36.56 34.79 38.81
N GLU G 102 35.68 35.63 38.24
CA GLU G 102 34.28 35.22 37.98
C GLU G 102 34.25 34.27 36.78
N TYR G 103 33.46 33.21 36.85
CA TYR G 103 33.34 32.28 35.74
C TYR G 103 31.87 32.07 35.37
N LYS G 104 31.62 31.99 34.07
CA LYS G 104 30.27 31.88 33.52
C LYS G 104 30.15 30.59 32.74
N LEU G 105 29.23 29.72 33.15
CA LEU G 105 29.12 28.37 32.61
C LEU G 105 28.34 28.36 31.30
N ASP G 106 28.44 27.23 30.60
CA ASP G 106 27.67 26.93 29.39
C ASP G 106 27.37 25.43 29.42
N LEU G 107 26.20 25.07 29.92
CA LEU G 107 25.78 23.68 29.96
C LEU G 107 25.42 23.22 28.56
N ASN G 108 26.14 22.22 28.06
CA ASN G 108 25.91 21.67 26.73
C ASN G 108 25.80 20.16 26.84
N LEU G 109 24.60 19.68 27.11
CA LEU G 109 24.38 18.24 27.20
C LEU G 109 23.38 17.79 26.14
N GLN G 110 23.71 16.70 25.47
CA GLN G 110 22.82 16.03 24.55
C GLN G 110 22.75 14.57 24.95
N LEU G 111 21.59 13.96 24.78
CA LEU G 111 21.35 12.65 25.36
C LEU G 111 20.27 11.92 24.55
N TYR G 112 20.16 10.64 24.80
CA TYR G 112 19.04 9.84 24.32
C TYR G 112 18.15 9.49 25.52
N CYS G 113 16.94 9.06 25.22
CA CYS G 113 16.07 8.59 26.28
C CYS G 113 15.39 7.30 25.82
N GLN G 114 15.02 6.46 26.78
CA GLN G 114 14.57 5.12 26.45
C GLN G 114 13.86 4.55 27.66
N SER G 115 12.96 3.59 27.44
CA SER G 115 12.18 3.03 28.55
C SER G 115 11.58 1.70 28.15
N LYS G 116 11.79 0.68 28.98
CA LYS G 116 11.16 -0.66 28.72
C LYS G 116 9.64 -0.52 28.85
N THR G 117 9.14 0.11 29.92
CA THR G 117 7.71 0.33 30.04
C THR G 117 7.24 1.25 28.93
N ASP G 118 6.29 0.76 28.12
CA ASP G 118 5.73 1.57 27.01
C ASP G 118 4.72 2.54 27.61
N HIS G 119 5.14 3.29 28.65
CA HIS G 119 4.21 4.20 29.34
C HIS G 119 4.02 5.49 28.54
N LEU G 120 5.10 6.26 28.34
CA LEU G 120 4.97 7.60 27.71
C LEU G 120 5.97 7.77 26.55
N ASN G 121 5.73 8.72 25.63
CA ASN G 121 6.60 8.86 24.43
C ASN G 121 7.32 10.20 24.42
N LEU G 122 6.82 11.17 25.18
CA LEU G 122 7.44 12.48 25.26
C LEU G 122 7.48 12.88 26.72
N ASP G 123 8.62 13.39 27.17
CA ASP G 123 8.80 13.60 28.59
C ASP G 123 9.55 14.91 28.83
N ASN G 124 9.71 15.26 30.11
CA ASN G 124 10.18 16.58 30.52
C ASN G 124 11.39 16.41 31.43
N LEU G 125 12.57 16.75 30.93
CA LEU G 125 13.79 16.61 31.70
C LEU G 125 14.01 17.83 32.57
N LEU G 126 14.26 17.59 33.85
CA LEU G 126 14.48 18.66 34.81
C LEU G 126 15.97 18.76 35.11
N ILE G 127 16.53 19.96 34.95
CA ILE G 127 17.95 20.20 35.17
C ILE G 127 18.10 21.15 36.35
N ASP G 128 18.87 20.74 37.35
CA ASP G 128 19.18 21.59 38.49
C ASP G 128 20.68 21.67 38.64
N VAL G 129 21.18 22.88 38.87
CA VAL G 129 22.61 23.11 39.00
C VAL G 129 22.86 23.74 40.36
N TYR G 130 23.31 22.94 41.31
CA TYR G 130 23.63 23.42 42.64
C TYR G 130 25.10 23.80 42.75
N ARG G 131 25.45 24.40 43.88
CA ARG G 131 26.84 24.60 44.28
C ARG G 131 26.92 24.43 45.78
N GLY G 132 28.15 24.48 46.32
CA GLY G 132 28.37 24.18 47.71
C GLY G 132 29.23 25.20 48.41
N PRO G 133 28.78 25.66 49.57
CA PRO G 133 29.54 26.61 50.41
C PRO G 133 30.55 25.91 51.30
N ASP G 147 24.74 22.71 47.76
CA ASP G 147 23.80 22.93 48.85
C ASP G 147 22.87 24.10 48.53
N GLU G 148 23.37 25.05 47.74
CA GLU G 148 22.61 26.24 47.38
C GLU G 148 22.34 26.20 45.88
N LYS G 149 21.07 26.19 45.50
CA LYS G 149 20.70 26.06 44.10
C LYS G 149 21.00 27.34 43.34
N ILE G 150 21.51 27.18 42.12
CA ILE G 150 21.79 28.29 41.22
C ILE G 150 20.77 28.35 40.08
N PHE G 151 20.65 27.28 39.33
CA PHE G 151 19.91 27.30 38.08
C PHE G 151 19.02 26.08 38.00
N HIS G 152 17.80 26.30 37.53
CA HIS G 152 16.86 25.20 37.32
C HIS G 152 16.11 25.48 36.03
N THR G 153 15.92 24.44 35.23
CA THR G 153 15.16 24.57 34.01
C THR G 153 14.54 23.23 33.68
N SER G 154 13.69 23.23 32.66
CA SER G 154 13.11 22.01 32.15
C SER G 154 13.19 22.08 30.64
N ARG G 155 13.22 20.92 30.00
CA ARG G 155 13.28 20.85 28.58
C ARG G 155 12.45 19.65 28.16
N PRO G 156 11.48 19.82 27.28
CA PRO G 156 10.73 18.66 26.80
C PRO G 156 11.59 17.79 25.92
N ILE G 157 12.01 16.66 26.43
CA ILE G 157 12.83 15.73 25.67
C ILE G 157 11.93 14.69 25.04
N VAL G 158 12.37 14.14 23.94
CA VAL G 158 11.64 13.07 23.28
C VAL G 158 12.32 11.76 23.65
N CYS G 159 11.51 10.72 23.81
CA CYS G 159 11.98 9.47 24.40
C CYS G 159 11.60 8.29 23.52
N LEU G 160 12.51 7.34 23.40
CA LEU G 160 12.22 6.10 22.71
C LEU G 160 11.18 5.29 23.47
N ALA G 161 10.55 4.37 22.76
CA ALA G 161 9.52 3.52 23.35
C ALA G 161 9.37 2.28 22.49
N LEU G 162 8.72 1.25 23.06
CA LEU G 162 8.59 -0.05 22.33
C LEU G 162 7.90 0.16 20.99
N THR G 163 6.83 0.95 20.95
CA THR G 163 6.08 1.11 19.71
C THR G 163 6.71 2.17 18.79
N ASP G 164 8.01 2.06 18.57
CA ASP G 164 8.72 2.94 17.64
C ASP G 164 9.50 2.08 16.67
N SER G 165 9.28 2.31 15.39
CA SER G 165 9.91 1.52 14.33
C SER G 165 10.56 2.47 13.34
N MET G 166 11.65 2.00 12.76
CA MET G 166 12.48 2.82 11.88
C MET G 166 12.04 2.55 10.45
N SER G 167 11.37 3.51 9.85
CA SER G 167 10.81 3.30 8.53
C SER G 167 11.92 3.17 7.48
N PRO G 168 11.67 2.42 6.41
CA PRO G 168 12.69 2.28 5.37
C PRO G 168 13.12 3.61 4.76
N GLN G 169 12.15 4.50 4.57
CA GLN G 169 12.44 5.84 3.98
C GLN G 169 13.34 6.62 4.94
N GLU G 170 13.10 6.50 6.25
CA GLU G 170 13.95 7.18 7.26
C GLU G 170 15.39 6.70 7.10
N ILE G 171 15.59 5.40 6.84
CA ILE G 171 16.93 4.87 6.64
C ILE G 171 17.52 5.38 5.34
N GLU G 172 16.69 5.49 4.30
CA GLU G 172 17.18 6.03 3.03
C GLU G 172 17.64 7.48 3.19
N GLN G 173 16.83 8.30 3.86
CA GLN G 173 17.11 9.77 3.91
C GLN G 173 18.06 10.18 5.04
N LEU G 174 17.82 9.73 6.28
CA LEU G 174 18.64 10.23 7.43
C LEU G 174 19.97 9.48 7.54
N GLY G 175 20.53 9.02 6.42
CA GLY G 175 21.80 8.28 6.44
C GLY G 175 21.57 6.79 6.65
N PRO G 176 22.29 5.89 5.95
CA PRO G 176 22.05 4.44 6.09
C PRO G 176 22.32 3.92 7.48
N SER G 177 23.25 4.50 8.21
CA SER G 177 23.61 3.99 9.53
C SER G 177 22.53 4.38 10.53
N ARG G 178 21.93 3.39 11.19
CA ARG G 178 20.84 3.68 12.11
C ARG G 178 21.31 4.45 13.32
N LEU G 179 22.58 4.32 13.70
CA LEU G 179 23.09 5.19 14.75
C LEU G 179 23.02 6.64 14.31
N ASP G 180 23.34 6.91 13.05
CA ASP G 180 23.22 8.26 12.53
C ASP G 180 21.76 8.68 12.42
N VAL G 181 20.85 7.72 12.19
CA VAL G 181 19.44 8.06 12.14
C VAL G 181 18.95 8.48 13.51
N TYR G 182 19.29 7.71 14.55
CA TYR G 182 18.96 8.10 15.91
C TYR G 182 19.59 9.44 16.27
N ASP G 183 20.81 9.68 15.80
CA ASP G 183 21.44 10.97 16.05
C ASP G 183 20.63 12.10 15.41
N GLU G 184 20.15 11.89 14.20
CA GLU G 184 19.41 12.95 13.51
C GLU G 184 18.02 13.13 14.08
N GLU G 185 17.41 12.08 14.62
CA GLU G 185 15.98 12.05 14.88
C GLU G 185 15.63 12.00 16.37
N TRP G 186 16.26 11.13 17.14
CA TRP G 186 15.91 10.98 18.54
C TRP G 186 16.84 11.70 19.50
N LEU G 187 18.02 12.12 19.03
CA LEU G 187 18.90 12.88 19.90
C LEU G 187 18.28 14.24 20.18
N ASN G 188 18.43 14.71 21.42
CA ASN G 188 17.84 15.99 21.80
C ASN G 188 18.88 16.82 22.54
N THR G 189 19.49 17.76 21.82
CA THR G 189 20.46 18.65 22.40
C THR G 189 19.80 19.61 23.36
N ILE G 190 20.54 19.99 24.40
CA ILE G 190 20.06 20.96 25.39
C ILE G 190 21.18 21.94 25.69
N ARG G 191 21.10 23.13 25.10
CA ARG G 191 22.10 24.16 25.29
C ARG G 191 21.60 25.16 26.33
N ILE G 192 22.45 25.48 27.30
CA ILE G 192 22.17 26.53 28.28
C ILE G 192 23.34 27.50 28.22
N GLU G 193 23.08 28.73 27.78
CA GLU G 193 24.12 29.72 27.55
C GLU G 193 23.91 30.92 28.46
N ASP G 194 24.97 31.33 29.14
CA ASP G 194 25.03 32.56 29.93
C ASP G 194 24.08 32.55 31.13
N LYS G 195 23.42 31.43 31.41
CA LYS G 195 22.43 31.41 32.48
C LYS G 195 23.01 31.02 33.84
N ILE G 196 24.27 30.58 33.90
CA ILE G 196 24.87 30.14 35.15
C ILE G 196 26.18 30.87 35.36
N SER G 197 26.42 31.29 36.61
CA SER G 197 27.65 31.95 37.00
C SER G 197 28.16 31.30 38.28
N LEU G 198 29.46 31.03 38.34
CA LEU G 198 30.03 30.28 39.44
C LEU G 198 31.30 30.95 39.92
N GLU G 199 31.45 31.02 41.25
CA GLU G 199 32.68 31.60 41.85
C GLU G 199 33.57 30.46 42.34
N SER G 200 34.88 30.59 42.11
CA SER G 200 35.85 29.55 42.56
C SER G 200 35.90 29.54 44.09
N SER G 201 35.45 30.62 44.73
CA SER G 201 35.40 30.60 46.22
C SER G 201 34.46 29.45 46.61
N TYR G 202 33.38 29.26 45.84
CA TYR G 202 32.45 28.12 46.06
C TYR G 202 33.03 26.87 45.37
N GLU G 203 32.70 25.69 45.89
CA GLU G 203 33.28 24.43 45.33
C GLU G 203 32.18 23.40 45.10
N THR G 204 32.56 22.17 44.73
CA THR G 204 31.61 21.08 44.54
C THR G 204 30.36 21.54 43.80
N ILE G 205 30.57 21.99 42.57
CA ILE G 205 29.45 22.18 41.66
C ILE G 205 28.78 20.82 41.43
N SER G 206 27.49 20.87 41.10
CA SER G 206 26.75 19.64 40.85
C SER G 206 25.59 19.94 39.92
N VAL G 207 25.36 19.04 38.97
CA VAL G 207 24.27 19.17 38.00
C VAL G 207 23.39 17.94 38.10
N PHE G 208 22.10 18.15 38.31
CA PHE G 208 21.14 17.07 38.36
C PHE G 208 20.41 16.95 37.03
N LEU G 209 19.97 15.74 36.71
CA LEU G 209 19.19 15.47 35.51
C LEU G 209 18.14 14.44 35.88
N LYS G 210 16.94 14.91 36.21
CA LYS G 210 15.85 14.04 36.62
C LYS G 210 14.70 14.17 35.63
N THR G 211 14.47 13.11 34.87
CA THR G 211 13.23 13.02 34.12
C THR G 211 12.06 12.90 35.09
N GLU G 212 11.01 13.68 34.87
CA GLU G 212 10.00 13.87 35.91
C GLU G 212 8.78 12.96 35.78
N ILE G 213 8.29 12.70 34.57
CA ILE G 213 7.03 11.98 34.44
C ILE G 213 7.18 10.52 34.82
N ALA G 214 8.23 9.87 34.33
CA ALA G 214 8.44 8.46 34.59
C ALA G 214 9.92 8.15 34.58
N GLN G 215 10.28 7.02 35.17
CA GLN G 215 11.66 6.56 35.12
C GLN G 215 12.08 6.36 33.67
N ARG G 216 13.28 6.83 33.35
CA ARG G 216 13.79 6.73 31.99
C ARG G 216 15.26 6.35 32.03
N ASN G 217 15.71 5.75 30.94
CA ASN G 217 17.12 5.43 30.76
C ASN G 217 17.76 6.56 29.97
N LEU G 218 18.61 7.33 30.63
CA LEU G 218 19.26 8.48 30.00
C LEU G 218 20.65 8.05 29.51
N ILE G 219 20.87 8.19 28.21
CA ILE G 219 22.13 7.84 27.58
C ILE G 219 22.81 9.15 27.22
N ILE G 220 23.70 9.64 28.07
CA ILE G 220 24.33 10.93 27.87
C ILE G 220 25.37 10.80 26.77
N HIS G 221 25.26 11.64 25.75
CA HIS G 221 26.19 11.60 24.63
C HIS G 221 27.59 11.92 25.14
N PRO G 222 28.62 11.25 24.64
CA PRO G 222 29.96 11.39 25.24
C PRO G 222 30.52 12.79 25.17
N GLU G 223 30.20 13.55 24.13
CA GLU G 223 30.78 14.86 23.91
C GLU G 223 29.99 15.98 24.55
N SER G 224 29.26 15.63 25.61
CA SER G 224 28.48 16.65 26.36
C SER G 224 29.33 17.17 27.51
N GLY G 225 29.44 18.50 27.64
CA GLY G 225 30.23 19.08 28.70
C GLY G 225 29.70 20.38 29.24
N ILE G 226 30.57 21.15 29.91
CA ILE G 226 30.20 22.43 30.51
C ILE G 226 31.37 23.38 30.27
N LYS G 227 31.15 24.35 29.36
CA LYS G 227 32.23 25.32 28.99
C LYS G 227 32.38 26.37 30.09
N PHE G 228 33.42 26.24 30.91
CA PHE G 228 33.72 27.25 31.92
C PHE G 228 34.41 28.43 31.26
N ARG G 229 33.68 29.51 31.04
CA ARG G 229 34.24 30.73 30.46
C ARG G 229 34.64 31.71 31.56
N MET G 230 35.43 32.71 31.16
CA MET G 230 36.01 33.64 32.12
C MET G 230 35.18 34.91 32.28
N ASN G 231 34.19 35.13 31.41
CA ASN G 231 33.20 36.20 31.56
C ASN G 231 33.87 37.58 31.63
N PHE G 232 34.49 37.96 30.51
CA PHE G 232 35.02 39.29 30.37
C PHE G 232 33.94 40.34 30.60
N GLU G 233 34.34 41.51 31.10
CA GLU G 233 33.43 42.63 31.28
C GLU G 233 33.15 43.38 29.99
N GLN G 234 33.50 42.81 28.83
CA GLN G 234 33.28 43.43 27.53
C GLN G 234 32.40 42.51 26.69
N GLY G 235 31.33 43.06 26.14
CA GLY G 235 30.32 42.24 25.49
C GLY G 235 30.81 41.55 24.22
N LEU G 236 31.57 42.26 23.39
CA LEU G 236 31.90 41.75 22.07
C LEU G 236 32.81 40.53 22.14
N ARG G 237 33.89 40.62 22.92
CA ARG G 237 34.79 39.48 23.05
C ARG G 237 34.11 38.31 23.75
N ASN G 238 33.23 38.58 24.72
CA ASN G 238 32.47 37.51 25.35
C ASN G 238 31.57 36.81 24.35
N LEU G 239 30.92 37.57 23.47
CA LEU G 239 30.08 36.97 22.43
C LEU G 239 30.92 36.16 21.45
N MET G 240 32.12 36.65 21.14
CA MET G 240 33.03 35.89 20.28
C MET G 240 33.39 34.56 20.93
N LEU G 241 33.65 34.58 22.23
CA LEU G 241 33.93 33.33 22.94
C LEU G 241 32.72 32.40 22.95
N ARG G 242 31.52 32.98 23.08
CA ARG G 242 30.30 32.18 22.98
C ARG G 242 30.25 31.45 21.64
N LYS G 243 30.19 32.21 20.55
CA LYS G 243 30.00 31.63 19.22
C LYS G 243 31.36 31.38 18.59
N ARG G 244 32.02 30.33 19.08
CA ARG G 244 33.34 29.99 18.58
C ARG G 244 33.32 29.64 17.10
N PHE G 245 32.35 28.81 16.68
CA PHE G 245 32.28 28.41 15.28
C PHE G 245 31.87 29.57 14.39
N LEU G 246 30.93 30.40 14.85
CA LEU G 246 30.54 31.57 14.08
C LEU G 246 31.71 32.53 13.92
N SER G 247 32.55 32.65 14.95
CA SER G 247 33.76 33.44 14.81
C SER G 247 34.72 32.80 13.81
N TYR G 248 34.86 31.47 13.88
CA TYR G 248 35.68 30.76 12.89
C TYR G 248 35.23 31.09 11.47
N ILE G 249 33.94 31.29 11.28
CA ILE G 249 33.43 31.68 9.97
C ILE G 249 33.77 33.14 9.66
N ILE G 250 33.29 34.05 10.51
CA ILE G 250 33.29 35.47 10.15
C ILE G 250 34.69 36.05 10.13
N GLY G 251 35.53 35.71 11.12
CA GLY G 251 36.87 36.26 11.16
C GLY G 251 37.72 35.81 9.99
N ILE G 252 37.63 34.52 9.64
CA ILE G 252 38.34 34.00 8.47
C ILE G 252 37.83 34.68 7.20
N SER G 253 36.51 34.86 7.10
CA SER G 253 35.97 35.55 5.93
C SER G 253 36.51 36.97 5.82
N ILE G 254 36.55 37.69 6.94
CA ILE G 254 37.03 39.07 6.93
C ILE G 254 38.50 39.12 6.54
N PHE G 255 39.32 38.22 7.11
CA PHE G 255 40.73 38.20 6.76
C PHE G 255 40.92 37.92 5.27
N HIS G 256 40.23 36.90 4.76
CA HIS G 256 40.36 36.57 3.34
C HIS G 256 39.94 37.73 2.47
N CYS G 257 38.81 38.37 2.79
CA CYS G 257 38.31 39.45 1.95
C CYS G 257 39.27 40.63 1.95
N ILE G 258 39.73 41.05 3.13
CA ILE G 258 40.62 42.22 3.18
C ILE G 258 41.93 41.92 2.45
N ILE G 259 42.49 40.73 2.66
CA ILE G 259 43.77 40.41 2.03
C ILE G 259 43.62 40.37 0.51
N CYS G 260 42.58 39.69 0.02
CA CYS G 260 42.40 39.55 -1.42
C CYS G 260 42.08 40.89 -2.07
N VAL G 261 41.27 41.73 -1.41
CA VAL G 261 40.95 43.04 -1.96
C VAL G 261 42.19 43.92 -1.99
N LEU G 262 42.99 43.88 -0.92
CA LEU G 262 44.22 44.67 -0.90
C LEU G 262 45.17 44.23 -2.00
N PHE G 263 45.29 42.91 -2.23
CA PHE G 263 46.19 42.43 -3.27
C PHE G 263 45.65 42.74 -4.67
N PHE G 264 44.34 42.72 -4.85
CA PHE G 264 43.74 43.01 -6.15
C PHE G 264 43.75 44.51 -6.44
N TYR H 17 31.05 31.34 -10.95
CA TYR H 17 31.04 29.98 -11.47
C TYR H 17 32.44 29.37 -11.42
N ILE H 18 33.46 30.21 -11.62
CA ILE H 18 34.83 29.71 -11.62
C ILE H 18 35.21 29.17 -10.25
N VAL H 19 34.97 29.96 -9.21
CA VAL H 19 35.32 29.54 -7.85
C VAL H 19 34.44 28.38 -7.40
N VAL H 20 33.16 28.40 -7.78
CA VAL H 20 32.26 27.32 -7.42
C VAL H 20 32.73 26.01 -8.03
N ALA H 21 33.06 26.04 -9.33
CA ALA H 21 33.54 24.84 -10.01
C ALA H 21 34.87 24.38 -9.45
N PHE H 22 35.73 25.33 -9.09
CA PHE H 22 37.08 24.95 -8.56
C PHE H 22 36.91 24.30 -7.18
N LEU H 23 35.99 24.80 -6.36
CA LEU H 23 35.74 24.19 -5.06
C LEU H 23 35.09 22.81 -5.21
N ILE H 24 34.12 22.68 -6.11
CA ILE H 24 33.45 21.40 -6.31
C ILE H 24 34.43 20.35 -6.81
N GLN H 25 35.24 20.71 -7.81
CA GLN H 25 36.21 19.77 -8.34
C GLN H 25 37.29 19.43 -7.32
N LEU H 26 37.70 20.40 -6.49
CA LEU H 26 38.63 20.09 -5.42
C LEU H 26 38.03 19.11 -4.43
N LEU H 27 36.77 19.31 -4.05
CA LEU H 27 36.12 18.40 -3.12
C LEU H 27 35.95 17.01 -3.72
N ILE H 28 35.83 16.93 -5.05
CA ILE H 28 35.71 15.62 -5.69
C ILE H 28 37.08 14.94 -5.81
N ILE H 29 38.13 15.73 -6.05
CA ILE H 29 39.43 15.16 -6.37
C ILE H 29 40.27 14.86 -5.12
N LEU H 30 40.07 15.63 -4.04
CA LEU H 30 40.82 15.38 -2.81
C LEU H 30 40.68 13.95 -2.27
N PRO H 31 39.49 13.30 -2.27
CA PRO H 31 39.40 11.97 -1.67
C PRO H 31 40.41 10.95 -2.19
N LEU H 32 40.39 10.69 -3.50
CA LEU H 32 41.23 9.63 -4.06
C LEU H 32 42.70 9.98 -3.93
N SER H 33 43.08 11.22 -4.27
CA SER H 33 44.48 11.62 -4.21
C SER H 33 45.00 11.58 -2.78
N ILE H 34 44.21 12.06 -1.83
CA ILE H 34 44.64 12.08 -0.43
C ILE H 34 44.74 10.66 0.11
N LEU H 35 43.85 9.76 -0.31
CA LEU H 35 43.97 8.38 0.14
C LEU H 35 45.21 7.71 -0.47
N ILE H 36 45.51 8.01 -1.73
CA ILE H 36 46.70 7.44 -2.35
C ILE H 36 47.95 7.94 -1.66
N TYR H 37 48.01 9.24 -1.35
CA TYR H 37 49.15 9.78 -0.63
C TYR H 37 49.22 9.23 0.80
N HIS H 38 48.08 8.99 1.43
CA HIS H 38 48.08 8.37 2.75
C HIS H 38 48.66 6.96 2.69
N ASP H 39 48.30 6.20 1.66
CA ASP H 39 48.90 4.87 1.48
C ASP H 39 50.40 4.99 1.23
N PHE H 40 50.80 5.99 0.46
CA PHE H 40 52.23 6.21 0.21
C PHE H 40 52.97 6.47 1.52
N TYR H 41 52.41 7.33 2.38
CA TYR H 41 53.04 7.62 3.65
C TYR H 41 52.99 6.42 4.60
N LEU H 42 51.92 5.63 4.54
CA LEU H 42 51.86 4.40 5.33
C LEU H 42 52.97 3.43 4.92
N ARG H 43 53.21 3.35 3.61
CA ARG H 43 54.34 2.50 3.14
C ARG H 43 55.62 3.05 3.78
N LEU H 44 55.75 4.38 3.83
CA LEU H 44 56.90 4.99 4.53
C LEU H 44 56.70 4.78 6.04
N LEU H 45 55.45 4.76 6.50
CA LEU H 45 55.15 4.62 7.95
C LEU H 45 55.78 3.31 8.41
N PRO H 46 56.69 3.38 9.37
CA PRO H 46 57.42 2.18 9.78
C PRO H 46 56.54 1.22 10.57
N ALA H 47 56.82 -0.08 10.40
CA ALA H 47 56.24 -1.08 11.27
C ALA H 47 56.84 -1.03 12.67
N ASP H 48 58.05 -0.48 12.79
CA ASP H 48 58.63 -0.23 14.12
C ASP H 48 58.01 1.00 14.78
N SER H 49 57.62 2.01 13.99
CA SER H 49 57.02 3.22 14.51
C SER H 49 55.49 3.18 14.49
N SER H 50 54.90 2.07 14.04
CA SER H 50 53.46 1.92 14.05
C SER H 50 53.13 0.44 14.05
N ASN H 51 52.25 0.03 14.97
CA ASN H 51 51.85 -1.35 15.08
C ASN H 51 50.33 -1.40 15.26
N VAL H 52 49.73 -2.48 14.78
CA VAL H 52 48.28 -2.67 14.84
C VAL H 52 48.04 -4.02 15.51
N VAL H 53 47.72 -4.00 16.80
CA VAL H 53 47.46 -5.21 17.55
C VAL H 53 45.98 -5.55 17.37
N PRO H 54 45.63 -6.61 16.64
CA PRO H 54 44.23 -6.97 16.49
C PRO H 54 43.62 -7.30 17.85
N LEU H 55 42.39 -6.86 18.05
CA LEU H 55 41.79 -7.00 19.38
C LEU H 55 41.60 -8.46 19.75
N ASN H 56 41.44 -9.34 18.76
CA ASN H 56 41.27 -10.76 19.04
C ASN H 56 42.55 -11.43 19.50
N THR H 57 43.70 -10.74 19.44
CA THR H 57 44.95 -11.30 19.93
C THR H 57 45.16 -11.05 21.41
N PHE H 58 44.20 -10.43 22.09
CA PHE H 58 44.23 -10.30 23.54
C PHE H 58 43.72 -11.60 24.15
N ASN H 59 43.48 -11.60 25.45
CA ASN H 59 42.82 -12.72 26.13
C ASN H 59 41.45 -12.24 26.57
N ILE H 60 40.42 -12.90 26.08
CA ILE H 60 39.05 -12.52 26.41
C ILE H 60 38.63 -13.20 27.71
N LEU H 61 37.88 -12.48 28.52
CA LEU H 61 37.35 -13.05 29.76
C LEU H 61 35.95 -12.44 29.96
N ASN H 62 34.92 -13.23 29.67
CA ASN H 62 33.56 -12.72 29.77
C ASN H 62 33.14 -12.62 31.24
N GLY H 63 32.02 -11.94 31.45
CA GLY H 63 31.50 -11.76 32.78
C GLY H 63 30.14 -11.10 32.74
N VAL H 64 29.66 -10.74 33.92
CA VAL H 64 28.35 -10.08 34.01
C VAL H 64 28.51 -8.73 34.68
N GLN H 65 29.05 -8.72 35.91
CA GLN H 65 29.21 -7.45 36.61
C GLN H 65 30.26 -6.57 35.94
N PHE H 66 31.08 -7.14 35.07
CA PHE H 66 31.95 -6.39 34.19
C PHE H 66 31.77 -6.96 32.80
N GLY H 67 31.80 -6.08 31.79
CA GLY H 67 31.59 -6.54 30.43
C GLY H 67 32.73 -7.42 29.95
N THR H 68 32.69 -7.74 28.68
CA THR H 68 33.78 -8.49 28.08
C THR H 68 35.07 -7.70 28.22
N LYS H 69 36.11 -8.34 28.72
CA LYS H 69 37.39 -7.67 28.90
C LYS H 69 38.44 -8.29 28.00
N PHE H 70 39.25 -7.45 27.39
CA PHE H 70 40.39 -7.87 26.61
C PHE H 70 41.63 -7.44 27.35
N PHE H 71 42.48 -8.40 27.70
CA PHE H 71 43.70 -8.08 28.42
C PHE H 71 44.86 -8.86 27.83
N GLN H 72 45.99 -8.18 27.67
CA GLN H 72 47.19 -8.82 27.15
C GLN H 72 48.39 -8.32 27.93
N SER H 73 49.30 -9.23 28.25
CA SER H 73 50.54 -8.82 28.90
C SER H 73 51.42 -8.08 27.90
N ILE H 74 52.59 -7.67 28.35
CA ILE H 74 53.50 -6.87 27.53
C ILE H 74 54.92 -7.39 27.68
N LYS H 75 55.62 -7.52 26.57
CA LYS H 75 57.05 -7.78 26.55
C LYS H 75 57.76 -6.52 26.06
N SER H 76 58.88 -6.20 26.70
CA SER H 76 59.66 -5.02 26.35
C SER H 76 60.91 -5.46 25.59
N ILE H 77 61.15 -4.82 24.45
CA ILE H 77 62.28 -5.16 23.58
C ILE H 77 63.41 -4.17 23.87
N PRO H 78 64.54 -4.62 24.41
CA PRO H 78 65.68 -3.72 24.57
C PRO H 78 66.12 -3.16 23.22
N VAL H 79 66.62 -1.93 23.24
CA VAL H 79 66.99 -1.25 22.01
C VAL H 79 68.06 -2.04 21.28
N GLY H 80 68.06 -1.92 19.95
CA GLY H 80 69.00 -2.63 19.12
C GLY H 80 68.35 -3.76 18.33
N THR H 81 67.47 -4.50 19.00
CA THR H 81 66.71 -5.53 18.31
C THR H 81 65.66 -4.89 17.42
N ASP H 82 65.50 -5.44 16.21
CA ASP H 82 64.44 -4.99 15.33
C ASP H 82 63.09 -5.30 15.96
N LEU H 83 62.20 -4.33 15.95
CA LEU H 83 60.91 -4.48 16.61
C LEU H 83 60.06 -5.49 15.88
N PRO H 84 59.60 -6.55 16.53
CA PRO H 84 58.72 -7.50 15.85
C PRO H 84 57.39 -6.88 15.47
N GLN H 85 56.55 -7.65 14.80
CA GLN H 85 55.26 -7.16 14.33
C GLN H 85 54.18 -8.11 14.83
N THR H 86 53.11 -7.55 15.38
CA THR H 86 52.02 -8.36 15.87
C THR H 86 51.30 -9.00 14.69
N ILE H 87 51.45 -10.31 14.53
CA ILE H 87 50.87 -10.99 13.33
C ILE H 87 49.35 -11.18 13.50
N ASP H 88 48.63 -11.33 12.39
CA ASP H 88 47.17 -11.57 12.45
C ASP H 88 46.92 -13.08 12.45
N ASN H 89 47.47 -13.79 13.43
CA ASN H 89 47.23 -15.25 13.56
C ASN H 89 45.99 -15.48 14.43
N GLY H 90 45.54 -14.43 15.13
CA GLY H 90 44.35 -14.57 16.00
C GLY H 90 44.69 -15.38 17.22
N LEU H 91 45.98 -15.68 17.41
CA LEU H 91 46.44 -16.44 18.59
C LEU H 91 46.90 -15.44 19.66
N SER H 92 46.61 -15.73 20.93
CA SER H 92 47.06 -14.83 22.04
C SER H 92 48.57 -14.66 22.00
N GLN H 93 49.04 -13.46 21.71
CA GLN H 93 50.48 -13.21 21.76
C GLN H 93 50.75 -11.85 22.37
N LEU H 94 51.92 -11.72 22.97
CA LEU H 94 52.25 -10.52 23.74
C LEU H 94 52.37 -9.30 22.84
N ILE H 95 52.23 -8.13 23.45
CA ILE H 95 52.28 -6.86 22.73
C ILE H 95 53.71 -6.34 22.78
N PRO H 96 54.33 -6.04 21.64
CA PRO H 96 55.71 -5.56 21.66
C PRO H 96 55.83 -4.06 21.77
N MET H 97 56.61 -3.57 22.72
CA MET H 97 56.89 -2.15 22.81
C MET H 97 58.36 -1.93 23.14
N ARG H 98 58.83 -0.70 22.93
CA ARG H 98 60.22 -0.35 23.17
C ARG H 98 60.49 -0.32 24.67
N ASP H 99 61.71 0.07 25.03
CA ASP H 99 62.11 0.09 26.43
C ASP H 99 61.35 1.16 27.20
N ASN H 100 61.53 2.43 26.84
CA ASN H 100 60.90 3.52 27.56
C ASN H 100 60.28 4.59 26.68
N MET H 101 60.52 4.60 25.37
CA MET H 101 59.98 5.64 24.54
C MET H 101 58.48 5.40 24.33
N GLU H 102 57.72 6.49 24.30
CA GLU H 102 56.31 6.45 24.66
C GLU H 102 55.41 6.14 23.47
N TYR H 103 54.42 5.28 23.69
CA TYR H 103 53.42 4.92 22.71
C TYR H 103 52.07 5.53 23.07
N LYS H 104 51.28 5.83 22.03
CA LYS H 104 50.00 6.51 22.19
C LYS H 104 48.95 5.72 21.45
N LEU H 105 48.03 5.12 22.19
CA LEU H 105 47.13 4.11 21.66
C LEU H 105 46.07 4.74 20.75
N ASP H 106 45.53 3.92 19.85
CA ASP H 106 44.43 4.29 18.97
C ASP H 106 43.44 3.13 18.96
N LEU H 107 42.49 3.15 19.88
CA LEU H 107 41.44 2.14 19.88
C LEU H 107 40.51 2.37 18.71
N ASN H 108 40.43 1.41 17.80
CA ASN H 108 39.44 1.45 16.71
C ASN H 108 38.69 0.12 16.63
N LEU H 109 37.67 0.00 17.48
CA LEU H 109 36.83 -1.19 17.50
C LEU H 109 35.49 -0.88 16.87
N GLN H 110 34.91 -1.89 16.23
CA GLN H 110 33.61 -1.75 15.58
C GLN H 110 32.89 -3.08 15.70
N LEU H 111 31.63 -3.03 16.11
CA LEU H 111 30.96 -4.23 16.60
C LEU H 111 29.46 -4.14 16.39
N TYR H 112 28.84 -5.30 16.14
CA TYR H 112 27.40 -5.41 16.16
C TYR H 112 26.91 -5.66 17.59
N CYS H 113 25.63 -5.39 17.82
CA CYS H 113 25.03 -5.64 19.12
C CYS H 113 23.67 -6.29 18.90
N GLN H 114 23.31 -7.20 19.80
CA GLN H 114 22.22 -8.12 19.51
C GLN H 114 21.78 -8.81 20.79
N SER H 115 20.48 -8.97 20.98
CA SER H 115 19.95 -9.59 22.17
C SER H 115 18.54 -10.07 21.92
N LYS H 116 18.05 -10.95 22.80
CA LYS H 116 16.65 -11.38 22.75
C LYS H 116 15.80 -10.66 23.79
N THR H 117 16.41 -9.85 24.66
CA THR H 117 15.64 -9.18 25.69
C THR H 117 14.64 -8.19 25.10
N ASP H 118 14.80 -7.86 23.82
CA ASP H 118 13.91 -6.96 23.10
C ASP H 118 13.91 -5.61 23.84
N HIS H 119 15.11 -5.32 24.37
CA HIS H 119 15.30 -3.95 24.88
C HIS H 119 15.39 -3.17 23.58
N LEU H 120 15.00 -1.91 23.57
CA LEU H 120 14.86 -1.19 22.31
C LEU H 120 16.25 -0.93 21.71
N ASN H 121 16.30 -0.56 20.45
CA ASN H 121 17.50 -0.58 19.62
C ASN H 121 18.41 0.56 19.98
N LEU H 122 18.79 0.67 21.24
CA LEU H 122 19.67 1.74 21.67
C LEU H 122 20.26 1.38 23.01
N ASP H 123 21.54 1.66 23.18
CA ASP H 123 22.23 1.26 24.39
C ASP H 123 23.53 2.06 24.52
N ASN H 124 24.19 1.90 25.65
CA ASN H 124 25.38 2.66 25.99
C ASN H 124 26.51 1.68 26.25
N LEU H 125 27.59 1.82 25.50
CA LEU H 125 28.73 0.92 25.62
C LEU H 125 29.83 1.58 26.44
N LEU H 126 30.08 1.04 27.62
CA LEU H 126 31.09 1.59 28.51
C LEU H 126 32.45 0.97 28.17
N ILE H 127 33.44 1.83 27.94
CA ILE H 127 34.78 1.40 27.57
C ILE H 127 35.74 1.86 28.65
N ASP H 128 36.53 0.94 29.19
CA ASP H 128 37.50 1.24 30.23
C ASP H 128 38.83 0.64 29.82
N VAL H 129 39.85 1.48 29.67
CA VAL H 129 41.18 1.04 29.29
C VAL H 129 42.05 1.13 30.53
N TYR H 130 42.32 -0.02 31.16
CA TYR H 130 43.14 -0.06 32.34
C TYR H 130 44.61 -0.20 31.98
N ARG H 131 45.44 -0.34 33.00
CA ARG H 131 46.85 -0.69 32.82
C ARG H 131 47.36 -1.24 34.14
N GLY H 132 48.49 -1.95 34.07
CA GLY H 132 49.00 -2.64 35.22
C GLY H 132 50.16 -1.91 35.88
N PRO H 133 50.40 -2.20 37.16
CA PRO H 133 51.41 -1.52 37.97
C PRO H 133 52.83 -1.71 37.44
N ASP H 147 45.02 -2.71 37.29
CA ASP H 147 44.83 -2.22 38.64
C ASP H 147 44.98 -0.70 38.69
N GLU H 148 44.71 -0.06 37.56
CA GLU H 148 44.77 1.38 37.44
C GLU H 148 44.12 1.80 36.14
N LYS H 149 43.29 2.84 36.19
CA LYS H 149 42.51 3.23 34.99
C LYS H 149 43.22 4.36 34.24
N ILE H 150 43.18 4.33 32.92
CA ILE H 150 43.85 5.39 32.10
C ILE H 150 42.78 6.12 31.28
N PHE H 151 41.82 5.38 30.70
CA PHE H 151 40.83 6.04 29.82
C PHE H 151 39.44 5.43 30.03
N HIS H 152 38.40 6.27 29.93
CA HIS H 152 37.03 5.79 30.04
C HIS H 152 36.15 6.67 29.17
N THR H 153 35.26 6.04 28.42
CA THR H 153 34.29 6.76 27.62
C THR H 153 33.10 5.84 27.40
N SER H 154 31.99 6.43 26.97
CA SER H 154 30.81 5.69 26.62
C SER H 154 30.35 6.17 25.25
N ARG H 155 29.87 5.25 24.43
CA ARG H 155 29.42 5.59 23.09
C ARG H 155 28.04 4.98 22.88
N PRO H 156 27.04 5.78 22.51
CA PRO H 156 25.73 5.20 22.20
C PRO H 156 25.83 4.27 21.01
N ILE H 157 25.43 3.03 21.19
CA ILE H 157 25.45 2.03 20.13
C ILE H 157 24.03 1.58 19.87
N VAL H 158 23.80 1.06 18.67
CA VAL H 158 22.51 0.51 18.28
C VAL H 158 22.59 -1.00 18.31
N CYS H 159 21.51 -1.64 18.73
CA CYS H 159 21.50 -3.07 18.96
C CYS H 159 20.35 -3.71 18.22
N LEU H 160 20.59 -4.88 17.64
CA LEU H 160 19.53 -5.62 16.99
C LEU H 160 18.47 -6.04 18.01
N ALA H 161 17.26 -6.28 17.53
CA ALA H 161 16.18 -6.73 18.37
C ALA H 161 15.22 -7.55 17.55
N LEU H 162 14.31 -8.24 18.24
CA LEU H 162 13.38 -9.13 17.55
C LEU H 162 12.50 -8.36 16.58
N THR H 163 12.02 -7.19 16.97
CA THR H 163 11.13 -6.41 16.13
C THR H 163 11.90 -5.57 15.11
N ASP H 164 12.81 -6.21 14.36
CA ASP H 164 13.62 -5.51 13.37
C ASP H 164 13.78 -6.41 12.15
N SER H 165 13.32 -5.93 11.00
CA SER H 165 13.46 -6.64 9.75
C SER H 165 13.89 -5.66 8.67
N MET H 166 14.57 -6.18 7.65
CA MET H 166 14.99 -5.36 6.53
C MET H 166 13.88 -5.25 5.50
N SER H 167 13.60 -4.03 5.07
CA SER H 167 12.66 -3.81 4.01
C SER H 167 13.23 -4.31 2.70
N PRO H 168 12.39 -4.65 1.73
CA PRO H 168 12.90 -4.87 0.37
C PRO H 168 13.62 -3.67 -0.18
N GLN H 169 13.23 -2.47 0.23
CA GLN H 169 13.90 -1.25 -0.24
C GLN H 169 15.34 -1.21 0.23
N GLU H 170 15.59 -1.61 1.47
CA GLU H 170 16.95 -1.56 2.01
C GLU H 170 17.88 -2.47 1.22
N ILE H 171 17.41 -3.66 0.85
CA ILE H 171 18.26 -4.59 0.13
C ILE H 171 18.56 -4.06 -1.27
N GLU H 172 17.62 -3.32 -1.85
CA GLU H 172 17.82 -2.78 -3.22
C GLU H 172 18.91 -1.70 -3.21
N GLN H 173 19.01 -0.90 -2.14
CA GLN H 173 19.94 0.22 -2.11
C GLN H 173 21.25 -0.11 -1.43
N LEU H 174 21.21 -0.90 -0.36
CA LEU H 174 22.36 -1.12 0.51
C LEU H 174 23.08 -2.41 0.19
N GLY H 175 23.12 -2.80 -1.08
CA GLY H 175 23.76 -4.02 -1.48
C GLY H 175 22.85 -5.20 -1.28
N PRO H 176 22.91 -6.17 -2.18
CA PRO H 176 22.02 -7.33 -2.06
C PRO H 176 22.43 -8.28 -0.96
N SER H 177 23.68 -8.26 -0.53
CA SER H 177 24.15 -9.17 0.51
C SER H 177 23.73 -8.64 1.87
N ARG H 178 22.88 -9.38 2.57
CA ARG H 178 22.38 -8.91 3.85
C ARG H 178 23.49 -8.67 4.86
N LEU H 179 24.63 -9.34 4.70
CA LEU H 179 25.77 -9.00 5.54
C LEU H 179 26.23 -7.57 5.27
N ASP H 180 26.19 -7.15 4.02
CA ASP H 180 26.55 -5.77 3.70
C ASP H 180 25.53 -4.79 4.24
N VAL H 181 24.26 -5.15 4.23
CA VAL H 181 23.24 -4.25 4.78
C VAL H 181 23.42 -4.12 6.28
N TYR H 182 23.61 -5.23 6.98
CA TYR H 182 23.92 -5.15 8.41
C TYR H 182 25.21 -4.37 8.66
N ASP H 183 26.08 -4.27 7.68
CA ASP H 183 27.33 -3.56 7.84
C ASP H 183 27.14 -2.06 7.67
N GLU H 184 26.50 -1.66 6.58
CA GLU H 184 26.27 -0.24 6.33
C GLU H 184 25.29 0.37 7.32
N GLU H 185 24.54 -0.45 8.04
CA GLU H 185 23.39 0.04 8.77
C GLU H 185 23.42 -0.27 10.26
N TRP H 186 23.94 -1.41 10.67
CA TRP H 186 23.91 -1.82 12.06
C TRP H 186 25.28 -1.88 12.71
N LEU H 187 26.33 -1.43 12.03
CA LEU H 187 27.68 -1.54 12.55
C LEU H 187 28.01 -0.31 13.39
N ASN H 188 28.57 -0.54 14.57
CA ASN H 188 28.89 0.53 15.50
C ASN H 188 30.38 0.80 15.42
N THR H 189 30.79 1.64 14.47
CA THR H 189 32.18 2.03 14.38
C THR H 189 32.52 2.96 15.54
N ILE H 190 33.46 2.54 16.38
CA ILE H 190 33.88 3.31 17.55
C ILE H 190 35.37 3.56 17.42
N ARG H 191 35.73 4.78 17.07
CA ARG H 191 37.12 5.15 16.85
C ARG H 191 37.55 6.11 17.97
N ILE H 192 38.47 5.66 18.81
CA ILE H 192 39.01 6.46 19.89
C ILE H 192 40.47 6.70 19.56
N GLU H 193 40.77 7.86 18.99
CA GLU H 193 42.09 8.14 18.47
C GLU H 193 42.75 9.26 19.25
N ASP H 194 44.05 9.11 19.49
CA ASP H 194 44.88 10.13 20.13
C ASP H 194 44.30 10.54 21.48
N LYS H 195 44.02 9.54 22.32
CA LYS H 195 43.46 9.79 23.63
C LYS H 195 44.10 8.98 24.75
N ILE H 196 44.84 7.92 24.44
CA ILE H 196 45.40 7.04 25.46
C ILE H 196 46.90 6.99 25.27
N SER H 197 47.64 7.04 26.39
CA SER H 197 49.09 6.92 26.37
C SER H 197 49.49 5.83 27.35
N LEU H 198 50.35 4.93 26.88
CA LEU H 198 50.72 3.76 27.73
C LEU H 198 52.24 3.65 27.88
N GLU H 199 52.75 3.91 29.09
CA GLU H 199 54.16 3.71 29.39
C GLU H 199 54.56 2.27 29.10
N SER H 200 55.71 2.10 28.45
CA SER H 200 56.22 0.75 28.24
C SER H 200 56.57 0.08 29.56
N SER H 201 56.93 0.86 30.57
CA SER H 201 57.28 0.29 31.86
C SER H 201 56.10 -0.44 32.50
N TYR H 202 54.92 0.15 32.41
CA TYR H 202 53.71 -0.54 32.83
C TYR H 202 53.43 -1.71 31.88
N GLU H 203 52.79 -2.73 32.43
CA GLU H 203 52.50 -3.95 31.64
C GLU H 203 51.01 -4.31 31.76
N THR H 204 50.62 -5.49 31.27
CA THR H 204 49.22 -6.00 31.41
C THR H 204 48.19 -4.91 31.08
N ILE H 205 48.19 -4.40 29.84
CA ILE H 205 47.13 -3.43 29.40
C ILE H 205 45.81 -4.19 29.28
N SER H 206 44.69 -3.55 29.61
CA SER H 206 43.38 -4.20 29.58
C SER H 206 42.35 -3.24 29.01
N VAL H 207 41.35 -3.79 28.35
CA VAL H 207 40.25 -3.01 27.78
C VAL H 207 38.94 -3.69 28.16
N PHE H 208 37.98 -2.90 28.62
CA PHE H 208 36.69 -3.42 29.05
C PHE H 208 35.60 -2.89 28.14
N LEU H 209 34.66 -3.77 27.77
CA LEU H 209 33.52 -3.41 26.93
C LEU H 209 32.26 -3.90 27.63
N LYS H 210 31.65 -3.02 28.41
CA LYS H 210 30.41 -3.32 29.10
C LYS H 210 29.27 -2.55 28.46
N THR H 211 28.08 -3.13 28.52
CA THR H 211 26.86 -2.48 28.08
C THR H 211 26.07 -2.04 29.31
N GLU H 212 25.65 -0.78 29.33
CA GLU H 212 25.15 -0.18 30.57
C GLU H 212 23.70 -0.55 30.86
N ILE H 213 22.85 -0.56 29.84
CA ILE H 213 21.42 -0.67 30.08
C ILE H 213 21.00 -2.12 30.28
N ALA H 214 21.38 -3.01 29.36
CA ALA H 214 20.93 -4.39 29.43
C ALA H 214 22.04 -5.31 28.94
N GLN H 215 21.88 -6.60 29.25
CA GLN H 215 22.86 -7.59 28.83
C GLN H 215 22.69 -7.88 27.35
N ARG H 216 23.70 -7.56 26.56
CA ARG H 216 23.68 -7.78 25.13
C ARG H 216 24.74 -8.79 24.73
N ASN H 217 24.70 -9.19 23.47
CA ASN H 217 25.76 -9.97 22.85
C ASN H 217 26.53 -9.06 21.91
N LEU H 218 27.80 -8.86 22.18
CA LEU H 218 28.65 -8.05 21.33
C LEU H 218 29.38 -8.94 20.35
N ILE H 219 29.40 -8.54 19.08
CA ILE H 219 30.07 -9.27 18.03
C ILE H 219 31.17 -8.36 17.52
N ILE H 220 32.40 -8.61 17.94
CA ILE H 220 33.51 -7.72 17.61
C ILE H 220 33.99 -8.04 16.20
N HIS H 221 33.95 -7.05 15.33
CA HIS H 221 34.38 -7.25 13.96
C HIS H 221 35.86 -7.63 13.94
N PRO H 222 36.25 -8.62 13.15
CA PRO H 222 37.60 -9.18 13.29
C PRO H 222 38.73 -8.19 13.03
N GLU H 223 38.46 -7.12 12.31
CA GLU H 223 39.51 -6.15 11.97
C GLU H 223 39.66 -5.07 13.02
N SER H 224 38.88 -5.18 14.11
CA SER H 224 39.01 -4.21 15.22
C SER H 224 40.33 -4.45 15.93
N GLY H 225 40.99 -3.39 16.38
CA GLY H 225 42.23 -3.53 17.09
C GLY H 225 42.62 -2.25 17.80
N ILE H 226 43.87 -2.19 18.22
CA ILE H 226 44.41 -1.06 18.96
C ILE H 226 45.74 -0.69 18.33
N LYS H 227 45.77 0.40 17.58
CA LYS H 227 47.04 0.87 17.04
C LYS H 227 47.97 1.32 18.15
N PHE H 228 49.26 1.30 17.87
CA PHE H 228 50.28 1.76 18.80
C PHE H 228 51.15 2.76 18.04
N ARG H 229 50.71 4.00 17.97
CA ARG H 229 51.57 5.01 17.37
C ARG H 229 52.67 5.41 18.35
N MET H 230 53.74 5.96 17.79
CA MET H 230 54.87 6.41 18.59
C MET H 230 54.62 7.86 19.01
N ASN H 231 54.65 8.11 20.31
CA ASN H 231 54.44 9.46 20.83
C ASN H 231 55.80 10.14 20.90
N PHE H 232 56.37 10.43 19.74
CA PHE H 232 57.69 11.04 19.66
C PHE H 232 57.59 12.55 19.79
N GLU H 233 58.75 13.21 19.78
CA GLU H 233 58.82 14.64 20.05
C GLU H 233 57.97 15.43 19.07
N GLN H 234 57.06 16.25 19.63
CA GLN H 234 56.15 17.03 18.81
C GLN H 234 56.90 18.02 17.91
N GLY H 235 58.07 18.46 18.32
CA GLY H 235 58.85 19.38 17.52
C GLY H 235 59.13 18.82 16.15
N LEU H 236 59.47 17.53 16.09
CA LEU H 236 59.54 16.80 14.84
C LEU H 236 58.16 16.55 14.24
N ARG H 237 57.19 16.17 15.08
CA ARG H 237 55.85 15.90 14.57
C ARG H 237 55.18 17.15 14.02
N ASN H 238 55.36 18.29 14.71
CA ASN H 238 54.84 19.55 14.19
C ASN H 238 55.46 19.87 12.83
N LEU H 239 56.80 19.77 12.75
CA LEU H 239 57.45 19.97 11.45
C LEU H 239 57.04 18.90 10.46
N MET H 240 56.92 17.66 10.91
CA MET H 240 56.39 16.61 10.04
C MET H 240 54.98 16.95 9.59
N LEU H 241 54.16 17.46 10.50
CA LEU H 241 52.86 18.00 10.10
C LEU H 241 53.03 19.16 9.13
N ARG H 242 54.00 20.04 9.40
CA ARG H 242 54.29 21.11 8.45
C ARG H 242 54.94 20.59 7.18
N LYS H 243 55.52 19.39 7.21
CA LYS H 243 55.96 18.72 6.00
C LYS H 243 54.83 17.91 5.35
N ARG H 244 54.00 17.29 6.17
CA ARG H 244 52.86 16.52 5.64
C ARG H 244 51.89 17.49 4.95
N PHE H 245 51.39 18.47 5.71
CA PHE H 245 50.43 19.46 5.15
C PHE H 245 50.99 20.01 3.84
N LEU H 246 52.23 20.50 3.84
CA LEU H 246 52.75 21.14 2.63
C LEU H 246 52.74 20.16 1.46
N SER H 247 53.19 18.93 1.68
CA SER H 247 53.23 17.95 0.59
C SER H 247 51.84 17.63 0.07
N TYR H 248 50.89 17.41 0.99
CA TYR H 248 49.53 17.10 0.59
C TYR H 248 48.92 18.26 -0.20
N ILE H 249 49.06 19.48 0.32
CA ILE H 249 48.51 20.66 -0.36
C ILE H 249 49.16 20.81 -1.74
N ILE H 250 50.49 20.67 -1.82
CA ILE H 250 51.18 20.88 -3.08
C ILE H 250 50.73 19.86 -4.12
N GLY H 251 50.72 18.58 -3.74
CA GLY H 251 50.34 17.55 -4.71
C GLY H 251 48.91 17.68 -5.16
N ILE H 252 47.98 17.86 -4.20
CA ILE H 252 46.58 17.97 -4.55
C ILE H 252 46.33 19.21 -5.40
N SER H 253 46.96 20.33 -5.05
CA SER H 253 46.79 21.56 -5.82
C SER H 253 47.33 21.38 -7.23
N ILE H 254 48.50 20.77 -7.38
CA ILE H 254 49.09 20.61 -8.70
C ILE H 254 48.17 19.75 -9.58
N PHE H 255 47.79 18.58 -9.07
CA PHE H 255 46.97 17.67 -9.89
C PHE H 255 45.62 18.30 -10.21
N HIS H 256 44.96 18.87 -9.19
CA HIS H 256 43.64 19.45 -9.38
C HIS H 256 43.69 20.62 -10.35
N CYS H 257 44.67 21.52 -10.18
CA CYS H 257 44.76 22.68 -11.05
C CYS H 257 45.02 22.28 -12.49
N ILE H 258 45.96 21.34 -12.70
CA ILE H 258 46.26 20.90 -14.07
C ILE H 258 45.02 20.27 -14.70
N ILE H 259 44.38 19.34 -14.00
CA ILE H 259 43.25 18.63 -14.59
C ILE H 259 42.06 19.57 -14.80
N CYS H 260 41.86 20.54 -13.89
CA CYS H 260 40.76 21.49 -14.04
C CYS H 260 40.99 22.42 -15.22
N VAL H 261 42.20 22.96 -15.35
CA VAL H 261 42.50 23.84 -16.48
C VAL H 261 42.37 23.07 -17.79
N LEU H 262 42.77 21.80 -17.81
CA LEU H 262 42.59 21.01 -19.02
C LEU H 262 41.12 20.74 -19.30
N PHE H 263 40.31 20.54 -18.25
CA PHE H 263 38.90 20.23 -18.44
C PHE H 263 38.04 21.45 -18.71
N PHE H 264 38.55 22.67 -18.46
CA PHE H 264 37.77 23.88 -18.68
C PHE H 264 37.64 24.17 -20.17
N TYR I 17 -7.71 -0.36 -55.34
CA TYR I 17 -8.56 -0.96 -56.34
C TYR I 17 -8.20 -2.43 -56.57
N ILE I 18 -7.12 -2.86 -55.90
CA ILE I 18 -6.62 -4.22 -56.06
C ILE I 18 -6.79 -5.07 -54.80
N VAL I 19 -6.95 -4.44 -53.63
CA VAL I 19 -7.08 -5.21 -52.39
C VAL I 19 -8.39 -6.02 -52.39
N VAL I 20 -9.41 -5.55 -53.10
CA VAL I 20 -10.64 -6.33 -53.21
C VAL I 20 -10.38 -7.64 -53.95
N ALA I 21 -9.65 -7.56 -55.07
CA ALA I 21 -9.26 -8.78 -55.78
C ALA I 21 -8.29 -9.61 -54.95
N PHE I 22 -7.50 -8.97 -54.10
CA PHE I 22 -6.63 -9.70 -53.18
C PHE I 22 -7.45 -10.56 -52.23
N LEU I 23 -8.51 -9.99 -51.66
CA LEU I 23 -9.39 -10.77 -50.79
C LEU I 23 -10.16 -11.83 -51.57
N ILE I 24 -10.54 -11.52 -52.81
CA ILE I 24 -11.18 -12.53 -53.66
C ILE I 24 -10.24 -13.72 -53.86
N GLN I 25 -8.95 -13.42 -54.12
CA GLN I 25 -7.97 -14.49 -54.25
C GLN I 25 -7.79 -15.25 -52.94
N LEU I 26 -7.86 -14.55 -51.81
CA LEU I 26 -7.81 -15.24 -50.52
C LEU I 26 -8.97 -16.22 -50.38
N LEU I 27 -10.19 -15.72 -50.60
CA LEU I 27 -11.39 -16.53 -50.45
C LEU I 27 -11.53 -17.58 -51.55
N ILE I 28 -10.70 -17.52 -52.58
CA ILE I 28 -10.63 -18.60 -53.56
C ILE I 28 -9.58 -19.62 -53.19
N ILE I 29 -8.37 -19.17 -52.86
CA ILE I 29 -7.26 -20.09 -52.62
C ILE I 29 -7.41 -20.79 -51.28
N LEU I 30 -7.56 -20.03 -50.20
CA LEU I 30 -7.59 -20.63 -48.87
C LEU I 30 -8.70 -21.67 -48.72
N PRO I 31 -9.94 -21.44 -49.15
CA PRO I 31 -10.89 -22.56 -49.22
C PRO I 31 -10.41 -23.69 -50.13
N LEU I 32 -9.88 -23.36 -51.31
CA LEU I 32 -9.30 -24.41 -52.15
C LEU I 32 -8.07 -25.02 -51.49
N SER I 33 -7.30 -24.22 -50.75
CA SER I 33 -6.15 -24.75 -50.04
C SER I 33 -6.58 -25.83 -49.04
N ILE I 34 -7.59 -25.52 -48.23
CA ILE I 34 -8.04 -26.48 -47.23
C ILE I 34 -8.72 -27.67 -47.91
N LEU I 35 -9.39 -27.46 -49.04
CA LEU I 35 -9.98 -28.60 -49.75
C LEU I 35 -8.92 -29.55 -50.28
N ILE I 36 -7.87 -29.02 -50.90
CA ILE I 36 -6.78 -29.87 -51.38
C ILE I 36 -6.03 -30.49 -50.21
N TYR I 37 -5.97 -29.78 -49.08
CA TYR I 37 -5.36 -30.32 -47.88
C TYR I 37 -6.14 -31.53 -47.37
N HIS I 38 -7.47 -31.44 -47.37
CA HIS I 38 -8.28 -32.60 -47.02
C HIS I 38 -8.19 -33.67 -48.10
N ASP I 39 -7.89 -33.30 -49.33
CA ASP I 39 -7.60 -34.30 -50.36
C ASP I 39 -6.36 -35.10 -50.00
N PHE I 40 -5.30 -34.40 -49.56
CA PHE I 40 -4.11 -35.10 -49.08
C PHE I 40 -4.39 -35.93 -47.85
N TYR I 41 -5.24 -35.45 -46.96
CA TYR I 41 -5.67 -36.30 -45.84
C TYR I 41 -6.39 -37.56 -46.34
N LEU I 42 -7.26 -37.41 -47.34
CA LEU I 42 -8.00 -38.55 -47.85
C LEU I 42 -7.08 -39.57 -48.51
N ARG I 43 -6.09 -39.12 -49.27
CA ARG I 43 -5.23 -40.07 -49.97
C ARG I 43 -4.09 -40.61 -49.09
N LEU I 44 -3.35 -39.72 -48.44
CA LEU I 44 -2.22 -40.15 -47.61
C LEU I 44 -2.72 -40.93 -46.39
N LEU I 45 -3.68 -40.37 -45.67
CA LEU I 45 -4.23 -41.06 -44.51
C LEU I 45 -5.49 -41.82 -44.92
N PRO I 46 -5.84 -42.87 -44.19
CA PRO I 46 -7.14 -43.53 -44.41
C PRO I 46 -8.32 -42.67 -43.98
N ALA I 47 -8.07 -41.50 -43.40
CA ALA I 47 -9.03 -40.54 -42.87
C ALA I 47 -9.72 -41.05 -41.61
N ASP I 48 -9.40 -42.27 -41.16
CA ASP I 48 -9.96 -42.78 -39.91
C ASP I 48 -8.89 -43.53 -39.12
N SER I 49 -7.63 -43.12 -39.23
CA SER I 49 -6.57 -43.79 -38.49
C SER I 49 -6.60 -43.40 -37.03
N SER I 50 -6.46 -42.11 -36.74
CA SER I 50 -6.46 -41.66 -35.36
C SER I 50 -7.87 -41.75 -34.76
N ASN I 51 -7.92 -41.87 -33.43
CA ASN I 51 -9.18 -42.00 -32.73
C ASN I 51 -9.01 -41.44 -31.33
N VAL I 52 -9.48 -40.19 -31.14
CA VAL I 52 -9.39 -39.54 -29.81
C VAL I 52 -10.41 -40.20 -28.88
N VAL I 53 -9.91 -40.86 -27.83
CA VAL I 53 -10.79 -41.54 -26.87
C VAL I 53 -10.73 -40.76 -25.55
N PRO I 54 -11.77 -40.03 -25.20
CA PRO I 54 -11.74 -39.27 -23.94
C PRO I 54 -11.70 -40.18 -22.72
N LEU I 55 -11.05 -39.69 -21.66
CA LEU I 55 -10.96 -40.47 -20.43
C LEU I 55 -12.33 -40.80 -19.89
N ASN I 56 -13.29 -39.89 -20.00
CA ASN I 56 -14.60 -40.14 -19.41
C ASN I 56 -15.35 -41.26 -20.10
N THR I 57 -14.86 -41.75 -21.24
CA THR I 57 -15.44 -42.93 -21.86
C THR I 57 -14.85 -44.22 -21.31
N PHE I 58 -13.89 -44.14 -20.40
CA PHE I 58 -13.40 -45.32 -19.70
C PHE I 58 -14.37 -45.64 -18.56
N ASN I 59 -14.02 -46.60 -17.72
CA ASN I 59 -14.80 -46.93 -16.53
C ASN I 59 -14.00 -46.47 -15.32
N ILE I 60 -14.36 -45.31 -14.77
CA ILE I 60 -13.65 -44.78 -13.63
C ILE I 60 -13.87 -45.70 -12.43
N LEU I 61 -12.82 -45.88 -11.63
CA LEU I 61 -12.94 -46.64 -10.39
C LEU I 61 -11.91 -46.08 -9.42
N ASN I 62 -12.38 -45.42 -8.37
CA ASN I 62 -11.49 -44.73 -7.44
C ASN I 62 -10.84 -45.71 -6.48
N GLY I 63 -9.99 -45.17 -5.63
CA GLY I 63 -9.32 -45.97 -4.62
C GLY I 63 -8.49 -45.08 -3.72
N VAL I 64 -7.84 -45.71 -2.75
CA VAL I 64 -6.92 -45.02 -1.85
C VAL I 64 -5.48 -45.47 -2.09
N GLN I 65 -5.26 -46.77 -2.22
CA GLN I 65 -3.92 -47.25 -2.53
C GLN I 65 -3.50 -46.82 -3.93
N PHE I 66 -4.43 -46.86 -4.88
CA PHE I 66 -4.24 -46.29 -6.20
C PHE I 66 -5.24 -45.15 -6.39
N GLY I 67 -4.84 -44.14 -7.14
CA GLY I 67 -5.74 -43.03 -7.38
C GLY I 67 -6.85 -43.40 -8.34
N THR I 68 -7.38 -42.42 -9.05
CA THR I 68 -8.36 -42.73 -10.08
C THR I 68 -7.72 -43.62 -11.13
N LYS I 69 -8.40 -44.71 -11.48
CA LYS I 69 -7.96 -45.54 -12.59
C LYS I 69 -9.05 -45.54 -13.65
N PHE I 70 -8.64 -45.34 -14.90
CA PHE I 70 -9.53 -45.40 -16.04
C PHE I 70 -9.20 -46.66 -16.82
N PHE I 71 -10.17 -47.53 -17.01
CA PHE I 71 -9.97 -48.74 -17.78
C PHE I 71 -11.12 -48.94 -18.74
N GLN I 72 -10.84 -49.64 -19.83
CA GLN I 72 -11.86 -49.91 -20.84
C GLN I 72 -11.36 -51.01 -21.75
N SER I 73 -12.16 -52.06 -21.91
CA SER I 73 -11.77 -53.18 -22.73
C SER I 73 -11.66 -52.76 -24.19
N ILE I 74 -11.18 -53.69 -25.02
CA ILE I 74 -10.93 -53.43 -26.42
C ILE I 74 -11.66 -54.48 -27.26
N LYS I 75 -12.38 -54.02 -28.27
CA LYS I 75 -12.98 -54.92 -29.25
C LYS I 75 -12.09 -54.96 -30.49
N SER I 76 -11.85 -56.16 -30.99
CA SER I 76 -10.96 -56.36 -32.13
C SER I 76 -11.78 -56.33 -33.42
N ILE I 77 -11.40 -55.43 -34.34
CA ILE I 77 -12.16 -55.17 -35.54
C ILE I 77 -11.56 -55.98 -36.68
N PRO I 78 -12.28 -56.95 -37.24
CA PRO I 78 -11.75 -57.68 -38.39
C PRO I 78 -11.51 -56.76 -39.57
N VAL I 79 -10.48 -57.10 -40.36
CA VAL I 79 -10.08 -56.26 -41.48
C VAL I 79 -11.17 -56.21 -42.52
N GLY I 80 -11.35 -55.04 -43.13
CA GLY I 80 -12.39 -54.85 -44.12
C GLY I 80 -13.62 -54.20 -43.54
N THR I 81 -14.00 -54.62 -42.34
CA THR I 81 -15.11 -53.98 -41.64
C THR I 81 -14.80 -52.51 -41.39
N ASP I 82 -15.81 -51.66 -41.58
CA ASP I 82 -15.62 -50.24 -41.36
C ASP I 82 -15.27 -49.98 -39.91
N LEU I 83 -14.40 -49.00 -39.70
CA LEU I 83 -13.90 -48.72 -38.36
C LEU I 83 -14.89 -47.84 -37.60
N PRO I 84 -15.36 -48.26 -36.43
CA PRO I 84 -16.26 -47.40 -35.65
C PRO I 84 -15.54 -46.14 -35.18
N GLN I 85 -16.28 -45.26 -34.51
CA GLN I 85 -15.72 -44.00 -34.04
C GLN I 85 -16.12 -43.81 -32.59
N THR I 86 -15.14 -43.46 -31.76
CA THR I 86 -15.42 -43.22 -30.34
C THR I 86 -16.14 -41.90 -30.19
N ILE I 87 -17.47 -41.95 -30.10
CA ILE I 87 -18.24 -40.73 -29.91
C ILE I 87 -18.02 -40.21 -28.50
N ASP I 88 -17.90 -38.88 -28.40
CA ASP I 88 -17.73 -38.21 -27.08
C ASP I 88 -19.09 -38.08 -26.40
N ASN I 89 -19.84 -39.18 -26.31
CA ASN I 89 -21.14 -39.16 -25.58
C ASN I 89 -20.85 -39.26 -24.09
N GLY I 90 -19.59 -39.35 -23.71
CA GLY I 90 -19.25 -39.53 -22.28
C GLY I 90 -19.73 -40.87 -21.76
N LEU I 91 -20.40 -41.65 -22.60
CA LEU I 91 -20.89 -42.98 -22.19
C LEU I 91 -19.76 -44.00 -22.35
N SER I 92 -19.67 -44.98 -21.44
CA SER I 92 -18.65 -46.05 -21.56
C SER I 92 -18.84 -46.77 -22.89
N GLN I 93 -17.75 -46.98 -23.64
CA GLN I 93 -17.85 -47.59 -24.95
C GLN I 93 -16.50 -48.13 -25.37
N LEU I 94 -16.49 -49.37 -25.88
CA LEU I 94 -15.25 -50.10 -26.10
C LEU I 94 -14.39 -49.43 -27.15
N ILE I 95 -13.08 -49.53 -26.98
CA ILE I 95 -12.14 -48.89 -27.90
C ILE I 95 -12.03 -49.73 -29.17
N PRO I 96 -12.20 -49.14 -30.35
CA PRO I 96 -11.99 -49.87 -31.61
C PRO I 96 -10.57 -49.73 -32.13
N MET I 97 -10.05 -50.82 -32.69
CA MET I 97 -8.68 -50.85 -33.17
C MET I 97 -8.44 -52.19 -33.88
N ARG I 98 -7.76 -52.15 -35.03
CA ARG I 98 -7.62 -53.38 -35.86
C ARG I 98 -6.78 -54.46 -35.16
N ASP I 99 -7.35 -55.65 -34.98
CA ASP I 99 -6.64 -56.78 -34.32
C ASP I 99 -5.20 -56.87 -34.84
N ASN I 100 -5.02 -57.02 -36.16
CA ASN I 100 -3.66 -57.18 -36.73
C ASN I 100 -3.11 -55.80 -37.15
N MET I 101 -2.89 -54.91 -36.19
CA MET I 101 -2.34 -53.56 -36.47
C MET I 101 -1.69 -52.98 -35.21
N GLU I 102 -0.46 -52.48 -35.33
CA GLU I 102 0.22 -51.84 -34.17
C GLU I 102 -0.38 -50.46 -33.93
N TYR I 103 -0.61 -50.10 -32.67
CA TYR I 103 -1.15 -48.79 -32.34
C TYR I 103 -0.28 -48.08 -31.32
N LYS I 104 -0.10 -46.78 -31.51
CA LYS I 104 0.77 -45.96 -30.67
C LYS I 104 -0.05 -44.86 -30.01
N LEU I 105 -0.06 -44.85 -28.68
CA LEU I 105 -0.94 -43.98 -27.93
C LEU I 105 -0.36 -42.58 -27.79
N ASP I 106 -1.21 -41.64 -27.36
CA ASP I 106 -0.84 -40.27 -27.02
C ASP I 106 -1.73 -39.86 -25.84
N LEU I 107 -1.20 -40.01 -24.63
CA LEU I 107 -1.92 -39.60 -23.45
C LEU I 107 -1.95 -38.08 -23.35
N ASN I 108 -3.14 -37.51 -23.36
CA ASN I 108 -3.32 -36.06 -23.29
C ASN I 108 -4.35 -35.76 -22.20
N LEU I 109 -3.88 -35.65 -20.96
CA LEU I 109 -4.77 -35.33 -19.86
C LEU I 109 -4.36 -34.01 -19.22
N GLN I 110 -5.35 -33.16 -18.97
CA GLN I 110 -5.17 -31.94 -18.22
C GLN I 110 -6.21 -31.93 -17.11
N LEU I 111 -5.85 -31.38 -15.96
CA LEU I 111 -6.66 -31.54 -14.77
C LEU I 111 -6.41 -30.38 -13.82
N TYR I 112 -7.27 -30.27 -12.82
CA TYR I 112 -7.05 -29.38 -11.69
C TYR I 112 -6.75 -30.23 -10.47
N CYS I 113 -6.21 -29.61 -9.44
CA CYS I 113 -6.00 -30.30 -8.18
C CYS I 113 -6.45 -29.40 -7.03
N GLN I 114 -6.84 -30.03 -5.93
CA GLN I 114 -7.48 -29.29 -4.86
C GLN I 114 -7.46 -30.14 -3.61
N SER I 115 -7.53 -29.49 -2.44
CA SER I 115 -7.45 -30.24 -1.20
C SER I 115 -7.98 -29.40 -0.05
N LYS I 116 -9.01 -29.91 0.65
CA LYS I 116 -9.61 -29.16 1.77
C LYS I 116 -8.55 -28.91 2.85
N THR I 117 -7.73 -29.92 3.15
CA THR I 117 -6.66 -29.78 4.16
C THR I 117 -5.60 -28.78 3.66
N ASP I 118 -5.42 -27.68 4.38
CA ASP I 118 -4.37 -26.69 4.00
C ASP I 118 -3.01 -27.25 4.43
N HIS I 119 -2.44 -28.15 3.63
CA HIS I 119 -1.17 -28.82 4.02
C HIS I 119 -0.06 -28.50 3.01
N LEU I 120 -0.15 -29.07 1.80
CA LEU I 120 0.90 -28.89 0.77
C LEU I 120 0.37 -28.04 -0.39
N ASN I 121 1.24 -27.59 -1.29
CA ASN I 121 0.79 -26.68 -2.38
C ASN I 121 1.26 -27.16 -3.74
N LEU I 122 2.29 -28.00 -3.77
CA LEU I 122 2.81 -28.54 -5.01
C LEU I 122 3.00 -30.04 -4.82
N ASP I 123 2.57 -30.83 -5.81
CA ASP I 123 2.54 -32.27 -5.61
C ASP I 123 2.96 -32.98 -6.90
N ASN I 124 3.04 -34.31 -6.81
CA ASN I 124 3.65 -35.12 -7.86
C ASN I 124 2.66 -36.19 -8.29
N LEU I 125 2.11 -36.03 -9.49
CA LEU I 125 1.13 -36.97 -10.00
C LEU I 125 1.83 -38.16 -10.64
N LEU I 126 1.44 -39.37 -10.26
CA LEU I 126 2.01 -40.59 -10.80
C LEU I 126 1.04 -41.20 -11.80
N ILE I 127 1.53 -41.47 -13.00
CA ILE I 127 0.73 -42.03 -14.08
C ILE I 127 1.26 -43.41 -14.41
N ASP I 128 0.39 -44.41 -14.36
CA ASP I 128 0.74 -45.77 -14.75
C ASP I 128 -0.24 -46.24 -15.81
N VAL I 129 0.27 -46.88 -16.85
CA VAL I 129 -0.55 -47.35 -17.96
C VAL I 129 -0.32 -48.84 -18.09
N TYR I 130 -1.25 -49.64 -17.58
CA TYR I 130 -1.18 -51.08 -17.67
C TYR I 130 -1.91 -51.58 -18.92
N ARG I 131 -1.78 -52.88 -19.18
CA ARG I 131 -2.61 -53.58 -20.15
C ARG I 131 -2.86 -54.98 -19.61
N GLY I 132 -3.68 -55.74 -20.31
CA GLY I 132 -4.11 -57.03 -19.83
C GLY I 132 -4.01 -58.13 -20.86
N PRO I 133 -3.40 -59.26 -20.47
CA PRO I 133 -3.28 -60.43 -21.33
C PRO I 133 -4.53 -61.30 -21.29
N ASP I 147 -2.69 -55.97 -16.35
CA ASP I 147 -1.93 -56.86 -15.48
C ASP I 147 -0.43 -56.67 -15.69
N GLU I 148 -0.05 -56.26 -16.90
CA GLU I 148 1.34 -56.06 -17.26
C GLU I 148 1.58 -54.58 -17.53
N LYS I 149 2.44 -53.95 -16.72
CA LYS I 149 2.72 -52.50 -16.87
C LYS I 149 3.39 -52.23 -18.23
N ILE I 150 3.02 -51.12 -18.85
CA ILE I 150 3.61 -50.77 -20.19
C ILE I 150 4.17 -49.33 -20.15
N PHE I 151 3.81 -48.55 -19.12
CA PHE I 151 4.35 -47.16 -18.99
C PHE I 151 4.18 -46.60 -17.58
N HIS I 152 5.13 -45.77 -17.12
CA HIS I 152 5.00 -45.10 -15.84
C HIS I 152 5.77 -43.79 -15.91
N THR I 153 5.18 -42.74 -15.37
CA THR I 153 5.86 -41.46 -15.32
C THR I 153 5.33 -40.69 -14.13
N SER I 154 5.96 -39.56 -13.88
CA SER I 154 5.50 -38.63 -12.85
C SER I 154 5.56 -37.24 -13.43
N ARG I 155 4.72 -36.35 -12.91
CA ARG I 155 4.71 -35.00 -13.38
C ARG I 155 4.42 -34.13 -12.17
N PRO I 156 5.24 -33.15 -11.89
CA PRO I 156 4.94 -32.25 -10.78
C PRO I 156 3.76 -31.37 -11.09
N ILE I 157 2.64 -31.65 -10.50
CA ILE I 157 1.43 -30.86 -10.72
C ILE I 157 1.32 -29.82 -9.63
N VAL I 158 0.67 -28.73 -9.93
CA VAL I 158 0.42 -27.68 -8.95
C VAL I 158 -1.00 -27.84 -8.46
N CYS I 159 -1.21 -27.57 -7.18
CA CYS I 159 -2.46 -27.90 -6.53
C CYS I 159 -3.02 -26.70 -5.79
N LEU I 160 -4.33 -26.54 -5.84
CA LEU I 160 -4.99 -25.50 -5.08
C LEU I 160 -4.91 -25.80 -3.58
N ALA I 161 -5.09 -24.76 -2.77
CA ALA I 161 -5.06 -24.91 -1.29
C ALA I 161 -5.82 -23.74 -0.66
N LEU I 162 -6.23 -23.85 0.61
CA LEU I 162 -7.04 -22.78 1.24
C LEU I 162 -6.26 -21.46 1.30
N THR I 163 -4.92 -21.51 1.27
CA THR I 163 -4.10 -20.27 1.40
C THR I 163 -3.84 -19.67 0.01
N ASP I 164 -4.84 -19.70 -0.88
CA ASP I 164 -4.65 -19.19 -2.24
C ASP I 164 -5.77 -18.22 -2.55
N SER I 165 -5.40 -17.02 -2.96
CA SER I 165 -6.35 -15.96 -3.23
C SER I 165 -6.07 -15.39 -4.61
N MET I 166 -7.14 -14.94 -5.26
CA MET I 166 -7.08 -14.49 -6.65
C MET I 166 -6.91 -12.98 -6.62
N SER I 167 -5.72 -12.51 -6.98
CA SER I 167 -5.43 -11.10 -6.87
C SER I 167 -6.24 -10.31 -7.89
N PRO I 168 -6.57 -9.05 -7.59
CA PRO I 168 -7.33 -8.24 -8.56
C PRO I 168 -6.64 -8.09 -9.89
N GLN I 169 -5.31 -7.94 -9.87
CA GLN I 169 -4.52 -7.78 -11.12
C GLN I 169 -4.59 -9.08 -11.93
N GLU I 170 -4.59 -10.22 -11.25
CA GLU I 170 -4.73 -11.53 -11.95
C GLU I 170 -6.07 -11.56 -12.69
N ILE I 171 -7.13 -11.02 -12.08
CA ILE I 171 -8.42 -10.98 -12.74
C ILE I 171 -8.40 -9.99 -13.90
N GLU I 172 -7.70 -8.87 -13.73
CA GLU I 172 -7.60 -7.91 -14.84
C GLU I 172 -6.88 -8.52 -16.03
N GLN I 173 -5.75 -9.19 -15.78
CA GLN I 173 -4.89 -9.67 -16.90
C GLN I 173 -5.29 -11.03 -17.46
N LEU I 174 -5.50 -12.05 -16.60
CA LEU I 174 -5.76 -13.43 -17.10
C LEU I 174 -7.22 -13.61 -17.52
N GLY I 175 -7.89 -12.56 -17.98
CA GLY I 175 -9.30 -12.65 -18.39
C GLY I 175 -10.23 -12.43 -17.21
N PRO I 176 -11.34 -11.68 -17.35
CA PRO I 176 -12.22 -11.39 -16.21
C PRO I 176 -12.85 -12.63 -15.61
N SER I 177 -13.11 -13.67 -16.40
CA SER I 177 -13.78 -14.85 -15.89
C SER I 177 -12.81 -15.68 -15.08
N ARG I 178 -13.14 -15.93 -13.81
CA ARG I 178 -12.22 -16.64 -12.93
C ARG I 178 -12.04 -18.08 -13.36
N LEU I 179 -13.02 -18.67 -14.04
CA LEU I 179 -12.79 -19.99 -14.62
C LEU I 179 -11.67 -19.93 -15.64
N ASP I 180 -11.65 -18.88 -16.45
CA ASP I 180 -10.55 -18.70 -17.39
C ASP I 180 -9.25 -18.40 -16.68
N VAL I 181 -9.30 -17.75 -15.51
CA VAL I 181 -8.09 -17.49 -14.76
C VAL I 181 -7.50 -18.80 -14.24
N TYR I 182 -8.34 -19.65 -13.66
CA TYR I 182 -7.88 -20.97 -13.24
C TYR I 182 -7.37 -21.78 -14.42
N ASP I 183 -8.01 -21.65 -15.57
CA ASP I 183 -7.52 -22.34 -16.76
C ASP I 183 -6.12 -21.86 -17.13
N GLU I 184 -5.88 -20.56 -17.04
CA GLU I 184 -4.58 -20.01 -17.43
C GLU I 184 -3.51 -20.31 -16.40
N GLU I 185 -3.89 -20.44 -15.13
CA GLU I 185 -2.93 -20.39 -14.03
C GLU I 185 -2.79 -21.70 -13.28
N TRP I 186 -3.89 -22.35 -12.91
CA TRP I 186 -3.82 -23.56 -12.12
C TRP I 186 -3.98 -24.83 -12.92
N LEU I 187 -4.47 -24.75 -14.15
CA LEU I 187 -4.56 -25.94 -14.98
C LEU I 187 -3.17 -26.43 -15.33
N ASN I 188 -2.97 -27.73 -15.33
CA ASN I 188 -1.66 -28.31 -15.62
C ASN I 188 -1.82 -29.43 -16.64
N THR I 189 -1.52 -29.10 -17.89
CA THR I 189 -1.57 -30.09 -18.97
C THR I 189 -0.45 -31.10 -18.79
N ILE I 190 -0.74 -32.33 -19.22
CA ILE I 190 0.24 -33.41 -19.19
C ILE I 190 0.18 -34.18 -20.50
N ARG I 191 1.11 -33.90 -21.40
CA ARG I 191 1.16 -34.56 -22.70
C ARG I 191 2.18 -35.68 -22.66
N ILE I 192 1.79 -36.85 -23.14
CA ILE I 192 2.70 -37.98 -23.31
C ILE I 192 2.60 -38.42 -24.77
N GLU I 193 3.69 -38.25 -25.51
CA GLU I 193 3.70 -38.50 -26.94
C GLU I 193 4.68 -39.62 -27.27
N ASP I 194 4.21 -40.59 -28.06
CA ASP I 194 5.02 -41.66 -28.62
C ASP I 194 5.63 -42.59 -27.57
N LYS I 195 5.25 -42.45 -26.31
CA LYS I 195 5.87 -43.25 -25.26
C LYS I 195 5.13 -44.55 -24.98
N ILE I 196 3.95 -44.76 -25.55
CA ILE I 196 3.15 -45.95 -25.28
C ILE I 196 2.78 -46.61 -26.58
N SER I 197 2.86 -47.94 -26.62
CA SER I 197 2.47 -48.73 -27.78
C SER I 197 1.60 -49.87 -27.30
N LEU I 198 0.51 -50.13 -28.01
CA LEU I 198 -0.48 -51.11 -27.58
C LEU I 198 -0.90 -51.99 -28.73
N GLU I 199 -1.00 -53.29 -28.44
CA GLU I 199 -1.45 -54.26 -29.48
C GLU I 199 -2.91 -54.62 -29.21
N SER I 200 -3.71 -54.73 -30.28
CA SER I 200 -5.15 -55.08 -30.16
C SER I 200 -5.29 -56.53 -29.73
N SER I 201 -4.25 -57.34 -29.91
CA SER I 201 -4.29 -58.70 -29.40
C SER I 201 -4.42 -58.71 -27.88
N TYR I 202 -4.10 -57.60 -27.24
CA TYR I 202 -4.32 -57.43 -25.81
C TYR I 202 -5.77 -56.99 -25.60
N GLU I 203 -6.10 -56.63 -24.37
CA GLU I 203 -7.41 -56.05 -24.07
C GLU I 203 -7.32 -55.37 -22.71
N THR I 204 -8.32 -54.57 -22.41
CA THR I 204 -8.46 -53.92 -21.11
C THR I 204 -7.23 -53.07 -20.78
N ILE I 205 -6.99 -52.07 -21.62
CA ILE I 205 -6.04 -51.03 -21.25
C ILE I 205 -6.55 -50.33 -19.99
N SER I 206 -5.62 -49.77 -19.22
CA SER I 206 -5.98 -49.08 -18.00
C SER I 206 -4.93 -48.03 -17.68
N VAL I 207 -5.39 -46.86 -17.25
CA VAL I 207 -4.51 -45.75 -16.90
C VAL I 207 -4.79 -45.35 -15.47
N PHE I 208 -3.76 -45.34 -14.64
CA PHE I 208 -3.88 -44.90 -13.25
C PHE I 208 -3.40 -43.47 -13.11
N LEU I 209 -3.98 -42.77 -12.12
CA LEU I 209 -3.57 -41.41 -11.80
C LEU I 209 -3.60 -41.28 -10.28
N LYS I 210 -2.46 -41.47 -9.65
CA LYS I 210 -2.35 -41.42 -8.19
C LYS I 210 -1.43 -40.27 -7.81
N THR I 211 -2.00 -39.23 -7.20
CA THR I 211 -1.17 -38.25 -6.53
C THR I 211 -0.50 -38.90 -5.32
N GLU I 212 0.79 -38.67 -5.16
CA GLU I 212 1.58 -39.49 -4.25
C GLU I 212 1.76 -38.89 -2.86
N ILE I 213 1.96 -37.58 -2.75
CA ILE I 213 2.33 -37.02 -1.45
C ILE I 213 1.15 -37.04 -0.50
N ALA I 214 -0.02 -36.62 -0.97
CA ALA I 214 -1.20 -36.57 -0.11
C ALA I 214 -2.45 -36.77 -0.96
N GLN I 215 -3.54 -37.12 -0.28
CA GLN I 215 -4.82 -37.23 -0.97
C GLN I 215 -5.19 -35.91 -1.60
N ARG I 216 -5.67 -35.97 -2.84
CA ARG I 216 -6.02 -34.76 -3.57
C ARG I 216 -7.32 -35.01 -4.33
N ASN I 217 -8.02 -33.92 -4.62
CA ASN I 217 -9.21 -33.95 -5.45
C ASN I 217 -8.79 -33.62 -6.88
N LEU I 218 -8.85 -34.61 -7.75
CA LEU I 218 -8.44 -34.45 -9.14
C LEU I 218 -9.68 -34.16 -9.98
N ILE I 219 -9.68 -33.02 -10.65
CA ILE I 219 -10.77 -32.59 -11.51
C ILE I 219 -10.26 -32.71 -12.94
N ILE I 220 -10.58 -33.84 -13.59
CA ILE I 220 -10.07 -34.10 -14.93
C ILE I 220 -10.83 -33.24 -15.92
N HIS I 221 -10.09 -32.46 -16.71
CA HIS I 221 -10.71 -31.59 -17.70
C HIS I 221 -11.47 -32.44 -18.71
N PRO I 222 -12.65 -32.01 -19.15
CA PRO I 222 -13.48 -32.89 -19.98
C PRO I 222 -12.86 -33.29 -21.29
N GLU I 223 -12.04 -32.42 -21.89
CA GLU I 223 -11.48 -32.67 -23.21
C GLU I 223 -10.16 -33.40 -23.17
N SER I 224 -9.95 -34.17 -22.10
CA SER I 224 -8.72 -34.97 -21.97
C SER I 224 -8.97 -36.36 -22.53
N GLY I 225 -8.08 -36.84 -23.41
CA GLY I 225 -8.25 -38.16 -23.99
C GLY I 225 -6.97 -38.89 -24.29
N ILE I 226 -7.05 -39.90 -25.16
CA ILE I 226 -5.90 -40.71 -25.54
C ILE I 226 -5.99 -40.96 -27.04
N LYS I 227 -5.11 -40.30 -27.79
CA LYS I 227 -5.13 -40.43 -29.28
C LYS I 227 -4.53 -41.75 -29.72
N PHE I 228 -5.37 -42.72 -30.09
CA PHE I 228 -4.88 -43.99 -30.61
C PHE I 228 -4.49 -43.79 -32.08
N ARG I 229 -3.19 -43.72 -32.33
CA ARG I 229 -2.67 -43.60 -33.68
C ARG I 229 -2.27 -44.96 -34.24
N MET I 230 -2.08 -45.01 -35.55
CA MET I 230 -1.85 -46.26 -36.25
C MET I 230 -0.36 -46.56 -36.43
N ASN I 231 0.52 -45.59 -36.18
CA ASN I 231 1.97 -45.80 -36.12
C ASN I 231 2.50 -46.36 -37.45
N PHE I 232 2.40 -45.52 -38.48
CA PHE I 232 3.00 -45.84 -39.76
C PHE I 232 4.50 -46.09 -39.60
N GLU I 233 5.04 -46.94 -40.47
CA GLU I 233 6.47 -47.21 -40.50
C GLU I 233 7.26 -46.12 -41.20
N GLN I 234 6.67 -44.95 -41.45
CA GLN I 234 7.32 -43.83 -42.11
C GLN I 234 7.30 -42.64 -41.18
N GLY I 235 8.46 -42.02 -40.98
CA GLY I 235 8.58 -40.99 -39.95
C GLY I 235 7.81 -39.73 -40.26
N LEU I 236 7.83 -39.28 -41.51
CA LEU I 236 7.30 -37.95 -41.84
C LEU I 236 5.79 -37.90 -41.67
N ARG I 237 5.07 -38.89 -42.23
CA ARG I 237 3.62 -38.91 -42.07
C ARG I 237 3.21 -39.13 -40.63
N ASN I 238 3.97 -39.94 -39.89
CA ASN I 238 3.68 -40.11 -38.47
C ASN I 238 3.84 -38.80 -37.71
N LEU I 239 4.88 -38.02 -38.03
CA LEU I 239 5.07 -36.73 -37.40
C LEU I 239 3.95 -35.77 -37.78
N MET I 240 3.48 -35.84 -39.03
CA MET I 240 2.36 -35.02 -39.44
C MET I 240 1.11 -35.37 -38.63
N LEU I 241 0.89 -36.66 -38.40
CA LEU I 241 -0.24 -37.08 -37.57
C LEU I 241 -0.07 -36.60 -36.14
N ARG I 242 1.15 -36.63 -35.63
CA ARG I 242 1.42 -36.07 -34.30
C ARG I 242 0.99 -34.61 -34.22
N LYS I 243 1.62 -33.76 -35.02
CA LYS I 243 1.41 -32.32 -34.94
C LYS I 243 0.32 -31.93 -35.93
N ARG I 244 -0.92 -32.27 -35.56
CA ARG I 244 -2.07 -31.99 -36.42
C ARG I 244 -2.24 -30.49 -36.66
N PHE I 245 -2.15 -29.70 -35.59
CA PHE I 245 -2.33 -28.25 -35.74
C PHE I 245 -1.17 -27.62 -36.49
N LEU I 246 0.06 -28.07 -36.22
CA LEU I 246 1.21 -27.55 -36.94
C LEU I 246 1.11 -27.88 -38.42
N SER I 247 0.58 -29.06 -38.75
CA SER I 247 0.32 -29.39 -40.15
C SER I 247 -0.77 -28.48 -40.72
N TYR I 248 -1.83 -28.23 -39.96
CA TYR I 248 -2.86 -27.28 -40.39
C TYR I 248 -2.26 -25.93 -40.74
N ILE I 249 -1.20 -25.54 -40.03
CA ILE I 249 -0.52 -24.29 -40.36
C ILE I 249 0.31 -24.44 -41.62
N ILE I 250 1.27 -25.38 -41.61
CA ILE I 250 2.32 -25.39 -42.63
C ILE I 250 1.76 -25.82 -43.99
N GLY I 251 0.90 -26.83 -44.03
CA GLY I 251 0.37 -27.29 -45.30
C GLY I 251 -0.48 -26.23 -45.98
N ILE I 252 -1.34 -25.56 -45.21
CA ILE I 252 -2.15 -24.47 -45.75
C ILE I 252 -1.26 -23.34 -46.23
N SER I 253 -0.21 -23.01 -45.47
CA SER I 253 0.71 -21.97 -45.90
C SER I 253 1.37 -22.34 -47.23
N ILE I 254 1.82 -23.59 -47.36
CA ILE I 254 2.48 -24.03 -48.58
C ILE I 254 1.53 -23.98 -49.76
N PHE I 255 0.29 -24.46 -49.57
CA PHE I 255 -0.70 -24.41 -50.65
C PHE I 255 -0.95 -22.97 -51.08
N HIS I 256 -1.19 -22.08 -50.12
CA HIS I 256 -1.46 -20.69 -50.44
C HIS I 256 -0.29 -20.07 -51.19
N CYS I 257 0.93 -20.31 -50.71
CA CYS I 257 2.09 -19.68 -51.33
C CYS I 257 2.29 -20.17 -52.75
N ILE I 258 2.23 -21.50 -52.96
CA ILE I 258 2.46 -22.02 -54.31
C ILE I 258 1.38 -21.53 -55.26
N ILE I 259 0.11 -21.54 -54.82
CA ILE I 259 -0.96 -21.13 -55.72
C ILE I 259 -0.83 -19.65 -56.07
N CYS I 260 -0.59 -18.80 -55.07
CA CYS I 260 -0.50 -17.37 -55.32
C CYS I 260 0.72 -17.02 -56.17
N VAL I 261 1.85 -17.69 -55.93
CA VAL I 261 3.04 -17.43 -56.73
C VAL I 261 2.84 -17.89 -58.16
N LEU I 262 2.21 -19.05 -58.36
CA LEU I 262 1.93 -19.52 -59.71
C LEU I 262 1.00 -18.56 -60.45
N PHE I 263 -0.02 -18.04 -59.76
CA PHE I 263 -0.94 -17.12 -60.41
C PHE I 263 -0.29 -15.77 -60.68
N PHE I 264 0.61 -15.31 -59.81
CA PHE I 264 1.29 -14.03 -60.01
C PHE I 264 2.38 -14.15 -61.06
N TYR J 17 1.79 -3.95 -45.23
CA TYR J 17 0.83 -3.10 -44.53
C TYR J 17 -0.57 -3.29 -45.09
N ILE J 18 -0.67 -3.51 -46.40
CA ILE J 18 -1.96 -3.67 -47.04
C ILE J 18 -2.68 -4.91 -46.52
N VAL J 19 -1.98 -6.05 -46.51
CA VAL J 19 -2.60 -7.29 -46.05
C VAL J 19 -2.84 -7.24 -44.55
N VAL J 20 -1.93 -6.64 -43.79
CA VAL J 20 -2.12 -6.52 -42.35
C VAL J 20 -3.35 -5.69 -42.04
N ALA J 21 -3.50 -4.55 -42.70
CA ALA J 21 -4.67 -3.70 -42.49
C ALA J 21 -5.95 -4.39 -42.95
N PHE J 22 -5.87 -5.14 -44.04
CA PHE J 22 -7.08 -5.83 -44.55
C PHE J 22 -7.51 -6.94 -43.59
N LEU J 23 -6.55 -7.65 -43.00
CA LEU J 23 -6.87 -8.67 -42.00
C LEU J 23 -7.42 -8.04 -40.72
N ILE J 24 -6.80 -6.96 -40.26
CA ILE J 24 -7.26 -6.32 -39.03
C ILE J 24 -8.68 -5.78 -39.20
N GLN J 25 -8.93 -5.08 -40.31
CA GLN J 25 -10.26 -4.54 -40.56
C GLN J 25 -11.29 -5.65 -40.76
N LEU J 26 -10.90 -6.75 -41.40
CA LEU J 26 -11.82 -7.89 -41.50
C LEU J 26 -12.16 -8.45 -40.14
N LEU J 27 -11.15 -8.59 -39.27
CA LEU J 27 -11.41 -9.11 -37.93
C LEU J 27 -12.28 -8.16 -37.11
N ILE J 28 -12.20 -6.86 -37.40
CA ILE J 28 -13.03 -5.90 -36.69
C ILE J 28 -14.46 -5.89 -37.25
N ILE J 29 -14.61 -6.08 -38.56
CA ILE J 29 -15.90 -5.91 -39.20
C ILE J 29 -16.74 -7.19 -39.19
N LEU J 30 -16.10 -8.36 -39.20
CA LEU J 30 -16.86 -9.61 -39.16
C LEU J 30 -17.81 -9.73 -37.98
N PRO J 31 -17.46 -9.32 -36.73
CA PRO J 31 -18.39 -9.54 -35.61
C PRO J 31 -19.80 -8.99 -35.83
N LEU J 32 -19.91 -7.69 -36.07
CA LEU J 32 -21.23 -7.06 -36.16
C LEU J 32 -22.00 -7.58 -37.37
N SER J 33 -21.35 -7.64 -38.53
CA SER J 33 -22.03 -8.09 -39.74
C SER J 33 -22.48 -9.53 -39.62
N ILE J 34 -21.62 -10.40 -39.06
CA ILE J 34 -21.97 -11.81 -38.93
C ILE J 34 -23.09 -11.99 -37.92
N LEU J 35 -23.11 -11.18 -36.85
CA LEU J 35 -24.22 -11.27 -35.91
C LEU J 35 -25.53 -10.79 -36.53
N ILE J 36 -25.46 -9.74 -37.33
CA ILE J 36 -26.66 -9.24 -38.01
C ILE J 36 -27.20 -10.29 -38.98
N TYR J 37 -26.31 -10.91 -39.75
CA TYR J 37 -26.74 -11.97 -40.66
C TYR J 37 -27.25 -13.19 -39.89
N HIS J 38 -26.65 -13.49 -38.74
CA HIS J 38 -27.17 -14.59 -37.91
C HIS J 38 -28.58 -14.30 -37.44
N ASP J 39 -28.85 -13.05 -37.02
CA ASP J 39 -30.20 -12.67 -36.65
C ASP J 39 -31.14 -12.77 -37.84
N PHE J 40 -30.66 -12.38 -39.03
CA PHE J 40 -31.48 -12.50 -40.23
C PHE J 40 -31.85 -13.95 -40.50
N TYR J 41 -30.88 -14.86 -40.38
CA TYR J 41 -31.16 -16.28 -40.59
C TYR J 41 -32.04 -16.85 -39.49
N LEU J 42 -31.87 -16.38 -38.25
CA LEU J 42 -32.75 -16.80 -37.17
C LEU J 42 -34.20 -16.39 -37.44
N ARG J 43 -34.37 -15.19 -37.98
CA ARG J 43 -35.75 -14.76 -38.37
C ARG J 43 -36.25 -15.76 -39.41
N LEU J 44 -35.38 -16.18 -40.34
CA LEU J 44 -35.76 -17.23 -41.31
C LEU J 44 -35.84 -18.56 -40.55
N LEU J 45 -35.01 -18.73 -39.51
CA LEU J 45 -34.98 -20.01 -38.76
C LEU J 45 -36.37 -20.24 -38.19
N PRO J 46 -36.99 -21.35 -38.57
CA PRO J 46 -38.38 -21.59 -38.17
C PRO J 46 -38.51 -21.91 -36.69
N ALA J 47 -39.63 -21.48 -36.11
CA ALA J 47 -39.99 -21.93 -34.77
C ALA J 47 -40.44 -23.38 -34.77
N ASP J 48 -40.88 -23.90 -35.93
CA ASP J 48 -41.15 -25.32 -36.06
C ASP J 48 -39.86 -26.13 -36.21
N SER J 49 -38.84 -25.56 -36.84
CA SER J 49 -37.57 -26.25 -37.02
C SER J 49 -36.55 -25.91 -35.94
N SER J 50 -36.92 -25.07 -34.97
CA SER J 50 -36.03 -24.74 -33.87
C SER J 50 -36.87 -24.31 -32.68
N ASN J 51 -36.61 -24.89 -31.52
CA ASN J 51 -37.34 -24.56 -30.30
C ASN J 51 -36.34 -24.41 -29.17
N VAL J 52 -36.68 -23.55 -28.21
CA VAL J 52 -35.82 -23.27 -27.06
C VAL J 52 -36.67 -23.50 -25.82
N VAL J 53 -36.48 -24.66 -25.19
CA VAL J 53 -37.22 -25.02 -23.97
C VAL J 53 -36.44 -24.47 -22.79
N PRO J 54 -36.94 -23.43 -22.11
CA PRO J 54 -36.22 -22.92 -20.95
C PRO J 54 -36.11 -23.99 -19.88
N LEU J 55 -34.94 -24.04 -19.23
CA LEU J 55 -34.69 -25.12 -18.30
C LEU J 55 -35.64 -25.07 -17.11
N ASN J 56 -36.11 -23.87 -16.75
CA ASN J 56 -37.04 -23.75 -15.63
C ASN J 56 -38.44 -24.27 -15.95
N THR J 57 -38.72 -24.63 -17.20
CA THR J 57 -40.00 -25.21 -17.56
C THR J 57 -40.03 -26.72 -17.39
N PHE J 58 -38.94 -27.31 -16.90
CA PHE J 58 -38.94 -28.73 -16.54
C PHE J 58 -39.56 -28.87 -15.15
N ASN J 59 -39.46 -30.05 -14.57
CA ASN J 59 -39.84 -30.27 -13.17
C ASN J 59 -38.58 -30.53 -12.37
N ILE J 60 -38.32 -29.70 -11.39
CA ILE J 60 -37.11 -29.82 -10.59
C ILE J 60 -37.37 -30.78 -9.44
N LEU J 61 -36.37 -31.58 -9.11
CA LEU J 61 -36.46 -32.50 -7.97
C LEU J 61 -35.08 -32.56 -7.33
N ASN J 62 -34.92 -31.87 -6.20
CA ASN J 62 -33.62 -31.81 -5.55
C ASN J 62 -33.32 -33.13 -4.85
N GLY J 63 -32.06 -33.28 -4.44
CA GLY J 63 -31.65 -34.47 -3.75
C GLY J 63 -30.23 -34.33 -3.26
N VAL J 64 -29.68 -35.43 -2.77
CA VAL J 64 -28.31 -35.41 -2.26
C VAL J 64 -27.47 -36.43 -3.01
N GLN J 65 -27.88 -37.70 -3.00
CA GLN J 65 -27.11 -38.72 -3.70
C GLN J 65 -27.16 -38.52 -5.21
N PHE J 66 -28.11 -37.72 -5.69
CA PHE J 66 -28.13 -37.26 -7.07
C PHE J 66 -28.35 -35.76 -7.03
N GLY J 67 -27.70 -35.03 -7.93
CA GLY J 67 -27.82 -33.59 -7.94
C GLY J 67 -29.22 -33.16 -8.31
N THR J 68 -29.37 -31.86 -8.49
CA THR J 68 -30.64 -31.33 -8.97
C THR J 68 -30.95 -31.93 -10.32
N LYS J 69 -32.16 -32.45 -10.48
CA LYS J 69 -32.56 -33.06 -11.73
C LYS J 69 -33.70 -32.26 -12.35
N PHE J 70 -33.61 -32.06 -13.66
CA PHE J 70 -34.67 -31.45 -14.44
C PHE J 70 -35.26 -32.52 -15.34
N PHE J 71 -36.54 -32.78 -15.20
CA PHE J 71 -37.18 -33.80 -16.02
C PHE J 71 -38.52 -33.28 -16.52
N GLN J 72 -38.80 -33.53 -17.79
CA GLN J 72 -40.06 -33.13 -18.37
C GLN J 72 -40.56 -34.24 -19.29
N SER J 73 -41.86 -34.50 -19.24
CA SER J 73 -42.45 -35.46 -20.15
C SER J 73 -42.47 -34.89 -21.56
N ILE J 74 -43.00 -35.67 -22.49
CA ILE J 74 -43.01 -35.28 -23.89
C ILE J 74 -44.37 -35.59 -24.50
N LYS J 75 -44.90 -34.63 -25.27
CA LYS J 75 -46.06 -34.85 -26.11
C LYS J 75 -45.63 -34.85 -27.56
N SER J 76 -46.20 -35.77 -28.34
CA SER J 76 -45.87 -35.90 -29.74
C SER J 76 -47.01 -35.32 -30.59
N ILE J 77 -46.66 -34.46 -31.54
CA ILE J 77 -47.64 -33.78 -32.37
C ILE J 77 -47.72 -34.53 -33.70
N PRO J 78 -48.84 -35.16 -34.02
CA PRO J 78 -48.99 -35.77 -35.35
C PRO J 78 -48.84 -34.73 -36.45
N VAL J 79 -48.28 -35.18 -37.57
CA VAL J 79 -47.99 -34.26 -38.67
C VAL J 79 -49.27 -33.58 -39.14
N GLY J 80 -49.12 -32.36 -39.64
CA GLY J 80 -50.25 -31.58 -40.12
C GLY J 80 -50.58 -30.43 -39.19
N THR J 81 -50.54 -30.68 -37.89
CA THR J 81 -50.73 -29.62 -36.92
C THR J 81 -49.51 -28.71 -36.90
N ASP J 82 -49.75 -27.41 -36.82
CA ASP J 82 -48.65 -26.47 -36.66
C ASP J 82 -47.97 -26.70 -35.31
N LEU J 83 -46.66 -26.76 -35.33
CA LEU J 83 -45.90 -27.09 -34.12
C LEU J 83 -46.03 -25.96 -33.11
N PRO J 84 -46.50 -26.21 -31.90
CA PRO J 84 -46.56 -25.14 -30.90
C PRO J 84 -45.17 -24.68 -30.49
N GLN J 85 -45.11 -23.67 -29.63
CA GLN J 85 -43.86 -23.09 -29.20
C GLN J 85 -43.82 -23.09 -27.69
N THR J 86 -42.70 -23.54 -27.11
CA THR J 86 -42.56 -23.58 -25.67
C THR J 86 -42.47 -22.15 -25.14
N ILE J 87 -43.53 -21.69 -24.47
CA ILE J 87 -43.56 -20.26 -24.03
C ILE J 87 -42.67 -20.07 -22.79
N ASP J 88 -42.23 -18.82 -22.56
CA ASP J 88 -41.40 -18.51 -21.36
C ASP J 88 -42.34 -18.09 -20.22
N ASN J 89 -43.25 -18.97 -19.82
CA ASN J 89 -44.16 -18.67 -18.68
C ASN J 89 -43.53 -19.20 -17.39
N GLY J 90 -42.47 -20.01 -17.51
CA GLY J 90 -41.79 -20.54 -16.32
C GLY J 90 -42.66 -21.57 -15.63
N LEU J 91 -43.79 -21.92 -16.26
CA LEU J 91 -44.71 -22.95 -15.70
C LEU J 91 -44.40 -24.30 -16.35
N SER J 92 -44.39 -25.38 -15.56
CA SER J 92 -44.10 -26.74 -16.07
C SER J 92 -45.03 -27.06 -17.25
N GLN J 93 -44.47 -27.19 -18.45
CA GLN J 93 -45.27 -27.59 -19.59
C GLN J 93 -44.50 -28.57 -20.45
N LEU J 94 -45.23 -29.41 -21.16
CA LEU J 94 -44.64 -30.52 -21.91
C LEU J 94 -43.79 -29.99 -23.07
N ILE J 95 -42.88 -30.83 -23.52
CA ILE J 95 -41.96 -30.49 -24.60
C ILE J 95 -42.56 -30.97 -25.92
N PRO J 96 -42.73 -30.09 -26.90
CA PRO J 96 -43.34 -30.51 -28.16
C PRO J 96 -42.33 -31.02 -29.18
N MET J 97 -42.56 -32.20 -29.74
CA MET J 97 -41.72 -32.70 -30.82
C MET J 97 -42.59 -33.38 -31.87
N ARG J 98 -42.02 -33.57 -33.05
CA ARG J 98 -42.72 -34.19 -34.15
C ARG J 98 -42.95 -35.67 -33.89
N ASP J 99 -43.53 -36.36 -34.88
CA ASP J 99 -43.85 -37.77 -34.71
C ASP J 99 -42.58 -38.61 -34.62
N ASN J 100 -41.78 -38.62 -35.68
CA ASN J 100 -40.58 -39.45 -35.70
C ASN J 100 -39.34 -38.76 -36.24
N MET J 101 -39.46 -37.59 -36.84
CA MET J 101 -38.28 -36.93 -37.40
C MET J 101 -37.42 -36.38 -36.27
N GLU J 102 -36.11 -36.47 -36.45
CA GLU J 102 -35.18 -36.51 -35.32
C GLU J 102 -34.73 -35.12 -34.89
N TYR J 103 -34.67 -34.91 -33.58
CA TYR J 103 -34.21 -33.68 -32.96
C TYR J 103 -32.86 -33.89 -32.30
N LYS J 104 -32.05 -32.83 -32.28
CA LYS J 104 -30.68 -32.89 -31.78
C LYS J 104 -30.50 -31.77 -30.78
N LEU J 105 -30.33 -32.13 -29.51
CA LEU J 105 -30.42 -31.19 -28.41
C LEU J 105 -29.20 -30.27 -28.37
N ASP J 106 -29.39 -29.10 -27.77
CA ASP J 106 -28.31 -28.15 -27.52
C ASP J 106 -28.47 -27.63 -26.09
N LEU J 107 -27.85 -28.31 -25.14
CA LEU J 107 -27.86 -27.84 -23.77
C LEU J 107 -26.99 -26.60 -23.65
N ASN J 108 -27.59 -25.48 -23.26
CA ASN J 108 -26.84 -24.26 -22.96
C ASN J 108 -27.27 -23.70 -21.61
N LEU J 109 -26.70 -24.25 -20.54
CA LEU J 109 -26.99 -23.80 -19.19
C LEU J 109 -25.81 -23.00 -18.66
N GLN J 110 -26.12 -22.02 -17.82
CA GLN J 110 -25.10 -21.19 -17.21
C GLN J 110 -25.56 -20.81 -15.82
N LEU J 111 -24.67 -20.95 -14.83
CA LEU J 111 -25.10 -20.97 -13.45
C LEU J 111 -24.00 -20.48 -12.52
N TYR J 112 -24.40 -19.83 -11.44
CA TYR J 112 -23.49 -19.53 -10.35
C TYR J 112 -23.39 -20.71 -9.40
N CYS J 113 -22.34 -20.73 -8.60
CA CYS J 113 -22.17 -21.77 -7.60
C CYS J 113 -21.68 -21.13 -6.31
N GLN J 114 -22.13 -21.67 -5.18
CA GLN J 114 -22.03 -20.94 -3.93
C GLN J 114 -22.29 -21.89 -2.77
N SER J 115 -21.52 -21.75 -1.70
CA SER J 115 -21.66 -22.62 -0.55
C SER J 115 -21.02 -21.97 0.66
N LYS J 116 -21.36 -22.48 1.85
CA LYS J 116 -20.70 -22.04 3.08
C LYS J 116 -19.64 -23.02 3.55
N THR J 117 -19.52 -24.17 2.89
CA THR J 117 -18.54 -25.17 3.32
C THR J 117 -17.12 -24.64 3.19
N ASP J 118 -16.93 -23.55 2.45
CA ASP J 118 -15.62 -22.92 2.27
C ASP J 118 -14.69 -23.96 1.63
N HIS J 119 -15.32 -24.79 0.79
CA HIS J 119 -14.49 -25.66 -0.06
C HIS J 119 -13.93 -24.64 -1.04
N LEU J 120 -12.75 -24.87 -1.58
CA LEU J 120 -12.08 -23.84 -2.35
C LEU J 120 -12.82 -23.62 -3.68
N ASN J 121 -12.52 -22.51 -4.37
CA ASN J 121 -13.33 -21.98 -5.45
C ASN J 121 -13.14 -22.79 -6.71
N LEU J 122 -13.39 -24.10 -6.63
CA LEU J 122 -13.24 -24.95 -7.80
C LEU J 122 -13.97 -26.24 -7.53
N ASP J 123 -14.65 -26.75 -8.56
CA ASP J 123 -15.46 -27.93 -8.38
C ASP J 123 -15.78 -28.51 -9.75
N ASN J 124 -16.41 -29.68 -9.75
CA ASN J 124 -16.68 -30.44 -10.96
C ASN J 124 -18.18 -30.67 -11.03
N LEU J 125 -18.80 -30.23 -12.11
CA LEU J 125 -20.25 -30.34 -12.29
C LEU J 125 -20.54 -31.51 -13.21
N LEU J 126 -21.16 -32.55 -12.66
CA LEU J 126 -21.51 -33.74 -13.42
C LEU J 126 -22.87 -33.54 -14.08
N ILE J 127 -22.92 -33.74 -15.39
CA ILE J 127 -24.14 -33.55 -16.17
C ILE J 127 -24.51 -34.90 -16.80
N ASP J 128 -25.75 -35.33 -16.57
CA ASP J 128 -26.25 -36.58 -17.10
C ASP J 128 -27.59 -36.33 -17.77
N VAL J 129 -27.67 -36.60 -19.07
CA VAL J 129 -28.88 -36.40 -19.83
C VAL J 129 -29.48 -37.78 -20.10
N TYR J 130 -30.51 -38.13 -19.34
CA TYR J 130 -31.16 -39.43 -19.50
C TYR J 130 -32.26 -39.33 -20.56
N ARG J 131 -32.98 -40.44 -20.72
CA ARG J 131 -34.19 -40.47 -21.53
C ARG J 131 -35.00 -41.68 -21.11
N GLY J 132 -36.28 -41.67 -21.46
CA GLY J 132 -37.20 -42.69 -21.00
C GLY J 132 -37.49 -43.73 -22.06
N PRO J 133 -37.92 -44.93 -21.62
CA PRO J 133 -38.16 -46.07 -22.50
C PRO J 133 -39.25 -45.82 -23.55
N ASP J 147 -34.59 -43.80 -17.52
CA ASP J 147 -34.17 -45.18 -17.26
C ASP J 147 -33.17 -45.63 -18.32
N GLU J 148 -32.48 -44.67 -18.92
CA GLU J 148 -31.46 -44.94 -19.92
C GLU J 148 -30.66 -43.68 -20.15
N LYS J 149 -29.34 -43.82 -20.23
CA LYS J 149 -28.46 -42.62 -20.33
C LYS J 149 -28.11 -42.35 -21.78
N ILE J 150 -28.04 -41.08 -22.17
CA ILE J 150 -27.70 -40.70 -23.58
C ILE J 150 -26.40 -39.90 -23.57
N PHE J 151 -26.24 -38.97 -22.62
CA PHE J 151 -25.04 -38.09 -22.62
C PHE J 151 -24.54 -37.86 -21.20
N HIS J 152 -23.21 -37.76 -21.04
CA HIS J 152 -22.61 -37.46 -19.76
C HIS J 152 -21.34 -36.68 -19.99
N THR J 153 -21.14 -35.63 -19.21
CA THR J 153 -19.92 -34.85 -19.25
C THR J 153 -19.76 -34.16 -17.92
N SER J 154 -18.55 -33.69 -17.66
CA SER J 154 -18.26 -32.91 -16.47
C SER J 154 -17.53 -31.66 -16.90
N ARG J 155 -17.84 -30.55 -16.24
CA ARG J 155 -17.23 -29.27 -16.58
C ARG J 155 -16.69 -28.64 -15.30
N PRO J 156 -15.42 -28.28 -15.23
CA PRO J 156 -14.93 -27.57 -14.04
C PRO J 156 -15.62 -26.23 -13.92
N ILE J 157 -16.25 -26.01 -12.77
CA ILE J 157 -16.93 -24.76 -12.49
C ILE J 157 -16.27 -24.10 -11.29
N VAL J 158 -16.45 -22.80 -11.19
CA VAL J 158 -15.93 -22.03 -10.07
C VAL J 158 -17.09 -21.68 -9.14
N CYS J 159 -16.83 -21.69 -7.85
CA CYS J 159 -17.87 -21.55 -6.85
C CYS J 159 -17.50 -20.45 -5.87
N LEU J 160 -18.49 -19.66 -5.48
CA LEU J 160 -18.26 -18.64 -4.48
C LEU J 160 -17.88 -19.28 -3.15
N ALA J 161 -17.21 -18.51 -2.31
CA ALA J 161 -16.82 -18.98 -0.99
C ALA J 161 -16.72 -17.79 -0.06
N LEU J 162 -16.62 -18.08 1.24
CA LEU J 162 -16.59 -17.02 2.24
C LEU J 162 -15.39 -16.10 2.03
N THR J 163 -14.23 -16.68 1.74
CA THR J 163 -13.02 -15.89 1.59
C THR J 163 -12.89 -15.30 0.19
N ASP J 164 -13.94 -14.63 -0.27
CA ASP J 164 -13.96 -14.02 -1.60
C ASP J 164 -14.66 -12.68 -1.54
N SER J 165 -13.95 -11.62 -1.89
CA SER J 165 -14.50 -10.29 -1.95
C SER J 165 -14.04 -9.60 -3.22
N MET J 166 -14.84 -8.65 -3.69
CA MET J 166 -14.48 -7.88 -4.87
C MET J 166 -13.60 -6.71 -4.50
N SER J 167 -12.50 -6.56 -5.23
CA SER J 167 -11.65 -5.40 -5.05
C SER J 167 -12.35 -4.16 -5.56
N PRO J 168 -11.96 -2.99 -5.07
CA PRO J 168 -12.42 -1.75 -5.71
C PRO J 168 -12.03 -1.69 -7.17
N GLN J 169 -10.90 -2.29 -7.54
CA GLN J 169 -10.47 -2.29 -8.92
C GLN J 169 -11.45 -3.04 -9.81
N GLU J 170 -11.97 -4.17 -9.33
CA GLU J 170 -12.88 -4.97 -10.13
C GLU J 170 -14.15 -4.19 -10.45
N ILE J 171 -14.67 -3.45 -9.48
CA ILE J 171 -15.90 -2.69 -9.69
C ILE J 171 -15.67 -1.57 -10.70
N GLU J 172 -14.44 -1.04 -10.72
CA GLU J 172 -14.14 0.11 -11.63
C GLU J 172 -14.04 -0.38 -13.09
N GLN J 173 -13.65 -1.64 -13.33
CA GLN J 173 -13.47 -2.14 -14.68
C GLN J 173 -14.66 -2.97 -15.16
N LEU J 174 -15.24 -3.77 -14.28
CA LEU J 174 -16.22 -4.78 -14.66
C LEU J 174 -17.64 -4.29 -14.43
N GLY J 175 -17.89 -3.00 -14.62
CA GLY J 175 -19.21 -2.45 -14.42
C GLY J 175 -19.44 -2.15 -12.96
N PRO J 176 -20.15 -1.06 -12.67
CA PRO J 176 -20.38 -0.71 -11.27
C PRO J 176 -21.39 -1.59 -10.59
N SER J 177 -22.26 -2.26 -11.33
CA SER J 177 -23.29 -3.11 -10.74
C SER J 177 -22.68 -4.44 -10.35
N ARG J 178 -22.67 -4.74 -9.05
CA ARG J 178 -22.03 -5.97 -8.59
C ARG J 178 -22.67 -7.21 -9.19
N LEU J 179 -23.93 -7.13 -9.61
CA LEU J 179 -24.50 -8.24 -10.35
C LEU J 179 -23.78 -8.44 -11.67
N ASP J 180 -23.39 -7.36 -12.33
CA ASP J 180 -22.63 -7.47 -13.56
C ASP J 180 -21.24 -8.03 -13.31
N VAL J 181 -20.61 -7.66 -12.19
CA VAL J 181 -19.29 -8.21 -11.88
C VAL J 181 -19.38 -9.70 -11.61
N TYR J 182 -20.35 -10.11 -10.80
CA TYR J 182 -20.57 -11.54 -10.61
C TYR J 182 -20.90 -12.26 -11.91
N ASP J 183 -21.38 -11.52 -12.91
CA ASP J 183 -21.74 -12.12 -14.19
C ASP J 183 -20.51 -12.29 -15.07
N GLU J 184 -19.73 -11.23 -15.24
CA GLU J 184 -18.54 -11.31 -16.06
C GLU J 184 -17.48 -12.20 -15.46
N GLU J 185 -17.57 -12.51 -14.18
CA GLU J 185 -16.46 -13.09 -13.44
C GLU J 185 -16.76 -14.43 -12.79
N TRP J 186 -17.97 -14.63 -12.29
CA TRP J 186 -18.31 -15.84 -11.55
C TRP J 186 -19.33 -16.71 -12.26
N LEU J 187 -19.69 -16.40 -13.50
CA LEU J 187 -20.73 -17.15 -14.20
C LEU J 187 -20.10 -18.31 -14.95
N ASN J 188 -20.70 -19.50 -14.81
CA ASN J 188 -20.19 -20.72 -15.42
C ASN J 188 -21.02 -21.01 -16.66
N THR J 189 -20.64 -20.41 -17.78
CA THR J 189 -21.32 -20.71 -19.03
C THR J 189 -20.94 -22.11 -19.49
N ILE J 190 -21.92 -22.99 -19.60
CA ILE J 190 -21.69 -24.37 -20.00
C ILE J 190 -22.54 -24.62 -21.25
N ARG J 191 -21.89 -24.68 -22.39
CA ARG J 191 -22.57 -24.86 -23.66
C ARG J 191 -22.23 -26.23 -24.22
N ILE J 192 -23.21 -27.11 -24.30
CA ILE J 192 -23.06 -28.44 -24.84
C ILE J 192 -23.87 -28.49 -26.12
N GLU J 193 -23.22 -28.31 -27.25
CA GLU J 193 -23.89 -28.16 -28.52
C GLU J 193 -23.57 -29.32 -29.45
N ASP J 194 -24.58 -29.77 -30.18
CA ASP J 194 -24.45 -30.81 -31.20
C ASP J 194 -23.82 -32.07 -30.63
N LYS J 195 -24.38 -32.54 -29.51
CA LYS J 195 -23.87 -33.74 -28.87
C LYS J 195 -24.94 -34.72 -28.43
N ILE J 196 -26.21 -34.31 -28.37
CA ILE J 196 -27.28 -35.16 -27.86
C ILE J 196 -28.34 -35.29 -28.94
N SER J 197 -28.85 -36.50 -29.11
CA SER J 197 -29.94 -36.76 -30.05
C SER J 197 -31.05 -37.49 -29.32
N LEU J 198 -32.28 -37.00 -29.49
CA LEU J 198 -33.41 -37.58 -28.73
C LEU J 198 -34.54 -38.01 -29.66
N GLU J 199 -34.77 -39.32 -29.80
CA GLU J 199 -35.89 -39.85 -30.55
C GLU J 199 -37.19 -39.29 -29.99
N SER J 200 -38.08 -38.87 -30.89
CA SER J 200 -39.40 -38.43 -30.46
C SER J 200 -40.19 -39.58 -29.84
N SER J 201 -39.91 -40.81 -30.26
CA SER J 201 -40.64 -41.96 -29.72
C SER J 201 -40.37 -42.13 -28.23
N TYR J 202 -39.12 -41.96 -27.82
CA TYR J 202 -38.80 -41.93 -26.40
C TYR J 202 -39.42 -40.69 -25.75
N GLU J 203 -39.75 -40.81 -24.46
CA GLU J 203 -40.39 -39.69 -23.75
C GLU J 203 -39.64 -39.41 -22.44
N THR J 204 -40.20 -38.57 -21.57
CA THR J 204 -39.61 -38.28 -20.23
C THR J 204 -38.09 -38.04 -20.31
N ILE J 205 -37.67 -37.00 -21.04
CA ILE J 205 -36.22 -36.61 -21.06
C ILE J 205 -35.85 -36.03 -19.70
N SER J 206 -34.64 -36.27 -19.23
CA SER J 206 -34.21 -35.81 -17.91
C SER J 206 -32.77 -35.31 -18.00
N VAL J 207 -32.45 -34.33 -17.16
CA VAL J 207 -31.11 -33.75 -17.08
C VAL J 207 -30.72 -33.69 -15.61
N PHE J 208 -29.51 -34.10 -15.30
CA PHE J 208 -29.01 -34.12 -13.93
C PHE J 208 -27.83 -33.17 -13.80
N LEU J 209 -27.80 -32.42 -12.71
CA LEU J 209 -26.73 -31.47 -12.42
C LEU J 209 -26.24 -31.76 -11.00
N LYS J 210 -25.22 -32.60 -10.89
CA LYS J 210 -24.62 -32.91 -9.61
C LYS J 210 -23.25 -32.26 -9.52
N THR J 211 -22.86 -31.93 -8.30
CA THR J 211 -21.52 -31.43 -8.01
C THR J 211 -20.71 -32.54 -7.34
N GLU J 212 -19.51 -32.79 -7.86
CA GLU J 212 -18.80 -34.01 -7.49
C GLU J 212 -18.07 -33.89 -6.16
N ILE J 213 -17.45 -32.74 -5.89
CA ILE J 213 -16.55 -32.66 -4.74
C ILE J 213 -17.33 -32.39 -3.45
N ALA J 214 -18.18 -31.37 -3.45
CA ALA J 214 -18.88 -31.00 -2.22
C ALA J 214 -20.29 -30.53 -2.56
N GLN J 215 -21.13 -30.47 -1.53
CA GLN J 215 -22.50 -30.02 -1.70
C GLN J 215 -22.52 -28.51 -1.88
N ARG J 216 -22.96 -28.06 -3.04
CA ARG J 216 -23.05 -26.64 -3.35
C ARG J 216 -24.49 -26.23 -3.57
N ASN J 217 -24.69 -24.93 -3.69
CA ASN J 217 -25.96 -24.36 -4.12
C ASN J 217 -25.78 -23.86 -5.54
N LEU J 218 -26.53 -24.43 -6.48
CA LEU J 218 -26.49 -24.00 -7.86
C LEU J 218 -27.60 -22.99 -8.11
N ILE J 219 -27.26 -21.90 -8.79
CA ILE J 219 -28.21 -20.87 -9.13
C ILE J 219 -28.29 -20.85 -10.65
N ILE J 220 -29.33 -21.42 -11.20
CA ILE J 220 -29.44 -21.57 -12.64
C ILE J 220 -29.94 -20.25 -13.23
N HIS J 221 -29.15 -19.67 -14.13
CA HIS J 221 -29.53 -18.41 -14.74
C HIS J 221 -30.83 -18.61 -15.52
N PRO J 222 -31.78 -17.68 -15.42
CA PRO J 222 -33.12 -17.96 -15.95
C PRO J 222 -33.16 -18.19 -17.45
N GLU J 223 -32.18 -17.73 -18.20
CA GLU J 223 -32.18 -17.87 -19.64
C GLU J 223 -31.54 -19.17 -20.11
N SER J 224 -31.14 -20.00 -19.15
CA SER J 224 -30.56 -21.33 -19.50
C SER J 224 -31.68 -22.22 -20.03
N GLY J 225 -31.39 -23.04 -21.03
CA GLY J 225 -32.38 -23.93 -21.58
C GLY J 225 -31.75 -25.01 -22.43
N ILE J 226 -32.59 -25.68 -23.21
CA ILE J 226 -32.18 -26.78 -24.08
C ILE J 226 -32.80 -26.54 -25.44
N LYS J 227 -32.00 -26.11 -26.41
CA LYS J 227 -32.50 -25.98 -27.76
C LYS J 227 -32.86 -27.34 -28.34
N PHE J 228 -33.77 -27.34 -29.31
CA PHE J 228 -34.17 -28.55 -30.02
C PHE J 228 -34.01 -28.26 -31.51
N ARG J 229 -32.81 -28.42 -32.03
CA ARG J 229 -32.63 -28.27 -33.46
C ARG J 229 -33.14 -29.52 -34.17
N MET J 230 -33.46 -29.36 -35.44
CA MET J 230 -33.94 -30.46 -36.26
C MET J 230 -32.75 -31.17 -36.88
N ASN J 231 -32.65 -32.47 -36.65
CA ASN J 231 -31.55 -33.27 -37.19
C ASN J 231 -31.99 -33.79 -38.56
N PHE J 232 -32.12 -32.88 -39.51
CA PHE J 232 -32.59 -33.22 -40.85
C PHE J 232 -31.42 -33.71 -41.70
N GLU J 233 -31.75 -34.10 -42.94
CA GLU J 233 -30.78 -34.74 -43.82
C GLU J 233 -29.57 -33.84 -44.05
N GLN J 234 -28.39 -34.39 -43.77
CA GLN J 234 -27.15 -33.61 -43.90
C GLN J 234 -26.91 -33.17 -45.34
N GLY J 235 -27.42 -33.92 -46.32
CA GLY J 235 -27.25 -33.55 -47.71
C GLY J 235 -27.79 -32.17 -47.98
N LEU J 236 -28.96 -31.87 -47.40
CA LEU J 236 -29.49 -30.51 -47.39
C LEU J 236 -28.69 -29.60 -46.47
N ARG J 237 -28.33 -30.09 -45.28
CA ARG J 237 -27.57 -29.27 -44.32
C ARG J 237 -26.19 -28.93 -44.84
N ASN J 238 -25.52 -29.90 -45.47
CA ASN J 238 -24.23 -29.61 -46.09
C ASN J 238 -24.37 -28.55 -47.18
N LEU J 239 -25.35 -28.71 -48.06
CA LEU J 239 -25.59 -27.68 -49.07
C LEU J 239 -26.05 -26.38 -48.42
N MET J 240 -26.89 -26.47 -47.38
CA MET J 240 -27.24 -25.27 -46.63
C MET J 240 -26.00 -24.65 -46.00
N LEU J 241 -25.11 -25.48 -45.47
CA LEU J 241 -23.80 -24.96 -45.04
C LEU J 241 -23.04 -24.36 -46.22
N ARG J 242 -23.08 -25.04 -47.37
CA ARG J 242 -22.47 -24.48 -48.58
C ARG J 242 -23.24 -23.28 -49.09
N LYS J 243 -24.51 -23.12 -48.72
CA LYS J 243 -25.24 -21.89 -48.99
C LYS J 243 -25.02 -20.85 -47.89
N ARG J 244 -24.94 -21.31 -46.65
CA ARG J 244 -24.68 -20.37 -45.54
C ARG J 244 -23.29 -19.77 -45.70
N PHE J 245 -22.26 -20.62 -45.74
CA PHE J 245 -20.86 -20.15 -45.89
C PHE J 245 -20.79 -19.16 -47.06
N LEU J 246 -21.29 -19.54 -48.24
CA LEU J 246 -21.14 -18.67 -49.40
C LEU J 246 -21.78 -17.31 -49.15
N SER J 247 -22.99 -17.30 -48.59
CA SER J 247 -23.68 -16.03 -48.35
C SER J 247 -22.93 -15.18 -47.33
N TYR J 248 -22.48 -15.79 -46.24
CA TYR J 248 -21.74 -15.05 -45.22
C TYR J 248 -20.46 -14.47 -45.80
N ILE J 249 -19.69 -15.30 -46.51
CA ILE J 249 -18.44 -14.84 -47.11
C ILE J 249 -18.70 -13.71 -48.10
N ILE J 250 -19.71 -13.88 -48.96
CA ILE J 250 -19.99 -12.88 -49.98
C ILE J 250 -20.37 -11.55 -49.35
N GLY J 251 -21.31 -11.57 -48.40
CA GLY J 251 -21.74 -10.33 -47.80
C GLY J 251 -20.64 -9.64 -47.02
N ILE J 252 -19.92 -10.40 -46.19
CA ILE J 252 -18.86 -9.80 -45.38
C ILE J 252 -17.76 -9.26 -46.29
N SER J 253 -17.40 -10.01 -47.33
CA SER J 253 -16.35 -9.55 -48.25
C SER J 253 -16.79 -8.29 -48.97
N ILE J 254 -18.04 -8.24 -49.44
CA ILE J 254 -18.49 -7.05 -50.17
C ILE J 254 -18.45 -5.83 -49.27
N PHE J 255 -19.06 -5.93 -48.08
CA PHE J 255 -19.11 -4.77 -47.20
C PHE J 255 -17.71 -4.34 -46.76
N HIS J 256 -16.89 -5.31 -46.34
CA HIS J 256 -15.56 -5.01 -45.86
C HIS J 256 -14.71 -4.40 -46.96
N CYS J 257 -14.73 -4.99 -48.16
CA CYS J 257 -13.91 -4.48 -49.25
C CYS J 257 -14.33 -3.07 -49.64
N ILE J 258 -15.64 -2.82 -49.76
CA ILE J 258 -16.10 -1.48 -50.12
C ILE J 258 -15.67 -0.47 -49.07
N ILE J 259 -15.94 -0.78 -47.79
CA ILE J 259 -15.64 0.20 -46.74
C ILE J 259 -14.14 0.40 -46.59
N CYS J 260 -13.34 -0.65 -46.78
CA CYS J 260 -11.90 -0.52 -46.67
C CYS J 260 -11.32 0.31 -47.81
N VAL J 261 -11.77 0.05 -49.03
CA VAL J 261 -11.29 0.83 -50.17
C VAL J 261 -11.68 2.29 -50.01
N LEU J 262 -12.88 2.54 -49.48
CA LEU J 262 -13.28 3.93 -49.24
C LEU J 262 -12.45 4.57 -48.14
N PHE J 263 -12.09 3.79 -47.11
CA PHE J 263 -11.33 4.33 -45.99
C PHE J 263 -9.84 4.45 -46.27
N PHE J 264 -9.33 3.81 -47.32
CA PHE J 264 -7.90 3.88 -47.62
C PHE J 264 -7.54 5.23 -48.20
#